data_1JXA
#
_entry.id   1JXA
#
_cell.length_a   131.400
_cell.length_b   112.400
_cell.length_c   185.100
_cell.angle_alpha   90.00
_cell.angle_beta   96.40
_cell.angle_gamma   90.00
#
_symmetry.space_group_name_H-M   'C 1 2 1'
#
loop_
_entity.id
_entity.type
_entity.pdbx_description
1 polymer 'glucosamine 6-phosphate synthase'
2 non-polymer GLUCOSE-6-PHOSPHATE
3 water water
#
_entity_poly.entity_id   1
_entity_poly.type   'polypeptide(L)'
_entity_poly.pdbx_seq_one_letter_code
;CGIVGAIAQRDVAEILLEGLRRLEYRGYDSAGLAVVDAEGHMTRLRRLGKVQMLAQAAEEHPLHGGTGIAHTRWATHGEP
SEVNAHPHVSEHIVVVHNGIIENHEPLREELKARGYTFVSETDTEVIAHLVNWELKQGGTLREAVLRAIPQLRGAYGTVI
MDSRHPDTLLAARSGSPLVIGLGMGENFIASDQLALLPVTRRFIFLEEGDIAEITRRSVNIFDKTGAEVKRQDIESNLQY
DAGDKGIYRHYMQKEIYEQPNAIKNTLTGRISHGQVDLSELGPNADELLSKVEHIQILACGTSYNSGMVSRYWFESLAGI
PCDVEIASEFRYRKSAVRRNSLMITLSQSGETADTLAGLRLSKELGYLGSLAICNVPGSSLVRESDLALMTNAGTEIGVA
STKAFTTQLTVLLMLVAKLSKLKGLDASIEHDIVHGLQALPSRIEQMLSQDKRIEALAEDFSDKHHALFLGRGDQYPIAL
EGALKLKEISYIHAEAYAAGELKHGPLALIDADMPVIVVAPNNELLEKLKSNIEEVRARGGQLYVFADQDAGFVSSDNMH
IIEMPHVEEVIAPIFYTVPLQLLAYHVALIKGTDVDQPRNLAKSVTVE
;
_entity_poly.pdbx_strand_id   A,B,C
#
# COMPACT_ATOMS: atom_id res chain seq x y z
N CYS A 1 21.48 33.71 37.37
CA CYS A 1 20.37 32.69 37.34
C CYS A 1 18.98 33.26 37.58
N GLY A 2 18.17 32.52 38.33
CA GLY A 2 16.81 32.92 38.65
C GLY A 2 16.56 33.42 40.05
N ILE A 3 16.09 34.66 40.20
CA ILE A 3 15.79 35.23 41.53
C ILE A 3 14.50 36.05 41.61
N VAL A 4 13.59 35.57 42.45
CA VAL A 4 12.27 36.18 42.52
C VAL A 4 11.96 36.80 43.88
N GLY A 5 11.05 37.76 43.88
CA GLY A 5 10.72 38.48 45.10
C GLY A 5 9.34 39.10 45.16
N ALA A 6 8.56 38.61 46.11
CA ALA A 6 7.23 39.10 46.38
C ALA A 6 7.27 40.00 47.59
N ILE A 7 6.19 40.75 47.80
CA ILE A 7 5.96 41.56 48.98
C ILE A 7 4.54 42.11 48.84
N ALA A 8 3.54 41.25 48.95
CA ALA A 8 2.15 41.69 48.78
C ALA A 8 1.42 41.52 50.10
N GLN A 9 0.10 41.36 50.01
CA GLN A 9 -0.74 41.27 51.18
C GLN A 9 -1.25 39.84 51.20
N ARG A 10 -1.56 39.28 50.03
CA ARG A 10 -1.80 37.83 49.99
C ARG A 10 -0.58 37.08 50.36
N ASP A 11 -0.77 35.78 50.37
CA ASP A 11 0.32 34.87 50.53
C ASP A 11 1.13 34.95 49.26
N VAL A 12 2.44 35.04 49.39
CA VAL A 12 3.33 35.14 48.24
C VAL A 12 4.12 33.89 47.79
N ALA A 13 4.05 32.78 48.52
CA ALA A 13 4.69 31.54 48.10
C ALA A 13 4.25 30.98 46.72
N GLU A 14 3.01 30.54 46.54
CA GLU A 14 2.68 29.86 45.28
C GLU A 14 2.98 30.78 44.10
N ILE A 15 3.53 31.97 44.37
CA ILE A 15 3.96 32.84 43.29
C ILE A 15 5.46 32.65 43.31
N LEU A 16 6.13 33.10 44.36
CA LEU A 16 7.54 32.77 44.48
C LEU A 16 7.79 31.39 43.76
N LEU A 17 7.19 30.26 44.19
CA LEU A 17 7.45 28.99 43.47
C LEU A 17 7.14 29.05 41.99
N GLU A 18 6.19 29.88 41.58
CA GLU A 18 5.99 30.03 40.16
C GLU A 18 7.16 30.80 39.50
N GLY A 19 7.49 31.95 40.06
CA GLY A 19 8.57 32.74 39.50
C GLY A 19 9.70 31.78 39.19
N LEU A 20 10.08 30.97 40.18
CA LEU A 20 11.14 29.99 40.02
C LEU A 20 10.87 29.10 38.84
N ARG A 21 9.85 28.29 38.93
CA ARG A 21 9.54 27.50 37.75
C ARG A 21 9.83 28.25 36.44
N ARG A 22 9.57 29.56 36.39
CA ARG A 22 9.72 30.25 35.11
C ARG A 22 11.09 30.90 35.10
N LEU A 23 11.95 30.41 35.97
CA LEU A 23 13.36 30.70 35.80
C LEU A 23 14.11 29.42 36.09
N GLU A 24 13.50 28.28 35.83
CA GLU A 24 14.22 27.05 36.11
C GLU A 24 15.31 26.84 35.03
N TYR A 25 15.12 27.47 33.87
CA TYR A 25 16.02 27.29 32.75
C TYR A 25 17.29 28.01 33.12
N ARG A 26 17.16 29.18 33.70
CA ARG A 26 18.37 29.93 33.97
C ARG A 26 19.22 29.24 35.04
N GLY A 27 18.85 28.01 35.43
CA GLY A 27 19.43 27.40 36.61
C GLY A 27 18.57 26.25 37.12
N TYR A 28 19.11 25.04 37.33
CA TYR A 28 18.20 23.94 37.77
C TYR A 28 18.77 22.87 38.65
N ASP A 29 19.67 23.27 39.54
CA ASP A 29 20.29 22.38 40.49
C ASP A 29 19.63 22.45 41.86
N SER A 30 19.74 23.62 42.45
CA SER A 30 19.15 23.90 43.73
C SER A 30 18.08 25.00 43.66
N ALA A 31 17.17 25.01 44.63
CA ALA A 31 16.14 26.06 44.72
C ALA A 31 15.78 26.42 46.14
N GLY A 32 14.81 27.33 46.27
CA GLY A 32 14.20 27.58 47.57
C GLY A 32 13.72 28.98 47.86
N LEU A 33 12.53 29.08 48.44
CA LEU A 33 12.00 30.39 48.84
C LEU A 33 12.21 30.71 50.31
N ALA A 34 11.93 31.96 50.67
CA ALA A 34 11.80 32.32 52.08
C ALA A 34 10.65 33.27 52.22
N VAL A 35 9.55 32.84 52.82
CA VAL A 35 8.54 33.82 53.17
C VAL A 35 8.46 34.07 54.67
N VAL A 36 7.69 35.08 55.08
CA VAL A 36 7.35 35.26 56.50
C VAL A 36 5.89 35.71 56.70
N ASP A 37 5.25 35.22 57.74
CA ASP A 37 3.85 35.62 57.96
C ASP A 37 3.89 36.93 58.73
N ALA A 38 2.70 37.47 58.97
CA ALA A 38 2.46 38.74 59.66
C ALA A 38 3.38 38.89 60.88
N GLU A 39 3.11 38.02 61.84
CA GLU A 39 3.78 37.95 63.13
C GLU A 39 5.29 38.17 62.99
N GLY A 40 5.92 37.45 62.07
CA GLY A 40 7.35 37.59 61.86
C GLY A 40 8.09 36.27 61.62
N HIS A 41 7.39 35.15 61.73
CA HIS A 41 7.98 33.83 61.57
C HIS A 41 8.64 33.65 60.20
N MET A 42 9.95 33.60 60.21
CA MET A 42 10.68 33.37 58.99
C MET A 42 10.35 31.98 58.53
N THR A 43 10.67 31.62 57.30
CA THR A 43 10.47 30.23 56.90
C THR A 43 11.27 29.80 55.68
N ARG A 44 12.58 29.86 55.81
CA ARG A 44 13.52 29.51 54.75
C ARG A 44 13.31 28.06 54.28
N LEU A 45 13.57 27.79 53.02
CA LEU A 45 13.38 26.44 52.51
C LEU A 45 14.21 26.20 51.26
N ARG A 46 14.98 25.11 51.29
CA ARG A 46 15.88 24.73 50.19
C ARG A 46 15.75 23.25 49.79
N ARG A 47 15.91 22.96 48.51
CA ARG A 47 15.93 21.57 48.05
C ARG A 47 16.85 21.37 46.86
N LEU A 48 17.64 20.29 46.87
CA LEU A 48 18.44 19.96 45.70
C LEU A 48 17.45 19.57 44.66
N GLY A 49 17.62 20.03 43.44
CA GLY A 49 16.74 19.50 42.44
C GLY A 49 16.06 20.52 41.58
N LYS A 50 15.09 20.00 40.85
CA LYS A 50 14.22 20.86 40.08
C LYS A 50 13.50 21.78 41.05
N VAL A 51 12.82 22.76 40.50
CA VAL A 51 12.12 23.64 41.40
C VAL A 51 11.09 22.76 42.09
N GLN A 52 10.51 21.84 41.35
CA GLN A 52 9.51 20.95 41.91
C GLN A 52 9.95 20.24 43.17
N MET A 53 11.21 19.90 43.27
CA MET A 53 11.64 19.32 44.52
C MET A 53 11.26 20.21 45.71
N LEU A 54 11.31 21.53 45.52
CA LEU A 54 10.84 22.54 46.49
C LEU A 54 9.35 22.49 46.58
N ALA A 55 8.70 22.73 45.44
CA ALA A 55 7.26 22.73 45.37
C ALA A 55 6.76 21.71 46.33
N GLN A 56 7.16 20.48 46.10
CA GLN A 56 6.68 19.42 46.96
C GLN A 56 7.08 19.69 48.42
N ALA A 57 8.22 20.33 48.69
CA ALA A 57 8.60 20.56 50.09
C ALA A 57 7.93 21.82 50.55
N ALA A 58 6.86 22.17 49.88
CA ALA A 58 6.11 23.33 50.28
C ALA A 58 4.71 22.81 50.63
N GLU A 59 4.16 21.97 49.76
CA GLU A 59 2.87 21.34 49.99
C GLU A 59 2.86 20.62 51.32
N GLU A 60 3.99 20.01 51.63
CA GLU A 60 4.16 19.31 52.87
C GLU A 60 4.15 20.33 54.04
N HIS A 61 4.53 21.57 53.77
CA HIS A 61 4.73 22.54 54.85
C HIS A 61 4.43 23.97 54.42
N PRO A 62 3.19 24.21 54.00
CA PRO A 62 2.77 25.50 53.45
C PRO A 62 3.32 26.68 54.22
N LEU A 63 3.71 27.68 53.46
CA LEU A 63 4.47 28.78 53.98
C LEU A 63 3.60 29.98 53.90
N HIS A 64 3.24 30.57 55.02
CA HIS A 64 2.40 31.75 54.95
C HIS A 64 3.21 33.00 55.17
N GLY A 65 2.92 34.01 54.37
CA GLY A 65 3.67 35.24 54.41
C GLY A 65 3.32 36.04 53.17
N GLY A 66 3.72 37.29 53.13
CA GLY A 66 3.32 38.12 52.01
C GLY A 66 4.59 38.85 51.72
N THR A 67 5.63 38.32 52.34
CA THR A 67 6.98 38.75 52.11
C THR A 67 7.85 37.53 52.00
N GLY A 68 8.22 37.20 50.76
CA GLY A 68 9.16 36.14 50.47
C GLY A 68 10.12 36.44 49.33
N ILE A 69 11.18 35.65 49.27
CA ILE A 69 12.09 35.73 48.16
C ILE A 69 12.56 34.31 47.90
N ALA A 70 12.45 33.91 46.64
CA ALA A 70 12.82 32.58 46.19
C ALA A 70 14.14 32.62 45.42
N HIS A 71 14.35 31.64 44.54
CA HIS A 71 15.65 31.51 43.89
C HIS A 71 15.93 30.09 43.36
N THR A 72 16.23 29.95 42.07
CA THR A 72 16.73 28.67 41.52
C THR A 72 18.21 28.84 41.37
N ARG A 73 18.90 27.76 40.98
CA ARG A 73 20.35 27.81 40.74
C ARG A 73 21.06 26.86 39.74
N TRP A 74 22.26 27.28 39.33
CA TRP A 74 23.29 26.48 38.63
C TRP A 74 24.39 26.17 39.61
N ALA A 75 24.46 24.95 40.09
CA ALA A 75 25.49 24.65 41.05
C ALA A 75 26.67 24.27 40.21
N THR A 76 27.62 25.16 40.15
CA THR A 76 28.68 24.96 39.21
C THR A 76 29.89 24.37 39.90
N HIS A 77 30.63 25.18 40.62
CA HIS A 77 31.73 24.69 41.42
C HIS A 77 31.26 23.55 42.38
N GLY A 78 30.05 23.01 42.18
CA GLY A 78 29.57 21.92 43.02
C GLY A 78 29.12 22.30 44.43
N GLU A 79 29.91 21.87 45.43
CA GLU A 79 29.73 22.24 46.84
C GLU A 79 28.46 21.64 47.45
N PRO A 80 28.48 21.48 48.77
CA PRO A 80 27.32 20.91 49.45
C PRO A 80 26.11 21.68 48.92
N SER A 81 25.45 21.11 47.93
CA SER A 81 24.36 21.80 47.25
C SER A 81 23.17 22.34 48.13
N GLU A 82 22.72 21.60 49.15
CA GLU A 82 21.58 22.07 49.97
C GLU A 82 22.04 23.02 51.10
N VAL A 83 23.35 23.05 51.35
CA VAL A 83 23.97 23.91 52.37
C VAL A 83 24.24 25.27 51.72
N ASN A 84 24.73 25.20 50.50
CA ASN A 84 25.10 26.37 49.71
C ASN A 84 23.97 26.84 48.77
N ALA A 85 22.74 26.50 49.15
CA ALA A 85 21.57 26.86 48.39
C ALA A 85 20.94 28.13 48.96
N HIS A 86 20.40 29.00 48.10
CA HIS A 86 19.70 30.22 48.54
C HIS A 86 18.25 29.94 48.86
N PRO A 87 17.66 30.72 49.76
CA PRO A 87 18.34 31.83 50.45
C PRO A 87 19.08 31.40 51.72
N HIS A 88 19.92 32.32 52.21
CA HIS A 88 20.69 32.15 53.43
C HIS A 88 20.22 33.14 54.44
N VAL A 89 20.03 32.62 55.65
CA VAL A 89 19.37 33.30 56.73
C VAL A 89 20.42 33.77 57.77
N SER A 90 21.00 34.97 57.55
CA SER A 90 21.92 35.57 58.54
C SER A 90 21.14 36.06 59.72
N GLU A 91 20.86 35.17 60.65
CA GLU A 91 20.00 35.56 61.75
C GLU A 91 18.77 36.14 61.02
N HIS A 92 18.59 37.45 61.07
CA HIS A 92 17.36 38.04 60.55
C HIS A 92 17.43 38.56 59.16
N ILE A 93 18.63 38.74 58.65
CA ILE A 93 18.76 39.11 57.26
C ILE A 93 18.74 37.98 56.24
N VAL A 94 17.75 37.98 55.39
CA VAL A 94 17.73 36.95 54.38
C VAL A 94 18.08 37.62 53.08
N VAL A 95 18.91 36.94 52.31
CA VAL A 95 19.31 37.42 51.02
C VAL A 95 19.14 36.36 49.95
N VAL A 96 19.11 36.83 48.71
CA VAL A 96 19.19 35.99 47.54
C VAL A 96 19.74 36.86 46.42
N HIS A 97 20.80 36.45 45.76
CA HIS A 97 21.27 37.29 44.68
C HIS A 97 21.43 36.48 43.39
N ASN A 98 21.90 37.15 42.36
CA ASN A 98 22.11 36.62 41.04
C ASN A 98 23.42 37.22 40.75
N GLY A 99 24.46 36.43 40.68
CA GLY A 99 25.69 37.02 40.23
C GLY A 99 26.93 36.58 40.93
N ILE A 100 27.95 37.42 40.80
CA ILE A 100 29.19 37.06 41.43
C ILE A 100 29.70 38.23 42.24
N ILE A 101 30.04 37.98 43.51
CA ILE A 101 30.55 39.07 44.32
C ILE A 101 32.02 38.86 44.21
N GLU A 102 32.73 39.74 43.54
CA GLU A 102 34.18 39.62 43.48
C GLU A 102 34.86 39.61 44.88
N ASN A 103 34.96 40.79 45.51
CA ASN A 103 35.50 40.91 46.87
C ASN A 103 34.91 39.99 47.90
N HIS A 104 34.22 38.95 47.44
CA HIS A 104 33.68 38.01 48.39
C HIS A 104 34.75 37.37 49.27
N GLU A 105 35.87 38.04 49.46
CA GLU A 105 36.90 37.50 50.33
C GLU A 105 37.43 38.54 51.25
N PRO A 106 37.86 39.64 50.66
CA PRO A 106 38.28 40.78 51.45
C PRO A 106 37.16 41.17 52.42
N LEU A 107 35.95 40.63 52.17
CA LEU A 107 34.84 40.85 53.08
C LEU A 107 34.73 39.66 54.00
N ARG A 108 34.31 38.54 53.47
CA ARG A 108 34.22 37.40 54.33
C ARG A 108 35.30 37.40 55.44
N GLU A 109 36.49 37.93 55.20
CA GLU A 109 37.54 37.88 56.23
C GLU A 109 37.25 39.00 57.21
N GLU A 110 37.23 40.22 56.68
CA GLU A 110 37.01 41.42 57.47
C GLU A 110 35.83 41.25 58.48
N LEU A 111 34.61 41.13 57.97
CA LEU A 111 33.51 40.79 58.84
C LEU A 111 34.11 39.75 59.74
N LYS A 112 33.93 38.47 59.38
CA LYS A 112 34.36 37.37 60.25
C LYS A 112 35.16 37.88 61.44
N ALA A 113 36.13 38.74 61.15
CA ALA A 113 36.87 39.44 62.18
C ALA A 113 35.94 39.78 63.32
N ARG A 114 34.92 40.56 62.99
CA ARG A 114 33.94 41.08 63.96
C ARG A 114 32.98 39.95 64.38
N GLY A 115 33.57 38.91 65.00
CA GLY A 115 32.85 37.79 65.58
C GLY A 115 31.80 37.15 64.71
N TYR A 116 31.76 37.53 63.44
CA TYR A 116 30.78 36.95 62.53
C TYR A 116 31.09 35.45 62.32
N THR A 117 30.17 34.70 61.74
CA THR A 117 30.34 33.24 61.63
C THR A 117 29.62 32.68 60.41
N PHE A 118 30.34 32.42 59.34
CA PHE A 118 29.64 32.05 58.13
C PHE A 118 29.44 30.58 58.20
N VAL A 119 28.25 30.12 58.55
CA VAL A 119 28.05 28.69 58.60
C VAL A 119 28.07 28.05 57.22
N SER A 120 28.00 28.88 56.19
CA SER A 120 28.11 28.33 54.85
C SER A 120 28.90 29.18 53.90
N GLU A 121 29.63 28.39 53.16
CA GLU A 121 30.38 28.68 51.99
C GLU A 121 29.58 29.40 50.96
N THR A 122 29.70 30.71 50.84
CA THR A 122 28.93 31.33 49.78
C THR A 122 28.88 32.79 49.86
N ASP A 123 28.53 33.38 48.74
CA ASP A 123 28.82 34.77 48.56
C ASP A 123 27.57 35.56 48.92
N THR A 124 26.44 34.87 48.86
CA THR A 124 25.16 35.39 49.29
C THR A 124 25.13 35.71 50.77
N GLU A 125 25.23 34.64 51.54
CA GLU A 125 25.54 34.70 52.96
C GLU A 125 26.64 35.72 53.32
N VAL A 126 27.16 36.48 52.35
CA VAL A 126 28.16 37.54 52.65
C VAL A 126 27.47 38.88 52.55
N ILE A 127 26.49 38.91 51.68
CA ILE A 127 25.64 40.06 51.46
C ILE A 127 24.89 40.35 52.76
N ALA A 128 24.32 39.27 53.28
CA ALA A 128 23.59 39.28 54.53
C ALA A 128 24.45 39.94 55.61
N HIS A 129 25.21 39.12 56.34
CA HIS A 129 26.08 39.62 57.38
C HIS A 129 26.69 40.95 56.96
N LEU A 130 26.55 41.39 55.72
CA LEU A 130 27.20 42.66 55.42
C LEU A 130 26.19 43.71 55.67
N VAL A 131 25.05 43.54 55.02
CA VAL A 131 23.94 44.46 55.17
C VAL A 131 23.64 44.56 56.70
N ASN A 132 23.50 43.43 57.37
CA ASN A 132 23.27 43.37 58.82
C ASN A 132 24.19 44.29 59.62
N TRP A 133 25.49 44.08 59.49
CA TRP A 133 26.47 44.92 60.14
C TRP A 133 26.12 46.36 59.96
N GLU A 134 25.67 46.68 58.76
CA GLU A 134 25.25 48.02 58.45
C GLU A 134 23.98 48.49 59.14
N LEU A 135 23.12 47.57 59.60
CA LEU A 135 21.97 47.98 60.42
C LEU A 135 22.46 48.57 61.73
N LYS A 136 23.29 47.77 62.37
CA LYS A 136 23.89 48.10 63.63
C LYS A 136 24.54 49.47 63.69
N GLN A 137 25.00 49.95 62.55
CA GLN A 137 25.69 51.22 62.54
C GLN A 137 24.78 52.42 62.27
N GLY A 138 23.50 52.28 62.60
CA GLY A 138 22.57 53.37 62.43
C GLY A 138 21.65 53.11 61.26
N GLY A 139 20.96 54.17 60.81
CA GLY A 139 20.02 54.14 59.70
C GLY A 139 18.94 53.08 59.67
N THR A 140 18.19 53.14 58.58
CA THR A 140 17.13 52.21 58.30
C THR A 140 17.68 51.24 57.26
N LEU A 141 16.98 50.15 56.98
CA LEU A 141 17.44 49.19 55.96
C LEU A 141 17.83 49.85 54.66
N ARG A 142 16.86 50.58 54.09
CA ARG A 142 17.08 51.35 52.87
C ARG A 142 18.25 52.31 53.08
N GLU A 143 18.96 52.17 54.19
CA GLU A 143 20.12 53.04 54.44
C GLU A 143 21.32 52.14 54.69
N ALA A 144 21.10 51.13 55.52
CA ALA A 144 22.10 50.11 55.76
C ALA A 144 22.47 49.47 54.45
N VAL A 145 21.57 49.51 53.48
CA VAL A 145 21.88 48.85 52.23
C VAL A 145 22.66 49.85 51.42
N LEU A 146 22.03 50.98 51.10
CA LEU A 146 22.67 52.02 50.28
C LEU A 146 24.12 52.30 50.68
N ARG A 147 24.61 51.67 51.76
CA ARG A 147 25.96 51.89 52.27
C ARG A 147 26.77 50.64 51.98
N ALA A 148 26.21 49.46 52.31
CA ALA A 148 26.81 48.15 51.97
C ALA A 148 26.98 47.86 50.47
N ILE A 149 25.98 48.19 49.65
CA ILE A 149 26.13 47.99 48.22
C ILE A 149 27.53 48.49 47.86
N PRO A 150 27.79 49.80 47.91
CA PRO A 150 29.04 50.31 47.37
C PRO A 150 30.30 49.70 47.95
N GLN A 151 30.19 48.64 48.76
CA GLN A 151 31.38 48.05 49.39
C GLN A 151 31.54 46.63 48.85
N LEU A 152 30.67 46.32 47.90
CA LEU A 152 30.69 45.07 47.17
C LEU A 152 31.23 45.28 45.78
N ARG A 153 32.06 44.34 45.32
CA ARG A 153 32.50 44.33 43.92
C ARG A 153 32.08 43.08 43.14
N GLY A 154 31.64 43.28 41.90
CA GLY A 154 31.19 42.17 41.09
C GLY A 154 30.07 42.51 40.13
N ALA A 155 29.34 41.52 39.67
CA ALA A 155 28.04 41.84 39.09
C ALA A 155 27.02 40.93 39.71
N TYR A 156 26.09 41.60 40.39
CA TYR A 156 25.12 40.93 41.20
C TYR A 156 23.79 41.53 41.04
N GLY A 157 22.85 40.83 41.64
CA GLY A 157 21.48 41.24 41.63
C GLY A 157 20.84 40.58 42.83
N THR A 158 21.18 41.13 43.99
CA THR A 158 20.59 40.70 45.23
C THR A 158 19.29 41.44 45.53
N VAL A 159 18.49 40.82 46.40
CA VAL A 159 17.22 41.31 46.92
C VAL A 159 17.17 41.00 48.42
N ILE A 160 17.66 41.92 49.23
CA ILE A 160 17.76 41.76 50.69
C ILE A 160 16.47 41.96 51.50
N MET A 161 16.30 41.14 52.54
CA MET A 161 15.11 41.24 53.39
C MET A 161 15.44 41.02 54.87
N ASP A 162 14.69 41.72 55.71
CA ASP A 162 14.88 41.74 57.16
C ASP A 162 13.79 40.91 57.79
N SER A 163 14.11 39.76 58.36
CA SER A 163 13.02 38.93 58.84
C SER A 163 12.30 39.68 59.97
N ARG A 164 12.97 40.65 60.59
CA ARG A 164 12.33 41.42 61.67
C ARG A 164 11.38 42.51 61.18
N HIS A 165 11.15 42.60 59.86
CA HIS A 165 10.42 43.74 59.31
C HIS A 165 10.06 43.55 57.87
N PRO A 166 9.38 42.48 57.58
CA PRO A 166 9.06 42.15 56.20
C PRO A 166 8.26 43.24 55.52
N ASP A 167 8.46 44.47 55.94
CA ASP A 167 7.54 45.50 55.52
C ASP A 167 8.12 46.02 54.24
N THR A 168 9.42 45.85 54.15
CA THR A 168 10.17 46.45 53.06
C THR A 168 10.99 45.30 52.48
N LEU A 169 11.16 45.25 51.16
CA LEU A 169 12.27 44.51 50.54
C LEU A 169 13.25 45.46 49.91
N LEU A 170 14.52 45.16 50.06
CA LEU A 170 15.48 45.92 49.30
C LEU A 170 15.96 45.22 48.00
N ALA A 171 16.16 46.02 46.95
CA ALA A 171 16.73 45.44 45.73
C ALA A 171 17.79 46.34 45.13
N ALA A 172 18.98 45.78 44.90
CA ALA A 172 20.07 46.51 44.25
C ALA A 172 20.33 45.86 42.89
N ARG A 173 20.88 46.62 41.95
CA ARG A 173 21.30 46.06 40.67
C ARG A 173 22.67 46.55 40.32
N SER A 174 23.63 45.65 40.37
CA SER A 174 25.00 45.96 40.00
C SER A 174 25.39 44.88 39.01
N GLY A 175 24.95 44.99 37.75
CA GLY A 175 25.21 43.94 36.77
C GLY A 175 24.01 43.06 36.42
N SER A 176 23.83 41.96 37.15
CA SER A 176 22.74 41.03 36.84
C SER A 176 21.51 41.90 36.78
N PRO A 177 20.68 41.73 35.76
CA PRO A 177 19.36 42.38 35.74
C PRO A 177 18.39 41.97 36.90
N LEU A 178 17.57 42.96 37.27
CA LEU A 178 16.53 42.96 38.30
C LEU A 178 15.43 43.84 37.77
N VAL A 179 14.28 43.30 37.45
CA VAL A 179 13.19 44.14 37.04
C VAL A 179 12.16 44.09 38.14
N ILE A 180 11.32 45.12 38.25
CA ILE A 180 10.31 45.16 39.31
C ILE A 180 8.96 45.09 38.68
N GLY A 181 8.19 44.23 39.26
CA GLY A 181 6.88 44.05 38.76
C GLY A 181 6.00 44.77 39.71
N LEU A 182 5.11 45.57 39.13
CA LEU A 182 4.12 46.31 39.86
C LEU A 182 2.71 45.71 39.86
N GLY A 183 2.19 45.54 41.07
CA GLY A 183 0.92 44.90 41.38
C GLY A 183 0.03 45.92 42.07
N MET A 184 -1.08 45.48 42.66
CA MET A 184 -1.98 46.41 43.34
C MET A 184 -1.91 46.16 44.84
N GLY A 185 -1.31 47.13 45.53
CA GLY A 185 -1.07 46.91 46.94
C GLY A 185 0.17 46.08 47.05
N GLU A 186 0.40 45.28 46.02
CA GLU A 186 1.59 44.45 45.97
C GLU A 186 2.65 44.83 44.92
N ASN A 187 3.87 44.40 45.23
CA ASN A 187 4.98 44.49 44.32
C ASN A 187 5.72 43.20 44.14
N PHE A 188 6.57 43.20 43.12
CA PHE A 188 7.44 42.07 42.90
C PHE A 188 8.76 42.43 42.28
N ILE A 189 9.79 41.78 42.80
CA ILE A 189 11.13 41.84 42.24
C ILE A 189 11.39 40.59 41.43
N ALA A 190 12.26 40.72 40.44
CA ALA A 190 12.65 39.57 39.63
C ALA A 190 13.99 39.80 38.95
N SER A 191 14.68 38.70 38.63
CA SER A 191 15.86 38.77 37.74
C SER A 191 15.36 38.91 36.31
N ASP A 192 14.27 38.23 35.98
CA ASP A 192 13.65 38.54 34.72
C ASP A 192 12.15 38.73 34.74
N GLN A 193 11.73 39.65 33.90
CA GLN A 193 10.33 39.89 33.76
C GLN A 193 9.54 38.71 33.26
N LEU A 194 9.74 37.52 33.80
CA LEU A 194 9.07 36.40 33.18
C LEU A 194 8.61 35.55 34.29
N ALA A 195 9.32 35.70 35.40
CA ALA A 195 8.88 35.14 36.65
C ALA A 195 7.46 35.71 36.90
N LEU A 196 7.40 37.00 37.25
CA LEU A 196 6.19 37.81 37.45
C LEU A 196 5.15 37.77 36.34
N LEU A 197 5.46 37.11 35.25
CA LEU A 197 4.54 37.25 34.14
C LEU A 197 3.10 36.93 34.49
N PRO A 198 2.88 35.99 35.40
CA PRO A 198 1.54 35.58 35.85
C PRO A 198 0.83 36.71 36.57
N VAL A 199 1.42 37.21 37.66
CA VAL A 199 0.86 38.30 38.46
C VAL A 199 0.85 39.62 37.69
N THR A 200 1.78 40.53 37.93
CA THR A 200 1.76 41.74 37.08
C THR A 200 2.13 41.59 35.59
N ARG A 201 2.06 42.70 34.88
CA ARG A 201 2.55 42.82 33.51
C ARG A 201 3.06 44.25 33.37
N ARG A 202 3.27 44.91 34.49
CA ARG A 202 3.64 46.33 34.45
C ARG A 202 5.00 46.35 35.15
N PHE A 203 6.07 46.70 34.45
CA PHE A 203 7.41 46.59 35.03
C PHE A 203 8.11 47.92 34.96
N ILE A 204 8.94 48.16 35.96
CA ILE A 204 9.79 49.33 35.99
C ILE A 204 11.08 48.61 35.90
N PHE A 205 11.85 48.83 34.84
CA PHE A 205 13.02 47.99 34.67
C PHE A 205 14.11 48.74 35.38
N LEU A 206 14.66 48.19 36.46
CA LEU A 206 15.71 48.89 37.19
C LEU A 206 16.84 49.30 36.23
N GLU A 207 17.32 50.54 36.29
CA GLU A 207 18.53 50.86 35.51
C GLU A 207 19.67 50.16 36.23
N GLU A 208 20.89 50.51 35.85
CA GLU A 208 22.03 49.79 36.36
C GLU A 208 22.61 50.53 37.52
N GLY A 209 22.41 50.01 38.72
CA GLY A 209 22.96 50.61 39.93
C GLY A 209 21.95 50.90 41.03
N ASP A 210 20.71 51.11 40.58
CA ASP A 210 19.56 51.41 41.41
C ASP A 210 19.53 50.55 42.65
N ILE A 211 19.02 51.12 43.74
CA ILE A 211 18.75 50.38 44.98
C ILE A 211 17.30 50.54 45.48
N ALA A 212 16.36 50.71 44.57
CA ALA A 212 14.93 50.54 44.90
C ALA A 212 14.58 49.99 46.29
N GLU A 213 13.67 50.68 46.99
CA GLU A 213 13.11 50.28 48.29
C GLU A 213 11.68 49.96 47.98
N ILE A 214 11.23 48.77 48.37
CA ILE A 214 9.90 48.27 47.98
C ILE A 214 9.07 47.75 49.17
N THR A 215 7.77 48.06 49.13
CA THR A 215 6.81 47.76 50.19
C THR A 215 5.60 47.40 49.41
N ARG A 216 4.45 47.18 50.07
CA ARG A 216 3.27 46.81 49.29
C ARG A 216 2.77 48.04 48.61
N ARG A 217 3.02 49.17 49.22
CA ARG A 217 2.25 50.32 48.77
C ARG A 217 3.10 51.38 48.16
N SER A 218 4.33 51.01 47.84
CA SER A 218 5.23 51.98 47.31
C SER A 218 6.40 51.25 46.73
N VAL A 219 7.11 51.94 45.85
CA VAL A 219 8.31 51.44 45.25
C VAL A 219 9.20 52.62 45.01
N ASN A 220 10.04 52.98 45.98
CA ASN A 220 10.99 54.08 45.85
C ASN A 220 12.31 53.54 45.38
N ILE A 221 12.82 54.19 44.34
CA ILE A 221 14.06 53.83 43.70
C ILE A 221 15.04 54.94 43.95
N PHE A 222 16.26 54.57 44.31
CA PHE A 222 17.31 55.56 44.48
C PHE A 222 18.47 55.23 43.60
N ASP A 223 19.15 56.24 43.06
CA ASP A 223 20.34 56.04 42.25
C ASP A 223 21.46 55.51 43.13
N LYS A 224 22.65 55.43 42.57
CA LYS A 224 23.82 54.85 43.23
C LYS A 224 24.27 55.62 44.49
N THR A 225 24.36 56.94 44.36
CA THR A 225 24.80 57.78 45.47
C THR A 225 23.82 57.62 46.63
N GLY A 226 22.53 57.82 46.35
CA GLY A 226 21.51 57.71 47.36
C GLY A 226 20.38 58.65 47.02
N ALA A 227 20.49 59.29 45.87
CA ALA A 227 19.50 60.26 45.42
C ALA A 227 18.20 59.52 45.17
N GLU A 228 17.09 60.26 45.03
CA GLU A 228 15.83 59.63 44.67
C GLU A 228 15.73 59.67 43.16
N VAL A 229 15.05 58.68 42.60
CA VAL A 229 14.93 58.60 41.15
C VAL A 229 13.50 58.33 40.74
N LYS A 230 13.19 58.70 39.51
CA LYS A 230 11.88 58.47 38.98
C LYS A 230 11.91 57.51 37.81
N ARG A 231 12.32 56.27 38.03
CA ARG A 231 12.34 55.30 36.94
C ARG A 231 10.98 55.14 36.24
N GLN A 232 10.91 55.28 34.92
CA GLN A 232 9.61 55.11 34.23
C GLN A 232 9.13 53.71 34.53
N ASP A 233 8.11 53.27 33.81
CA ASP A 233 7.54 51.95 34.06
C ASP A 233 6.78 51.63 32.82
N ILE A 234 7.02 50.46 32.26
CA ILE A 234 6.41 50.12 31.00
C ILE A 234 5.59 48.86 31.17
N GLU A 235 4.73 48.60 30.19
CA GLU A 235 3.92 47.39 30.20
C GLU A 235 4.77 46.38 29.41
N SER A 236 4.69 45.11 29.78
CA SER A 236 5.43 44.03 29.10
C SER A 236 4.94 43.77 27.69
N ASN A 237 5.84 43.14 26.94
CA ASN A 237 5.62 42.65 25.59
C ASN A 237 6.09 41.18 25.53
N LEU A 238 7.19 40.91 26.24
CA LEU A 238 7.88 39.60 26.29
C LEU A 238 6.99 38.40 26.57
N GLN A 239 5.68 38.60 26.31
CA GLN A 239 4.57 37.73 26.71
C GLN A 239 3.82 37.14 25.52
N TYR A 240 4.27 37.47 24.33
CA TYR A 240 3.73 36.90 23.11
C TYR A 240 2.91 35.68 23.49
N ASP A 241 3.58 34.78 24.19
CA ASP A 241 3.02 33.53 24.65
C ASP A 241 3.70 33.22 26.00
N ALA A 242 4.53 34.12 26.49
CA ALA A 242 5.21 33.85 27.75
C ALA A 242 6.14 32.61 27.67
N GLY A 243 5.98 31.71 28.65
CA GLY A 243 6.67 30.42 28.73
C GLY A 243 5.65 29.29 28.69
N ASP A 244 4.75 29.40 27.73
CA ASP A 244 3.76 28.37 27.49
C ASP A 244 4.17 27.60 26.24
N LYS A 245 4.71 26.42 26.49
CA LYS A 245 5.09 25.49 25.44
C LYS A 245 4.05 25.15 24.41
N GLY A 246 2.82 25.63 24.60
CA GLY A 246 1.76 25.40 23.63
C GLY A 246 1.44 23.97 23.28
N ILE A 247 1.16 23.75 22.01
CA ILE A 247 1.13 22.40 21.53
C ILE A 247 2.41 21.60 21.68
N TYR A 248 3.49 22.18 22.16
CA TYR A 248 4.74 21.49 21.99
C TYR A 248 5.23 20.79 23.24
N ARG A 249 5.59 19.52 23.10
CA ARG A 249 6.09 18.78 24.25
C ARG A 249 7.30 19.36 25.00
N HIS A 250 8.21 20.06 24.30
CA HIS A 250 9.35 20.74 24.94
C HIS A 250 9.63 22.08 24.35
N TYR A 251 10.45 22.84 25.04
CA TYR A 251 10.66 24.16 24.56
C TYR A 251 11.48 24.08 23.27
N MET A 252 12.53 23.24 23.25
CA MET A 252 13.38 23.22 22.06
C MET A 252 12.43 23.07 20.93
N GLN A 253 11.62 22.03 21.02
CA GLN A 253 10.92 21.62 19.83
C GLN A 253 10.08 22.77 19.35
N LYS A 254 9.42 23.45 20.27
CA LYS A 254 8.63 24.59 19.87
C LYS A 254 9.63 25.60 19.33
N GLU A 255 10.73 25.81 20.05
CA GLU A 255 11.64 26.87 19.62
C GLU A 255 12.19 26.48 18.24
N ILE A 256 12.42 25.18 18.02
CA ILE A 256 12.94 24.75 16.73
C ILE A 256 11.98 25.09 15.67
N TYR A 257 10.75 24.65 15.88
CA TYR A 257 9.72 24.93 14.93
C TYR A 257 9.26 26.37 14.81
N GLU A 258 9.72 27.27 15.69
CA GLU A 258 9.41 28.69 15.51
C GLU A 258 10.38 29.39 14.53
N GLN A 259 11.42 28.69 14.17
CA GLN A 259 12.40 29.29 13.31
C GLN A 259 11.78 29.98 12.10
N PRO A 260 10.88 29.32 11.40
CA PRO A 260 10.32 29.93 10.21
C PRO A 260 9.69 31.24 10.60
N ASN A 261 8.90 31.34 11.67
CA ASN A 261 8.34 32.70 11.87
C ASN A 261 9.38 33.54 12.54
N ALA A 262 10.33 32.88 13.15
CA ALA A 262 11.27 33.68 13.90
C ALA A 262 12.18 34.47 13.00
N ILE A 263 12.39 33.98 11.81
CA ILE A 263 13.26 34.70 10.95
C ILE A 263 12.50 35.89 10.40
N LYS A 264 11.26 35.61 9.98
CA LYS A 264 10.40 36.63 9.40
C LYS A 264 10.52 37.89 10.24
N ASN A 265 10.50 37.71 11.56
CA ASN A 265 10.63 38.85 12.43
C ASN A 265 11.90 39.59 12.11
N THR A 266 13.02 38.90 12.25
CA THR A 266 14.28 39.44 11.80
C THR A 266 14.35 40.08 10.43
N LEU A 267 13.74 39.46 9.42
CA LEU A 267 13.82 40.07 8.09
C LEU A 267 12.74 41.11 7.97
N THR A 268 12.45 41.81 9.06
CA THR A 268 11.25 42.63 9.01
C THR A 268 11.62 44.08 9.22
N GLY A 269 11.36 44.88 8.19
CA GLY A 269 11.81 46.25 8.17
C GLY A 269 13.28 46.44 7.83
N ARG A 270 13.90 45.35 7.38
CA ARG A 270 15.29 45.34 6.94
C ARG A 270 15.44 44.99 5.45
N ILE A 271 14.53 44.22 4.87
CA ILE A 271 14.66 43.84 3.46
C ILE A 271 13.82 44.84 2.63
N SER A 272 14.13 46.13 2.79
CA SER A 272 13.43 47.22 2.13
C SER A 272 13.88 47.53 0.69
N HIS A 273 13.46 46.69 -0.26
CA HIS A 273 13.56 47.06 -1.67
C HIS A 273 14.66 46.25 -2.31
N GLY A 274 14.40 45.00 -2.63
CA GLY A 274 15.45 44.19 -3.23
C GLY A 274 16.81 44.20 -2.53
N GLN A 275 17.04 45.11 -1.57
CA GLN A 275 18.35 45.23 -0.93
C GLN A 275 18.24 45.40 0.57
N VAL A 276 19.00 44.61 1.31
CA VAL A 276 19.02 44.70 2.74
C VAL A 276 19.13 46.17 3.17
N ASP A 277 18.36 46.51 4.21
CA ASP A 277 18.32 47.80 4.92
C ASP A 277 18.66 47.68 6.38
N LEU A 278 19.60 48.46 6.87
CA LEU A 278 19.88 48.38 8.28
C LEU A 278 20.09 49.76 8.86
N SER A 279 19.23 50.67 8.47
CA SER A 279 19.39 52.05 8.89
C SER A 279 19.29 52.10 10.40
N GLU A 280 18.65 51.05 10.91
CA GLU A 280 18.35 50.97 12.30
C GLU A 280 19.57 51.28 13.13
N LEU A 281 20.66 51.67 12.45
CA LEU A 281 21.94 51.82 13.13
C LEU A 281 22.17 53.30 13.24
N GLY A 282 21.31 54.04 12.54
CA GLY A 282 21.39 55.49 12.50
C GLY A 282 22.63 56.05 11.80
N PRO A 283 22.36 56.76 10.71
CA PRO A 283 23.37 57.33 9.80
C PRO A 283 24.69 57.82 10.41
N ASN A 284 25.46 56.87 10.88
CA ASN A 284 26.70 57.14 11.58
C ASN A 284 27.38 55.80 11.65
N ALA A 285 26.71 54.87 10.99
CA ALA A 285 27.16 53.51 10.90
C ALA A 285 28.02 53.46 9.65
N ASP A 286 27.49 53.99 8.55
CA ASP A 286 28.32 54.03 7.36
C ASP A 286 29.57 54.87 7.53
N GLU A 287 29.90 55.25 8.74
CA GLU A 287 31.09 56.03 8.87
C GLU A 287 32.09 55.25 9.71
N LEU A 288 31.61 54.19 10.33
CA LEU A 288 32.49 53.32 11.08
C LEU A 288 32.43 52.02 10.27
N LEU A 289 31.25 51.43 10.10
CA LEU A 289 31.19 50.33 9.13
C LEU A 289 32.10 50.54 7.89
N SER A 290 32.17 51.75 7.36
CA SER A 290 32.90 51.92 6.10
C SER A 290 34.42 51.86 6.19
N LYS A 291 34.97 52.40 7.27
CA LYS A 291 36.39 52.30 7.57
C LYS A 291 36.72 50.88 8.01
N VAL A 292 35.79 49.96 7.85
CA VAL A 292 36.14 48.68 8.40
C VAL A 292 36.96 47.86 7.44
N GLU A 293 38.06 47.35 7.97
CA GLU A 293 38.97 46.48 7.27
C GLU A 293 39.06 45.02 7.78
N HIS A 294 38.53 44.75 8.98
CA HIS A 294 38.64 43.41 9.58
C HIS A 294 37.64 43.26 10.67
N ILE A 295 37.22 42.04 10.92
CA ILE A 295 36.15 41.82 11.84
C ILE A 295 36.58 40.76 12.82
N GLN A 296 36.57 41.06 14.10
CA GLN A 296 36.86 40.06 15.12
C GLN A 296 35.51 39.66 15.68
N ILE A 297 35.24 38.37 15.88
CA ILE A 297 33.96 37.92 16.44
C ILE A 297 34.06 37.10 17.74
N LEU A 298 33.47 37.59 18.84
CA LEU A 298 33.60 36.87 20.12
C LEU A 298 32.31 36.10 20.26
N ALA A 299 32.29 35.06 21.08
CA ALA A 299 31.14 34.12 21.19
C ALA A 299 31.46 32.92 22.08
N CYS A 300 30.44 32.10 22.37
CA CYS A 300 30.64 30.77 22.92
C CYS A 300 29.60 29.88 22.29
N GLY A 301 29.85 28.59 22.49
CA GLY A 301 29.01 27.51 22.05
C GLY A 301 28.28 27.93 20.81
N THR A 302 27.01 27.59 20.70
CA THR A 302 26.37 27.84 19.43
C THR A 302 26.62 29.26 18.99
N SER A 303 26.90 30.17 19.91
CA SER A 303 26.92 31.54 19.41
C SER A 303 28.17 31.80 18.62
N TYR A 304 29.14 30.96 18.91
CA TYR A 304 30.36 30.89 18.15
C TYR A 304 30.06 30.21 16.82
N ASN A 305 29.63 28.94 16.83
CA ASN A 305 29.44 28.29 15.50
C ASN A 305 28.96 29.36 14.48
N SER A 306 27.86 30.05 14.78
CA SER A 306 27.37 31.09 13.85
C SER A 306 28.54 31.97 13.42
N GLY A 307 29.35 32.41 14.37
CA GLY A 307 30.42 33.31 14.03
C GLY A 307 31.18 32.66 12.91
N MET A 308 31.37 31.36 13.04
CA MET A 308 32.03 30.61 12.00
C MET A 308 31.29 30.78 10.70
N VAL A 309 30.19 30.07 10.54
CA VAL A 309 29.54 30.16 9.25
C VAL A 309 29.82 31.50 8.62
N SER A 310 29.80 32.56 9.42
CA SER A 310 29.82 33.88 8.83
C SER A 310 31.16 34.18 8.17
N ARG A 311 32.23 33.95 8.93
CA ARG A 311 33.58 34.17 8.46
C ARG A 311 33.67 33.76 7.02
N TYR A 312 33.17 32.58 6.70
CA TYR A 312 33.11 32.22 5.29
C TYR A 312 32.44 33.31 4.43
N TRP A 313 31.31 33.84 4.87
CA TRP A 313 30.60 34.81 4.05
C TRP A 313 31.33 36.16 4.05
N PHE A 314 31.97 36.53 5.15
CA PHE A 314 32.40 37.93 5.20
C PHE A 314 33.52 38.09 4.25
N GLU A 315 34.04 36.94 3.83
CA GLU A 315 35.27 36.93 3.08
C GLU A 315 34.94 36.59 1.64
N SER A 316 34.31 35.46 1.43
CA SER A 316 33.99 35.05 0.09
C SER A 316 32.90 35.92 -0.54
N LEU A 317 32.42 36.93 0.17
CA LEU A 317 31.29 37.76 -0.33
C LEU A 317 31.51 39.23 -0.03
N ALA A 318 31.97 39.51 1.17
CA ALA A 318 32.26 40.88 1.51
C ALA A 318 33.67 41.18 1.21
N GLY A 319 34.43 40.13 1.06
CA GLY A 319 35.84 40.35 0.92
C GLY A 319 36.42 40.99 2.14
N ILE A 320 36.13 40.50 3.32
CA ILE A 320 36.71 41.15 4.48
C ILE A 320 37.35 40.22 5.46
N PRO A 321 38.62 40.41 5.71
CA PRO A 321 39.33 39.57 6.67
C PRO A 321 38.57 39.45 7.95
N CYS A 322 38.34 38.22 8.38
CA CYS A 322 37.61 38.04 9.62
C CYS A 322 37.96 36.82 10.47
N ASP A 323 38.20 37.11 11.73
CA ASP A 323 38.45 36.12 12.75
C ASP A 323 37.20 35.87 13.57
N VAL A 324 37.11 34.69 14.19
CA VAL A 324 35.88 34.32 14.90
C VAL A 324 36.23 33.49 16.13
N GLU A 325 36.87 34.10 17.11
CA GLU A 325 37.35 33.36 18.27
C GLU A 325 36.37 33.10 19.38
N ILE A 326 36.66 32.04 20.11
CA ILE A 326 35.96 31.59 21.28
C ILE A 326 36.28 32.51 22.42
N ALA A 327 35.25 33.10 23.01
CA ALA A 327 35.40 34.24 23.91
C ALA A 327 36.30 33.95 25.07
N SER A 328 36.35 32.68 25.39
CA SER A 328 36.91 32.20 26.62
C SER A 328 38.42 32.32 26.58
N GLU A 329 38.92 32.25 25.36
CA GLU A 329 40.35 32.24 25.15
C GLU A 329 40.72 33.67 24.98
N PHE A 330 39.97 34.35 24.12
CA PHE A 330 40.30 35.71 23.73
C PHE A 330 40.52 36.54 24.95
N ARG A 331 39.44 36.80 25.62
CA ARG A 331 39.52 37.61 26.81
C ARG A 331 40.76 37.49 27.67
N TYR A 332 41.35 36.31 27.87
CA TYR A 332 42.58 36.25 28.72
C TYR A 332 43.90 36.30 27.96
N ARG A 333 43.90 36.72 26.70
CA ARG A 333 45.11 36.53 25.91
C ARG A 333 45.63 37.78 25.21
N LYS A 334 46.91 38.07 25.42
CA LYS A 334 47.48 39.27 24.79
C LYS A 334 47.35 39.07 23.31
N SER A 335 46.91 40.09 22.59
CA SER A 335 46.66 39.87 21.16
C SER A 335 46.96 41.05 20.26
N ALA A 336 46.79 40.89 18.95
CA ALA A 336 47.27 41.87 18.00
C ALA A 336 46.17 42.45 17.20
N VAL A 337 45.90 43.69 17.43
CA VAL A 337 44.72 44.20 16.82
C VAL A 337 44.94 44.48 15.36
N ARG A 338 44.15 43.85 14.49
CA ARG A 338 44.21 44.26 13.10
C ARG A 338 43.97 45.78 13.00
N ARG A 339 44.40 46.41 11.91
CA ARG A 339 44.02 47.82 11.71
C ARG A 339 42.54 47.91 11.32
N ASN A 340 41.80 48.81 11.95
CA ASN A 340 40.42 49.11 11.50
C ASN A 340 39.48 47.97 11.66
N SER A 341 39.39 47.55 12.91
CA SER A 341 38.76 46.33 13.29
C SER A 341 37.43 46.53 13.97
N LEU A 342 36.35 46.23 13.28
CA LEU A 342 35.04 46.12 13.94
C LEU A 342 34.80 44.87 14.86
N MET A 343 35.02 44.97 16.18
CA MET A 343 34.60 43.89 17.12
C MET A 343 33.10 43.61 17.03
N ILE A 344 32.69 42.37 17.22
CA ILE A 344 31.31 42.00 16.97
C ILE A 344 30.96 40.81 17.85
N THR A 345 30.29 41.03 18.98
CA THR A 345 29.94 39.91 19.86
C THR A 345 28.74 39.31 19.22
N LEU A 346 28.49 38.04 19.50
CA LEU A 346 27.35 37.35 18.96
C LEU A 346 26.55 36.56 20.01
N SER A 347 26.53 36.97 21.28
CA SER A 347 25.44 36.60 22.25
C SER A 347 23.95 36.69 21.83
N GLN A 348 23.15 35.90 22.53
CA GLN A 348 21.74 35.78 22.29
C GLN A 348 21.06 36.31 23.52
N SER A 349 21.73 36.04 24.63
CA SER A 349 21.41 36.58 25.93
C SER A 349 21.88 38.01 26.10
N GLY A 350 23.04 38.33 25.55
CA GLY A 350 23.54 39.66 25.78
C GLY A 350 24.28 39.71 27.09
N GLU A 351 24.13 38.66 27.90
CA GLU A 351 24.64 38.72 29.27
C GLU A 351 25.75 37.70 29.57
N THR A 352 26.29 37.06 28.54
CA THR A 352 27.32 36.05 28.76
C THR A 352 28.68 36.54 29.27
N ALA A 353 29.26 35.89 30.28
CA ALA A 353 30.38 36.53 30.98
C ALA A 353 31.45 36.83 30.03
N ASP A 354 31.87 35.79 29.36
CA ASP A 354 33.00 35.90 28.49
C ASP A 354 32.79 36.76 27.28
N THR A 355 31.74 36.53 26.53
CA THR A 355 31.63 37.36 25.36
C THR A 355 31.55 38.79 25.77
N LEU A 356 31.19 39.03 27.02
CA LEU A 356 31.04 40.40 27.44
C LEU A 356 32.35 41.00 27.89
N ALA A 357 33.11 40.34 28.78
CA ALA A 357 34.41 40.94 29.10
C ALA A 357 35.14 41.17 27.81
N GLY A 358 34.99 40.20 26.93
CA GLY A 358 35.66 40.23 25.65
C GLY A 358 35.45 41.63 25.12
N LEU A 359 34.23 41.87 24.66
CA LEU A 359 33.76 43.21 24.39
C LEU A 359 34.50 44.20 25.23
N ARG A 360 34.37 44.08 26.54
CA ARG A 360 35.00 45.06 27.41
C ARG A 360 36.48 45.26 27.05
N LEU A 361 37.25 44.20 27.12
CA LEU A 361 38.58 44.23 26.54
C LEU A 361 38.67 45.02 25.25
N SER A 362 37.90 44.56 24.28
CA SER A 362 37.97 45.17 22.97
C SER A 362 38.20 46.68 23.11
N LYS A 363 37.47 47.29 24.02
CA LYS A 363 37.44 48.74 24.20
C LYS A 363 38.83 49.36 24.37
N GLU A 364 39.65 48.69 25.15
CA GLU A 364 40.97 49.14 25.49
C GLU A 364 41.94 48.85 24.33
N LEU A 365 41.70 47.76 23.61
CA LEU A 365 42.62 47.34 22.56
C LEU A 365 42.40 48.14 21.26
N GLY A 366 41.92 49.37 21.41
CA GLY A 366 41.74 50.21 20.25
C GLY A 366 40.99 49.66 19.04
N TYR A 367 40.03 48.78 19.23
CA TYR A 367 39.32 48.34 18.03
C TYR A 367 38.68 49.57 17.37
N LEU A 368 38.12 49.42 16.17
CA LEU A 368 37.42 50.51 15.49
C LEU A 368 36.09 50.86 16.11
N GLY A 369 35.45 49.82 16.64
CA GLY A 369 34.16 49.91 17.34
C GLY A 369 33.37 48.61 17.42
N SER A 370 32.50 48.52 18.42
CA SER A 370 31.72 47.33 18.74
C SER A 370 30.46 47.20 17.93
N LEU A 371 29.92 46.00 17.85
CA LEU A 371 28.65 45.81 17.21
C LEU A 371 28.09 44.63 17.97
N ALA A 372 26.78 44.50 18.01
CA ALA A 372 26.22 43.61 18.96
C ALA A 372 25.06 42.96 18.30
N ILE A 373 25.01 41.64 18.30
CA ILE A 373 23.94 41.01 17.61
C ILE A 373 23.30 40.20 18.70
N CYS A 374 22.55 40.87 19.55
CA CYS A 374 21.91 40.19 20.65
C CYS A 374 20.49 39.74 20.30
N ASN A 375 19.87 38.90 21.15
CA ASN A 375 18.45 38.54 21.01
C ASN A 375 17.55 39.34 21.91
N VAL A 376 18.09 39.53 23.10
CA VAL A 376 17.54 40.26 24.18
C VAL A 376 17.89 41.73 24.07
N PRO A 377 16.94 42.64 24.16
CA PRO A 377 17.25 44.06 24.18
C PRO A 377 17.76 44.55 25.50
N GLY A 378 18.23 45.78 25.51
CA GLY A 378 18.94 46.35 26.63
C GLY A 378 19.66 45.26 27.41
N SER A 379 20.66 44.64 26.80
CA SER A 379 21.42 43.53 27.41
C SER A 379 22.80 44.07 27.58
N SER A 380 23.55 43.50 28.50
CA SER A 380 24.81 44.15 28.83
C SER A 380 25.62 44.31 27.52
N LEU A 381 25.73 43.25 26.74
CA LEU A 381 26.41 43.40 25.44
C LEU A 381 25.78 44.50 24.60
N VAL A 382 24.45 44.56 24.57
CA VAL A 382 23.87 45.54 23.67
C VAL A 382 24.11 46.96 24.10
N ARG A 383 24.20 47.22 25.40
CA ARG A 383 24.33 48.62 25.79
C ARG A 383 25.77 49.05 25.84
N GLU A 384 26.70 48.13 26.06
CA GLU A 384 28.09 48.54 26.03
C GLU A 384 28.67 48.49 24.64
N SER A 385 27.89 48.04 23.67
CA SER A 385 28.36 47.96 22.30
C SER A 385 28.49 49.38 21.76
N ASP A 386 28.07 49.61 20.51
CA ASP A 386 28.27 50.90 19.79
C ASP A 386 27.30 50.84 18.64
N LEU A 387 27.02 49.62 18.22
CA LEU A 387 26.10 49.40 17.16
C LEU A 387 25.46 48.11 17.64
N ALA A 388 24.27 47.82 17.15
CA ALA A 388 23.64 46.59 17.56
C ALA A 388 22.48 46.27 16.67
N LEU A 389 22.25 44.98 16.55
CA LEU A 389 21.32 44.46 15.61
C LEU A 389 20.68 43.37 16.39
N MET A 390 19.38 43.35 16.35
CA MET A 390 18.73 42.44 17.22
C MET A 390 18.15 41.33 16.36
N THR A 391 18.32 40.11 16.85
CA THR A 391 17.81 38.96 16.13
C THR A 391 16.28 38.92 15.92
N ASN A 392 15.50 39.53 16.83
CA ASN A 392 14.03 39.34 16.90
C ASN A 392 13.61 37.91 17.02
N ALA A 393 14.36 37.17 17.80
CA ALA A 393 14.09 35.77 17.92
C ALA A 393 12.83 35.48 18.70
N GLY A 394 12.61 36.25 19.76
CA GLY A 394 11.59 35.87 20.70
C GLY A 394 12.34 35.17 21.79
N THR A 395 11.74 34.86 22.95
CA THR A 395 12.54 34.57 24.13
C THR A 395 12.77 33.11 23.87
N GLU A 396 13.92 32.60 24.22
CA GLU A 396 14.16 31.19 23.90
C GLU A 396 14.43 30.59 25.26
N ILE A 397 13.78 29.47 25.53
CA ILE A 397 13.65 28.95 26.88
C ILE A 397 14.50 27.73 26.87
N GLY A 398 14.62 27.16 25.69
CA GLY A 398 15.45 25.98 25.57
C GLY A 398 16.83 26.25 26.11
N VAL A 399 17.38 25.30 26.84
CA VAL A 399 18.71 25.46 27.37
C VAL A 399 19.66 25.38 26.20
N ALA A 400 19.26 24.60 25.20
CA ALA A 400 20.04 24.40 23.98
C ALA A 400 19.70 25.33 22.85
N SER A 401 20.50 26.34 22.56
CA SER A 401 20.02 27.36 21.63
C SER A 401 19.68 26.78 20.28
N THR A 402 18.59 27.26 19.69
CA THR A 402 18.24 26.87 18.34
C THR A 402 17.83 28.07 17.50
N LYS A 403 16.73 28.74 17.83
CA LYS A 403 16.27 29.83 16.96
C LYS A 403 17.16 31.02 17.15
N ALA A 404 17.81 31.06 18.30
CA ALA A 404 18.77 32.13 18.44
C ALA A 404 19.86 31.96 17.39
N PHE A 405 20.28 30.72 17.14
CA PHE A 405 21.25 30.40 16.06
C PHE A 405 20.69 30.91 14.72
N THR A 406 19.63 30.30 14.24
CA THR A 406 19.19 30.64 12.91
C THR A 406 19.03 32.14 12.71
N THR A 407 18.49 32.80 13.72
CA THR A 407 18.37 34.25 13.63
C THR A 407 19.71 34.93 13.38
N GLN A 408 20.67 34.73 14.29
CA GLN A 408 22.07 35.16 14.14
C GLN A 408 22.58 35.04 12.71
N LEU A 409 22.38 33.87 12.10
CA LEU A 409 22.85 33.67 10.76
C LEU A 409 22.23 34.79 9.96
N THR A 410 20.93 34.68 9.74
CA THR A 410 20.20 35.73 9.07
C THR A 410 20.74 37.15 9.31
N VAL A 411 21.09 37.49 10.54
CA VAL A 411 21.52 38.87 10.79
C VAL A 411 22.83 39.11 10.08
N LEU A 412 23.82 38.36 10.55
CA LEU A 412 25.17 38.42 10.05
C LEU A 412 25.00 38.45 8.55
N LEU A 413 24.33 37.44 8.03
CA LEU A 413 24.15 37.38 6.59
C LEU A 413 23.74 38.74 6.05
N MET A 414 22.87 39.43 6.78
CA MET A 414 22.42 40.75 6.33
C MET A 414 23.50 41.78 6.39
N LEU A 415 24.33 41.69 7.43
CA LEU A 415 25.40 42.63 7.66
C LEU A 415 26.37 42.50 6.49
N VAL A 416 26.40 41.31 5.92
CA VAL A 416 27.39 40.98 4.91
C VAL A 416 26.97 41.76 3.72
N ALA A 417 25.73 41.57 3.34
CA ALA A 417 25.28 42.33 2.20
C ALA A 417 25.44 43.84 2.49
N LYS A 418 25.23 44.31 3.72
CA LYS A 418 25.36 45.75 3.90
C LYS A 418 26.81 46.06 3.55
N LEU A 419 27.71 45.42 4.26
CA LEU A 419 29.13 45.65 4.08
C LEU A 419 29.49 45.44 2.61
N SER A 420 28.93 44.40 2.00
CA SER A 420 29.21 44.14 0.60
C SER A 420 28.96 45.46 -0.13
N LYS A 421 27.70 45.87 -0.20
CA LYS A 421 27.36 47.12 -0.89
C LYS A 421 28.17 48.31 -0.42
N LEU A 422 28.22 48.46 0.87
CA LEU A 422 28.96 49.53 1.41
C LEU A 422 30.36 49.59 0.72
N LYS A 423 30.83 48.46 0.18
CA LYS A 423 32.17 48.38 -0.44
C LYS A 423 32.02 48.32 -1.97
N GLY A 424 31.32 49.26 -2.58
CA GLY A 424 31.15 49.21 -4.04
C GLY A 424 31.24 47.86 -4.75
N LEU A 425 31.11 46.75 -4.03
CA LEU A 425 31.25 45.46 -4.68
C LEU A 425 30.12 45.34 -5.67
N ASP A 426 29.91 44.10 -6.13
CA ASP A 426 28.88 43.73 -7.08
C ASP A 426 27.54 43.88 -6.45
N ALA A 427 26.70 44.67 -7.09
CA ALA A 427 25.37 44.90 -6.56
C ALA A 427 24.68 43.57 -6.56
N SER A 428 25.16 42.66 -7.38
CA SER A 428 24.60 41.33 -7.36
C SER A 428 24.90 40.53 -6.11
N ILE A 429 25.75 41.01 -5.22
CA ILE A 429 26.07 40.12 -4.12
C ILE A 429 24.91 40.24 -3.15
N GLU A 430 24.57 41.49 -2.85
CA GLU A 430 23.43 41.81 -1.99
C GLU A 430 22.24 41.12 -2.58
N HIS A 431 21.92 41.43 -3.83
CA HIS A 431 20.74 40.80 -4.40
C HIS A 431 20.69 39.34 -3.97
N ASP A 432 21.68 38.58 -4.38
CA ASP A 432 21.70 37.17 -4.08
C ASP A 432 21.49 36.90 -2.58
N ILE A 433 22.19 37.60 -1.71
CA ILE A 433 22.04 37.28 -0.30
C ILE A 433 20.57 37.46 0.04
N VAL A 434 20.06 38.67 -0.17
CA VAL A 434 18.65 38.96 0.07
C VAL A 434 17.77 37.81 -0.43
N HIS A 435 17.80 37.52 -1.72
CA HIS A 435 16.89 36.50 -2.20
C HIS A 435 16.87 35.35 -1.22
N GLY A 436 18.03 34.94 -0.73
CA GLY A 436 18.03 33.84 0.21
C GLY A 436 17.22 34.31 1.38
N LEU A 437 17.80 35.23 2.14
CA LEU A 437 17.14 35.77 3.32
C LEU A 437 15.65 35.80 3.05
N GLN A 438 15.28 36.70 2.16
CA GLN A 438 13.91 36.92 1.77
C GLN A 438 13.28 35.67 1.22
N ALA A 439 13.68 34.51 1.71
CA ALA A 439 13.06 33.25 1.27
C ALA A 439 13.52 32.14 2.13
N LEU A 440 14.19 32.52 3.20
CA LEU A 440 14.68 31.57 4.17
C LEU A 440 13.46 31.02 4.88
N PRO A 441 12.63 31.88 5.47
CA PRO A 441 11.40 31.47 6.15
C PRO A 441 10.65 30.43 5.43
N SER A 442 10.23 30.75 4.23
CA SER A 442 9.41 29.80 3.50
C SER A 442 10.10 28.46 3.36
N ARG A 443 11.38 28.43 3.64
CA ARG A 443 12.16 27.33 3.12
C ARG A 443 12.39 26.40 4.27
N ILE A 444 12.66 27.02 5.40
CA ILE A 444 12.77 26.28 6.61
C ILE A 444 11.41 25.67 6.85
N GLU A 445 10.39 26.33 6.32
CA GLU A 445 9.04 25.80 6.49
C GLU A 445 9.15 24.42 5.83
N GLN A 446 9.47 24.47 4.55
CA GLN A 446 9.78 23.31 3.75
C GLN A 446 10.56 22.28 4.54
N MET A 447 11.70 22.68 5.06
CA MET A 447 12.53 21.71 5.73
C MET A 447 11.76 21.02 6.89
N LEU A 448 11.18 21.76 7.82
CA LEU A 448 10.51 21.10 8.96
C LEU A 448 9.55 20.00 8.51
N SER A 449 8.86 20.20 7.41
CA SER A 449 7.93 19.19 6.93
C SER A 449 8.66 17.89 6.57
N GLN A 450 9.74 17.62 7.28
CA GLN A 450 10.49 16.41 7.05
C GLN A 450 10.59 15.77 8.41
N ASP A 451 10.03 16.45 9.40
CA ASP A 451 10.11 15.96 10.77
C ASP A 451 10.13 14.42 10.79
N LYS A 452 9.07 13.84 10.24
CA LYS A 452 8.81 12.41 10.34
C LYS A 452 10.03 11.60 9.98
N ARG A 453 10.60 11.91 8.83
CA ARG A 453 11.71 11.15 8.32
C ARG A 453 12.88 11.17 9.30
N ILE A 454 13.35 12.36 9.64
CA ILE A 454 14.40 12.45 10.64
C ILE A 454 14.03 11.71 11.93
N GLU A 455 12.77 11.79 12.32
CA GLU A 455 12.28 11.18 13.56
C GLU A 455 12.55 9.71 13.39
N ALA A 456 12.30 9.23 12.18
CA ALA A 456 12.67 7.85 11.83
C ALA A 456 14.15 7.50 12.02
N LEU A 457 15.05 8.21 11.35
CA LEU A 457 16.48 8.03 11.59
C LEU A 457 16.76 7.87 13.10
N ALA A 458 16.41 8.88 13.88
CA ALA A 458 16.82 8.88 15.29
C ALA A 458 16.63 7.53 15.92
N GLU A 459 15.67 6.77 15.46
CA GLU A 459 15.55 5.43 16.00
C GLU A 459 16.91 4.74 15.98
N ASP A 460 17.66 4.89 14.89
CA ASP A 460 18.96 4.19 14.77
C ASP A 460 19.99 4.64 15.78
N PHE A 461 19.66 5.55 16.68
CA PHE A 461 20.76 5.94 17.56
C PHE A 461 20.59 5.45 18.97
N SER A 462 19.55 4.66 19.14
CA SER A 462 19.26 4.28 20.48
C SER A 462 20.57 3.80 21.07
N ASP A 463 21.15 2.80 20.41
CA ASP A 463 22.25 1.98 20.92
C ASP A 463 23.60 2.65 20.78
N LYS A 464 23.67 3.67 19.95
CA LYS A 464 24.94 4.37 19.78
C LYS A 464 25.21 5.32 20.94
N HIS A 465 26.49 5.68 21.08
CA HIS A 465 27.06 6.55 22.12
C HIS A 465 28.25 7.27 21.50
N HIS A 466 28.30 7.32 20.18
CA HIS A 466 29.27 8.14 19.52
C HIS A 466 28.66 8.62 18.25
N ALA A 467 29.11 9.75 17.77
CA ALA A 467 28.59 10.19 16.51
C ALA A 467 29.58 11.20 15.88
N LEU A 468 29.73 11.18 14.56
CA LEU A 468 30.75 12.01 13.92
C LEU A 468 29.99 12.90 12.98
N PHE A 469 30.33 14.17 12.99
CA PHE A 469 29.64 15.09 12.14
C PHE A 469 30.69 15.72 11.24
N LEU A 470 30.41 15.67 9.94
CA LEU A 470 31.37 16.04 8.95
C LEU A 470 30.74 17.09 8.09
N GLY A 471 31.51 18.11 7.79
CA GLY A 471 31.07 19.03 6.78
C GLY A 471 32.25 19.80 6.31
N ARG A 472 32.08 20.42 5.17
CA ARG A 472 33.16 21.16 4.63
C ARG A 472 32.77 22.48 4.05
N GLY A 473 33.30 23.57 4.57
CA GLY A 473 33.03 24.79 3.86
C GLY A 473 32.42 25.83 4.73
N ASP A 474 31.36 26.44 4.25
CA ASP A 474 30.64 27.25 5.18
C ASP A 474 29.69 26.28 5.83
N GLN A 475 29.96 24.99 5.67
CA GLN A 475 29.26 24.00 6.51
C GLN A 475 30.13 23.17 7.42
N TYR A 476 31.39 23.55 7.54
CA TYR A 476 32.22 22.91 8.53
C TYR A 476 31.53 23.12 9.89
N PRO A 477 31.32 24.37 10.24
CA PRO A 477 30.66 24.77 11.47
C PRO A 477 29.17 24.35 11.58
N ILE A 478 28.39 24.39 10.50
CA ILE A 478 27.05 23.80 10.58
C ILE A 478 27.25 22.38 11.10
N ALA A 479 28.25 21.69 10.58
CA ALA A 479 28.48 20.39 11.22
C ALA A 479 29.03 20.51 12.63
N LEU A 480 29.83 21.50 12.89
CA LEU A 480 30.10 21.80 14.29
C LEU A 480 28.78 21.87 15.11
N GLU A 481 27.82 22.65 14.64
CA GLU A 481 26.62 22.98 15.42
C GLU A 481 25.89 21.71 15.80
N GLY A 482 25.37 21.02 14.79
CA GLY A 482 24.57 19.83 15.01
C GLY A 482 25.27 18.80 15.85
N ALA A 483 26.54 19.00 16.15
CA ALA A 483 27.17 18.06 17.03
C ALA A 483 26.80 18.54 18.40
N LEU A 484 27.22 19.77 18.68
CA LEU A 484 26.92 20.49 19.92
C LEU A 484 25.52 20.26 20.40
N LYS A 485 24.54 20.42 19.52
CA LYS A 485 23.23 19.92 19.87
C LYS A 485 23.29 18.44 20.30
N LEU A 486 23.03 17.52 19.39
CA LEU A 486 23.06 16.11 19.76
C LEU A 486 23.95 15.85 20.98
N LYS A 487 25.21 16.23 20.87
CA LYS A 487 26.10 16.10 22.01
C LYS A 487 25.45 16.54 23.32
N GLU A 488 24.75 17.68 23.34
CA GLU A 488 24.21 18.27 24.59
C GLU A 488 22.86 17.68 24.99
N ILE A 489 21.95 17.56 24.05
CA ILE A 489 20.63 17.14 24.49
C ILE A 489 20.45 15.63 24.49
N SER A 490 21.39 14.84 23.98
CA SER A 490 21.26 13.38 24.19
C SER A 490 22.42 12.70 24.87
N TYR A 491 23.46 13.45 25.21
CA TYR A 491 24.64 12.83 25.77
C TYR A 491 25.52 11.88 24.90
N ILE A 492 25.03 11.38 23.76
CA ILE A 492 25.88 10.81 22.73
C ILE A 492 27.22 11.57 22.56
N HIS A 493 28.34 10.88 22.37
CA HIS A 493 29.62 11.58 22.19
C HIS A 493 29.67 11.96 20.74
N ALA A 494 29.07 13.08 20.36
CA ALA A 494 29.11 13.42 18.96
C ALA A 494 30.31 14.36 18.77
N GLU A 495 30.98 14.28 17.62
CA GLU A 495 32.14 15.11 17.30
C GLU A 495 32.07 15.58 15.87
N ALA A 496 32.48 16.81 15.64
CA ALA A 496 32.40 17.33 14.29
C ALA A 496 33.81 17.52 13.76
N TYR A 497 34.04 17.14 12.51
CA TYR A 497 35.37 17.20 11.92
C TYR A 497 35.21 17.88 10.58
N ALA A 498 36.17 18.72 10.21
CA ALA A 498 36.01 19.32 8.92
C ALA A 498 36.32 18.14 8.02
N ALA A 499 35.45 17.86 7.07
CA ALA A 499 35.60 16.64 6.24
C ALA A 499 37.04 16.32 5.88
N GLY A 500 37.72 17.25 5.24
CA GLY A 500 39.09 17.00 4.87
C GLY A 500 40.04 16.99 6.04
N GLU A 501 39.67 16.37 7.13
CA GLU A 501 40.68 16.27 8.13
C GLU A 501 40.84 14.84 8.58
N LEU A 502 40.04 13.99 7.96
CA LEU A 502 39.85 12.64 8.49
C LEU A 502 41.17 11.91 8.45
N LYS A 503 41.70 11.80 7.23
CA LYS A 503 42.94 11.06 6.95
C LYS A 503 44.15 11.49 7.78
N HIS A 504 44.10 12.68 8.37
CA HIS A 504 45.21 13.09 9.22
C HIS A 504 45.13 12.57 10.66
N GLY A 505 44.30 11.56 10.91
CA GLY A 505 44.17 11.05 12.28
C GLY A 505 42.82 10.48 12.73
N PRO A 506 41.88 11.36 13.00
CA PRO A 506 40.57 11.01 13.52
C PRO A 506 40.00 9.92 12.71
N LEU A 507 40.49 9.77 11.50
CA LEU A 507 39.78 8.83 10.69
C LEU A 507 39.97 7.43 11.29
N ALA A 508 40.73 7.32 12.37
CA ALA A 508 40.98 6.04 13.03
C ALA A 508 39.77 5.56 13.82
N LEU A 509 38.88 6.49 14.13
CA LEU A 509 37.77 6.19 15.03
C LEU A 509 36.76 5.37 14.30
N ILE A 510 36.54 5.71 13.06
CA ILE A 510 35.57 4.99 12.29
C ILE A 510 35.70 3.49 12.45
N ASP A 511 34.55 2.87 12.25
CA ASP A 511 34.37 1.45 12.40
C ASP A 511 32.92 1.03 12.17
N ALA A 512 32.67 -0.21 12.58
CA ALA A 512 31.49 -0.90 12.15
C ALA A 512 30.26 -0.15 12.67
N ASP A 513 30.37 0.27 13.95
CA ASP A 513 29.36 0.99 14.72
C ASP A 513 29.65 2.45 15.03
N MET A 514 29.89 3.24 14.02
CA MET A 514 30.12 4.63 14.24
C MET A 514 29.33 5.36 13.18
N PRO A 515 28.27 5.99 13.63
CA PRO A 515 27.40 6.72 12.74
C PRO A 515 28.09 7.99 12.43
N VAL A 516 27.78 8.56 11.28
CA VAL A 516 28.48 9.72 10.81
C VAL A 516 27.51 10.62 10.06
N ILE A 517 27.19 11.76 10.66
CA ILE A 517 26.11 12.56 10.12
C ILE A 517 26.82 13.48 9.18
N VAL A 518 26.32 13.66 7.98
CA VAL A 518 27.03 14.55 7.07
C VAL A 518 26.10 15.44 6.30
N VAL A 519 26.46 16.70 6.20
CA VAL A 519 25.60 17.64 5.51
C VAL A 519 26.19 17.98 4.17
N ALA A 520 25.38 17.93 3.11
CA ALA A 520 25.92 18.04 1.76
C ALA A 520 24.98 18.62 0.72
N PRO A 521 25.01 19.93 0.52
CA PRO A 521 24.17 20.52 -0.50
C PRO A 521 24.83 20.36 -1.86
N ASN A 522 24.20 20.94 -2.90
CA ASN A 522 24.81 21.09 -4.23
C ASN A 522 25.77 22.24 -4.10
N ASN A 523 26.74 22.06 -3.27
CA ASN A 523 27.88 22.91 -3.20
C ASN A 523 28.90 22.77 -4.34
N GLU A 524 29.81 23.71 -4.52
CA GLU A 524 30.95 23.30 -5.35
C GLU A 524 31.78 22.25 -4.62
N LEU A 525 31.98 22.34 -3.31
CA LEU A 525 32.79 21.32 -2.66
C LEU A 525 32.08 19.95 -2.61
N LEU A 526 30.95 19.85 -3.28
CA LEU A 526 30.22 18.56 -3.26
C LEU A 526 31.12 17.33 -3.37
N GLU A 527 31.82 17.22 -4.51
CA GLU A 527 32.58 16.02 -4.82
C GLU A 527 33.68 15.81 -3.82
N LYS A 528 34.36 16.89 -3.44
CA LYS A 528 35.38 16.72 -2.40
C LYS A 528 34.78 15.93 -1.28
N LEU A 529 33.56 16.28 -0.99
CA LEU A 529 32.97 15.79 0.20
C LEU A 529 32.61 14.37 -0.13
N LYS A 530 32.18 14.21 -1.38
CA LYS A 530 31.42 13.02 -1.73
C LYS A 530 32.41 11.93 -1.46
N SER A 531 33.66 12.35 -1.59
CA SER A 531 34.81 11.50 -1.34
C SER A 531 34.91 11.05 0.12
N ASN A 532 35.12 11.99 1.03
CA ASN A 532 35.47 11.60 2.39
C ASN A 532 34.28 10.81 2.92
N ILE A 533 33.12 11.06 2.34
CA ILE A 533 32.01 10.18 2.66
C ILE A 533 32.53 8.82 2.24
N GLU A 534 32.86 8.65 0.95
CA GLU A 534 33.29 7.32 0.49
C GLU A 534 34.49 6.80 1.27
N GLU A 535 35.42 7.68 1.63
CA GLU A 535 36.50 7.23 2.51
C GLU A 535 35.91 6.64 3.80
N VAL A 536 35.05 7.36 4.54
CA VAL A 536 34.63 6.74 5.80
C VAL A 536 33.96 5.47 5.31
N ARG A 537 33.14 5.64 4.29
CA ARG A 537 32.16 4.61 3.96
C ARG A 537 32.93 3.31 3.94
N ALA A 538 34.08 3.40 3.30
CA ALA A 538 34.92 2.26 3.00
C ALA A 538 35.65 1.79 4.20
N ARG A 539 35.09 2.00 5.36
CA ARG A 539 35.83 1.56 6.52
C ARG A 539 34.86 1.20 7.60
N GLY A 540 33.58 1.20 7.24
CA GLY A 540 32.56 0.66 8.10
C GLY A 540 31.51 1.70 8.34
N GLY A 541 31.91 2.69 9.12
CA GLY A 541 31.07 3.84 9.35
C GLY A 541 29.70 3.79 8.72
N GLN A 542 28.68 3.71 9.58
CA GLN A 542 27.31 3.84 9.14
C GLN A 542 27.10 5.32 8.84
N LEU A 543 26.49 5.62 7.69
CA LEU A 543 26.43 7.00 7.20
C LEU A 543 25.07 7.62 6.98
N TYR A 544 24.71 8.60 7.81
CA TYR A 544 23.46 9.31 7.62
C TYR A 544 23.87 10.59 6.91
N VAL A 545 23.47 10.72 5.65
CA VAL A 545 23.86 11.92 4.90
C VAL A 545 22.71 12.82 4.41
N PHE A 546 22.66 14.05 4.95
CA PHE A 546 21.60 15.01 4.63
C PHE A 546 22.01 15.69 3.35
N ALA A 547 21.69 15.12 2.20
CA ALA A 547 22.19 15.68 0.93
C ALA A 547 21.14 16.21 0.00
N ASP A 548 21.45 17.34 -0.63
CA ASP A 548 20.54 17.91 -1.60
C ASP A 548 19.83 16.82 -2.37
N GLN A 549 18.58 17.08 -2.69
CA GLN A 549 17.83 16.13 -3.47
C GLN A 549 18.61 15.76 -4.73
N ASP A 550 19.22 16.72 -5.42
CA ASP A 550 20.00 16.36 -6.62
C ASP A 550 21.51 16.02 -6.49
N ALA A 551 21.98 15.65 -5.30
CA ALA A 551 23.40 15.29 -5.05
C ALA A 551 23.90 14.22 -5.95
N GLY A 552 23.24 13.08 -5.89
CA GLY A 552 23.62 11.90 -6.64
C GLY A 552 23.71 10.75 -5.65
N PHE A 553 23.85 11.07 -4.37
CA PHE A 553 23.97 9.99 -3.40
C PHE A 553 23.00 8.87 -3.71
N VAL A 554 23.35 7.66 -3.28
CA VAL A 554 22.47 6.52 -3.43
C VAL A 554 22.23 5.70 -2.15
N SER A 555 20.97 5.37 -1.87
CA SER A 555 20.63 4.67 -0.64
C SER A 555 21.47 3.42 -0.43
N SER A 556 21.55 2.97 0.82
CA SER A 556 22.29 1.76 1.11
C SER A 556 22.32 1.50 2.61
N ASP A 557 22.31 0.22 2.97
CA ASP A 557 22.25 -0.20 4.35
C ASP A 557 23.31 0.57 5.15
N ASN A 558 24.47 0.77 4.53
CA ASN A 558 25.60 1.40 5.20
C ASN A 558 25.53 2.90 4.96
N MET A 559 24.80 3.31 3.93
CA MET A 559 24.75 4.73 3.61
C MET A 559 23.33 5.28 3.42
N HIS A 560 22.76 5.78 4.52
CA HIS A 560 21.43 6.43 4.58
C HIS A 560 21.36 7.86 4.12
N ILE A 561 20.56 8.06 3.09
CA ILE A 561 20.50 9.33 2.44
C ILE A 561 19.16 9.91 2.82
N ILE A 562 19.14 11.17 3.23
CA ILE A 562 17.91 11.91 3.54
C ILE A 562 17.71 13.14 2.63
N GLU A 563 17.06 12.94 1.48
CA GLU A 563 16.87 13.98 0.47
C GLU A 563 16.64 15.34 1.13
N MET A 564 17.19 16.42 0.57
CA MET A 564 16.97 17.74 1.16
C MET A 564 16.36 18.57 0.08
N PRO A 565 15.40 19.38 0.43
CA PRO A 565 14.77 20.24 -0.56
C PRO A 565 15.79 21.22 -1.03
N HIS A 566 16.04 21.20 -2.34
CA HIS A 566 16.92 22.18 -2.96
C HIS A 566 16.79 23.52 -2.26
N VAL A 567 17.91 24.08 -1.84
CA VAL A 567 17.87 25.38 -1.17
C VAL A 567 18.68 26.30 -2.02
N GLU A 568 18.74 27.57 -1.63
CA GLU A 568 19.68 28.48 -2.28
C GLU A 568 21.02 28.05 -1.75
N GLU A 569 21.98 28.95 -1.61
CA GLU A 569 23.30 28.50 -1.17
C GLU A 569 23.81 29.59 -0.26
N VAL A 570 23.43 30.82 -0.56
CA VAL A 570 23.72 31.89 0.38
C VAL A 570 23.12 31.59 1.76
N ILE A 571 21.97 30.93 1.81
CA ILE A 571 21.31 30.62 3.08
C ILE A 571 21.47 29.13 3.36
N ALA A 572 22.31 28.48 2.56
CA ALA A 572 22.42 27.04 2.72
C ALA A 572 22.80 26.57 4.13
N PRO A 573 23.83 27.14 4.75
CA PRO A 573 24.19 26.76 6.13
C PRO A 573 23.02 26.91 7.12
N ILE A 574 22.13 27.87 6.94
CA ILE A 574 21.01 27.95 7.88
C ILE A 574 20.15 26.73 7.67
N PHE A 575 19.66 26.61 6.46
CA PHE A 575 18.78 25.52 6.12
C PHE A 575 19.30 24.20 6.65
N TYR A 576 20.50 23.82 6.24
CA TYR A 576 21.00 22.51 6.60
C TYR A 576 21.16 22.37 8.08
N THR A 577 21.02 23.48 8.80
CA THR A 577 21.08 23.36 10.26
C THR A 577 19.87 22.66 10.86
N VAL A 578 18.71 23.03 10.35
CA VAL A 578 17.44 22.62 10.94
C VAL A 578 17.31 21.12 11.15
N PRO A 579 17.55 20.36 10.09
CA PRO A 579 17.42 18.90 10.14
C PRO A 579 18.36 18.39 11.17
N LEU A 580 19.50 19.04 11.26
CA LEU A 580 20.39 18.56 12.29
C LEU A 580 19.77 18.82 13.66
N GLN A 581 18.85 19.80 13.77
CA GLN A 581 18.29 20.18 15.08
C GLN A 581 17.25 19.14 15.45
N LEU A 582 16.38 18.86 14.48
CA LEU A 582 15.41 17.78 14.62
C LEU A 582 16.10 16.55 15.13
N LEU A 583 17.13 16.12 14.41
CA LEU A 583 17.77 14.87 14.74
C LEU A 583 18.24 14.94 16.18
N ALA A 584 18.74 16.09 16.65
CA ALA A 584 19.32 16.01 18.00
C ALA A 584 18.15 15.84 18.95
N TYR A 585 17.11 16.62 18.73
CA TYR A 585 15.91 16.54 19.54
C TYR A 585 15.36 15.13 19.55
N HIS A 586 15.02 14.59 18.38
CA HIS A 586 14.50 13.22 18.30
C HIS A 586 15.40 12.16 18.92
N VAL A 587 16.70 12.27 18.72
CA VAL A 587 17.57 11.25 19.31
C VAL A 587 17.44 11.36 20.84
N ALA A 588 17.21 12.59 21.29
CA ALA A 588 17.12 12.93 22.70
C ALA A 588 15.88 12.31 23.28
N LEU A 589 14.83 12.21 22.47
CA LEU A 589 13.61 11.59 22.95
C LEU A 589 13.93 10.11 23.05
N ILE A 590 14.26 9.48 21.93
CA ILE A 590 14.71 8.10 22.00
C ILE A 590 15.67 7.91 23.17
N LYS A 591 16.58 8.84 23.38
CA LYS A 591 17.47 8.65 24.52
C LYS A 591 16.72 8.75 25.86
N GLY A 592 15.64 9.53 25.90
CA GLY A 592 14.90 9.73 27.14
C GLY A 592 15.51 10.81 28.02
N THR A 593 16.01 11.85 27.36
CA THR A 593 16.76 12.88 28.06
C THR A 593 15.98 14.15 28.31
N ASP A 594 16.52 14.98 29.21
CA ASP A 594 16.03 16.34 29.47
C ASP A 594 16.18 17.23 28.27
N VAL A 595 15.45 16.88 27.25
CA VAL A 595 15.53 17.64 26.04
C VAL A 595 15.62 19.14 26.37
N ASP A 596 14.88 19.66 27.36
CA ASP A 596 14.95 21.13 27.65
C ASP A 596 15.94 21.61 28.75
N GLN A 597 16.25 20.83 29.77
CA GLN A 597 17.41 21.19 30.59
C GLN A 597 18.36 20.01 30.74
N PRO A 598 19.28 19.92 29.81
CA PRO A 598 20.26 18.84 29.80
C PRO A 598 21.06 18.90 31.07
N ARG A 599 21.63 17.80 31.55
CA ARG A 599 22.44 17.94 32.76
C ARG A 599 23.64 18.87 32.73
N ASN A 600 24.20 19.02 33.92
CA ASN A 600 25.27 19.96 34.24
C ASN A 600 25.25 21.31 33.63
N LEU A 601 24.17 21.62 32.95
CA LEU A 601 24.02 22.90 32.30
C LEU A 601 22.93 23.80 32.82
N ALA A 602 22.65 24.83 32.03
CA ALA A 602 21.51 25.72 32.26
C ALA A 602 21.54 26.89 31.33
N LYS A 603 20.49 27.10 30.54
CA LYS A 603 20.54 28.24 29.65
C LYS A 603 21.26 29.45 30.26
N SER A 604 21.62 30.31 29.32
CA SER A 604 22.63 31.33 29.39
C SER A 604 23.65 31.36 30.51
N VAL A 605 24.94 31.30 30.17
CA VAL A 605 25.98 31.19 31.19
C VAL A 605 26.46 32.56 31.57
N THR A 606 26.06 33.12 32.70
CA THR A 606 26.30 34.56 32.87
C THR A 606 27.17 34.78 34.09
N VAL A 607 27.47 33.67 34.73
CA VAL A 607 28.38 33.55 35.82
C VAL A 607 29.58 34.19 35.21
N GLU A 608 30.71 33.49 35.11
CA GLU A 608 31.95 34.09 34.62
C GLU A 608 33.03 33.08 34.19
N CYS B 1 -0.83 -29.98 9.05
CA CYS B 1 -1.32 -30.77 10.21
C CYS B 1 -0.38 -32.01 10.28
N GLY B 2 0.52 -32.09 11.27
CA GLY B 2 1.40 -33.26 11.39
C GLY B 2 1.77 -33.90 12.71
N ILE B 3 1.46 -35.20 12.81
CA ILE B 3 1.73 -36.00 13.98
C ILE B 3 3.19 -36.37 14.16
N VAL B 4 3.57 -36.75 15.38
CA VAL B 4 4.94 -37.14 15.64
C VAL B 4 5.12 -37.85 16.98
N GLY B 5 4.71 -39.10 17.06
CA GLY B 5 5.07 -39.92 18.22
C GLY B 5 6.55 -40.19 18.44
N ALA B 6 6.84 -40.78 19.60
CA ALA B 6 8.20 -41.15 19.88
C ALA B 6 8.47 -41.90 21.17
N ILE B 7 8.31 -43.21 21.22
CA ILE B 7 8.69 -43.89 22.46
C ILE B 7 10.14 -44.31 22.56
N ALA B 8 10.86 -43.73 23.51
CA ALA B 8 12.30 -43.97 23.59
C ALA B 8 12.89 -44.51 24.91
N GLN B 9 13.63 -43.68 25.63
CA GLN B 9 14.36 -44.14 26.82
C GLN B 9 15.18 -42.98 27.31
N ARG B 10 15.04 -41.87 26.59
CA ARG B 10 15.57 -40.61 27.01
C ARG B 10 14.49 -39.57 26.80
N ASP B 11 14.63 -38.44 27.46
CA ASP B 11 13.55 -37.48 27.33
C ASP B 11 13.36 -37.17 25.85
N VAL B 12 12.18 -37.55 25.34
CA VAL B 12 11.77 -37.26 23.98
C VAL B 12 11.20 -35.86 23.94
N ALA B 13 11.78 -35.07 24.83
CA ALA B 13 11.70 -33.63 24.87
C ALA B 13 11.70 -32.99 23.49
N GLU B 14 12.91 -32.55 23.19
CA GLU B 14 13.29 -31.86 22.00
C GLU B 14 12.87 -32.70 20.81
N ILE B 15 13.37 -33.92 20.72
CA ILE B 15 13.07 -34.72 19.55
C ILE B 15 11.64 -34.40 19.14
N LEU B 16 10.73 -34.39 20.10
CA LEU B 16 9.31 -34.16 19.85
C LEU B 16 8.98 -32.80 19.27
N LEU B 17 9.35 -31.74 19.98
CA LEU B 17 9.11 -30.39 19.44
C LEU B 17 9.89 -30.15 18.16
N GLU B 18 11.03 -30.82 18.03
CA GLU B 18 11.86 -30.66 16.86
C GLU B 18 11.02 -31.15 15.68
N GLY B 19 10.60 -32.41 15.78
CA GLY B 19 9.67 -32.98 14.84
C GLY B 19 8.58 -32.01 14.44
N LEU B 20 8.17 -31.20 15.39
CA LEU B 20 7.12 -30.26 15.09
C LEU B 20 7.67 -29.16 14.22
N ARG B 21 8.69 -28.49 14.72
CA ARG B 21 9.21 -27.34 14.02
C ARG B 21 9.23 -27.78 12.60
N ARG B 22 9.76 -28.98 12.48
CA ARG B 22 10.05 -29.58 11.22
C ARG B 22 8.80 -29.88 10.36
N LEU B 23 7.58 -29.91 10.92
CA LEU B 23 6.40 -30.09 10.06
C LEU B 23 5.54 -28.87 10.13
N GLU B 24 5.92 -27.96 11.01
CA GLU B 24 5.17 -26.70 11.18
C GLU B 24 4.69 -26.11 9.84
N TYR B 25 5.44 -26.35 8.75
CA TYR B 25 5.10 -25.77 7.44
C TYR B 25 3.79 -26.34 6.94
N ARG B 26 3.13 -27.19 7.71
CA ARG B 26 1.92 -27.81 7.16
C ARG B 26 0.70 -27.67 8.06
N GLY B 27 0.86 -26.85 9.10
CA GLY B 27 -0.20 -26.44 10.01
C GLY B 27 0.41 -25.57 11.10
N TYR B 28 0.10 -24.28 11.16
CA TYR B 28 0.76 -23.41 12.17
C TYR B 28 -0.21 -22.57 13.04
N ASP B 29 -1.39 -23.10 13.30
CA ASP B 29 -2.34 -22.54 14.25
C ASP B 29 -2.26 -23.00 15.69
N SER B 30 -1.95 -24.27 15.90
CA SER B 30 -1.81 -24.82 17.24
C SER B 30 -0.74 -25.91 17.30
N ALA B 31 -0.38 -26.34 18.50
CA ALA B 31 0.63 -27.38 18.60
C ALA B 31 0.43 -28.29 19.78
N GLY B 32 1.26 -28.12 20.80
CA GLY B 32 1.18 -29.00 21.95
C GLY B 32 1.61 -30.43 21.73
N LEU B 33 2.35 -30.96 22.69
CA LEU B 33 2.71 -32.35 22.73
C LEU B 33 2.24 -32.83 24.06
N ALA B 34 2.82 -33.91 24.53
CA ALA B 34 2.24 -34.63 25.64
C ALA B 34 3.12 -35.84 25.86
N VAL B 35 3.58 -36.06 27.08
CA VAL B 35 4.59 -37.07 27.28
C VAL B 35 4.43 -37.71 28.64
N VAL B 36 4.31 -39.03 28.67
CA VAL B 36 4.19 -39.70 29.95
C VAL B 36 5.57 -39.96 30.55
N ASP B 37 5.65 -40.90 31.49
CA ASP B 37 6.93 -41.25 32.05
C ASP B 37 6.93 -42.60 32.80
N ALA B 38 8.11 -42.97 33.27
CA ALA B 38 8.37 -44.22 33.97
C ALA B 38 7.13 -44.80 34.53
N GLU B 39 6.82 -44.13 35.62
CA GLU B 39 5.70 -44.33 36.46
C GLU B 39 4.41 -44.29 35.69
N GLY B 40 4.10 -43.13 35.15
CA GLY B 40 2.92 -42.99 34.34
C GLY B 40 2.49 -41.54 34.41
N HIS B 41 3.38 -40.73 34.99
CA HIS B 41 3.11 -39.30 35.21
C HIS B 41 3.00 -38.53 33.89
N MET B 42 1.77 -38.33 33.41
CA MET B 42 1.56 -37.84 32.05
C MET B 42 1.73 -36.34 32.02
N THR B 43 1.56 -35.71 30.89
CA THR B 43 1.82 -34.26 30.87
C THR B 43 1.60 -33.70 29.50
N ARG B 44 0.48 -33.03 29.31
CA ARG B 44 0.12 -32.60 27.99
C ARG B 44 0.56 -31.15 28.06
N LEU B 45 0.40 -30.41 26.98
CA LEU B 45 0.74 -28.98 26.97
C LEU B 45 0.61 -28.41 25.57
N ARG B 46 -0.53 -27.78 25.32
CA ARG B 46 -0.85 -27.21 24.03
C ARG B 46 -0.56 -25.71 24.05
N ARG B 47 -0.78 -25.05 22.91
CA ARG B 47 -0.54 -23.62 22.77
C ARG B 47 -0.88 -23.20 21.37
N LEU B 48 -1.24 -21.94 21.22
CA LEU B 48 -1.78 -21.50 19.95
C LEU B 48 -0.68 -20.93 19.04
N GLY B 49 -0.90 -21.02 17.74
CA GLY B 49 0.03 -20.43 16.81
C GLY B 49 1.25 -21.22 16.42
N LYS B 50 2.34 -20.49 16.37
CA LYS B 50 3.50 -21.08 15.81
C LYS B 50 4.10 -21.94 16.89
N VAL B 51 4.84 -22.93 16.47
CA VAL B 51 5.35 -23.91 17.39
C VAL B 51 6.34 -23.28 18.32
N GLN B 52 6.84 -22.14 17.92
CA GLN B 52 7.71 -21.46 18.80
C GLN B 52 7.03 -21.30 20.12
N MET B 53 5.72 -21.30 20.15
CA MET B 53 5.10 -20.96 21.40
C MET B 53 5.26 -22.22 22.23
N LEU B 54 4.68 -23.27 21.70
CA LEU B 54 4.76 -24.52 22.38
C LEU B 54 6.18 -24.71 22.83
N ALA B 55 7.13 -24.26 22.03
CA ALA B 55 8.50 -24.45 22.45
C ALA B 55 8.71 -23.88 23.83
N GLN B 56 8.47 -22.57 23.96
CA GLN B 56 8.66 -21.89 25.24
C GLN B 56 7.74 -22.52 26.28
N ALA B 57 6.53 -22.89 25.89
CA ALA B 57 5.67 -23.42 26.92
C ALA B 57 6.57 -24.38 27.62
N ALA B 58 7.07 -25.27 26.79
CA ALA B 58 7.78 -26.42 27.22
C ALA B 58 9.13 -26.03 27.79
N GLU B 59 9.65 -24.90 27.34
CA GLU B 59 10.99 -24.56 27.75
C GLU B 59 11.00 -24.19 29.24
N GLU B 60 9.97 -23.47 29.72
CA GLU B 60 9.91 -23.04 31.13
C GLU B 60 9.48 -24.24 31.98
N HIS B 61 8.55 -25.04 31.45
CA HIS B 61 8.10 -26.27 32.10
C HIS B 61 8.61 -27.46 31.32
N PRO B 62 9.85 -27.85 31.56
CA PRO B 62 10.46 -28.94 30.82
C PRO B 62 9.81 -30.26 31.11
N LEU B 63 9.28 -30.88 30.07
CA LEU B 63 8.57 -32.12 30.22
C LEU B 63 9.57 -33.26 30.32
N HIS B 64 9.23 -34.31 31.06
CA HIS B 64 10.15 -35.44 31.14
C HIS B 64 9.53 -36.78 30.79
N GLY B 65 10.33 -37.67 30.24
CA GLY B 65 9.88 -39.01 29.96
C GLY B 65 10.15 -39.50 28.58
N GLY B 66 10.24 -40.82 28.47
CA GLY B 66 10.46 -41.49 27.21
C GLY B 66 9.32 -41.43 26.22
N THR B 67 8.09 -41.75 26.61
CA THR B 67 7.04 -41.82 25.59
C THR B 67 6.37 -40.49 25.39
N GLY B 68 5.91 -40.20 24.19
CA GLY B 68 5.44 -38.86 23.89
C GLY B 68 4.90 -38.69 22.50
N ILE B 69 3.93 -37.79 22.33
CA ILE B 69 3.42 -37.52 21.01
C ILE B 69 3.00 -36.08 20.95
N ALA B 70 3.04 -35.48 19.76
CA ALA B 70 2.71 -34.07 19.60
C ALA B 70 2.03 -33.92 18.28
N HIS B 71 1.88 -32.68 17.84
CA HIS B 71 1.03 -32.35 16.69
C HIS B 71 1.08 -30.84 16.40
N THR B 72 0.96 -30.49 15.12
CA THR B 72 0.81 -29.08 14.72
C THR B 72 -0.33 -29.00 13.76
N ARG B 73 -1.32 -28.19 14.11
CA ARG B 73 -2.63 -28.26 13.49
C ARG B 73 -2.80 -27.04 12.63
N TRP B 74 -3.38 -27.21 11.46
CA TRP B 74 -3.85 -26.03 10.72
C TRP B 74 -5.35 -25.92 10.91
N ALA B 75 -5.73 -25.07 11.84
CA ALA B 75 -7.12 -24.96 12.20
C ALA B 75 -7.81 -24.08 11.21
N THR B 76 -8.57 -24.69 10.35
CA THR B 76 -9.34 -23.91 9.42
C THR B 76 -10.66 -23.37 9.99
N HIS B 77 -11.46 -24.19 10.65
CA HIS B 77 -12.70 -23.68 11.25
C HIS B 77 -12.32 -23.21 12.64
N GLY B 78 -12.37 -21.91 12.91
CA GLY B 78 -11.76 -21.42 14.13
C GLY B 78 -12.55 -21.73 15.40
N GLU B 79 -12.75 -23.02 15.71
CA GLU B 79 -13.45 -23.43 16.95
C GLU B 79 -12.70 -22.86 18.17
N PRO B 80 -13.19 -23.02 19.41
CA PRO B 80 -12.44 -22.40 20.49
C PRO B 80 -11.03 -22.93 20.24
N SER B 81 -10.17 -21.98 19.96
CA SER B 81 -8.77 -22.22 19.62
C SER B 81 -8.07 -23.41 20.30
N GLU B 82 -7.32 -23.08 21.35
CA GLU B 82 -6.35 -23.96 22.02
C GLU B 82 -6.98 -25.24 22.54
N VAL B 83 -8.27 -25.15 22.85
CA VAL B 83 -9.02 -26.29 23.34
C VAL B 83 -9.10 -27.39 22.31
N ASN B 84 -9.13 -27.00 21.04
CA ASN B 84 -9.17 -27.99 19.96
C ASN B 84 -7.79 -28.49 19.57
N ALA B 85 -6.74 -27.82 20.00
CA ALA B 85 -5.39 -28.32 19.74
C ALA B 85 -5.18 -29.70 20.37
N HIS B 86 -4.51 -30.62 19.67
CA HIS B 86 -4.23 -31.96 20.23
C HIS B 86 -2.84 -31.87 20.83
N PRO B 87 -2.39 -32.80 21.67
CA PRO B 87 -3.05 -34.05 22.06
C PRO B 87 -4.39 -33.88 22.70
N HIS B 88 -5.30 -34.76 22.34
CA HIS B 88 -6.60 -34.78 22.96
C HIS B 88 -6.65 -36.08 23.72
N VAL B 89 -7.18 -36.02 24.93
CA VAL B 89 -7.12 -37.15 25.82
C VAL B 89 -8.53 -37.56 26.15
N SER B 90 -8.64 -38.72 26.77
CA SER B 90 -9.89 -39.29 27.24
C SER B 90 -9.38 -40.11 28.38
N GLU B 91 -8.76 -39.42 29.31
CA GLU B 91 -8.40 -40.01 30.56
C GLU B 91 -6.97 -40.38 30.27
N HIS B 92 -6.72 -41.67 30.41
CA HIS B 92 -5.42 -42.24 30.25
C HIS B 92 -5.12 -42.44 28.76
N ILE B 93 -6.06 -42.14 27.85
CA ILE B 93 -5.79 -42.32 26.41
C ILE B 93 -5.52 -41.00 25.77
N VAL B 94 -4.27 -40.67 25.53
CA VAL B 94 -3.95 -39.45 24.80
C VAL B 94 -3.91 -39.78 23.32
N VAL B 95 -4.13 -38.81 22.46
CA VAL B 95 -4.29 -39.12 21.06
C VAL B 95 -4.22 -37.95 20.12
N VAL B 96 -3.12 -37.81 19.39
CA VAL B 96 -3.14 -36.86 18.30
C VAL B 96 -3.44 -37.64 17.04
N HIS B 97 -3.75 -36.94 15.96
CA HIS B 97 -3.98 -37.64 14.71
C HIS B 97 -3.89 -36.69 13.60
N ASN B 98 -3.82 -37.25 12.42
CA ASN B 98 -3.66 -36.48 11.22
C ASN B 98 -4.75 -37.10 10.33
N GLY B 99 -5.62 -36.25 9.77
CA GLY B 99 -6.68 -36.70 8.89
C GLY B 99 -8.06 -36.17 9.22
N ILE B 100 -9.05 -37.03 9.07
CA ILE B 100 -10.40 -36.58 9.29
C ILE B 100 -11.27 -37.77 9.68
N ILE B 101 -12.30 -37.54 10.48
CA ILE B 101 -13.20 -38.64 10.81
C ILE B 101 -14.62 -38.35 10.31
N GLU B 102 -15.00 -38.91 9.17
CA GLU B 102 -16.32 -38.64 8.62
C GLU B 102 -17.35 -38.76 9.73
N ASN B 103 -17.48 -39.96 10.29
CA ASN B 103 -18.56 -40.20 11.23
C ASN B 103 -18.19 -39.71 12.60
N HIS B 104 -17.45 -38.62 12.64
CA HIS B 104 -17.06 -38.10 13.93
C HIS B 104 -18.24 -37.53 14.66
N GLU B 105 -19.43 -37.71 14.09
CA GLU B 105 -20.63 -37.19 14.74
C GLU B 105 -21.54 -38.29 15.29
N PRO B 106 -21.93 -39.22 14.44
CA PRO B 106 -22.72 -40.35 14.88
C PRO B 106 -21.97 -41.05 15.99
N LEU B 107 -20.74 -40.64 16.18
CA LEU B 107 -19.90 -41.28 17.15
C LEU B 107 -20.01 -40.52 18.43
N ARG B 108 -19.72 -39.24 18.35
CA ARG B 108 -19.77 -38.40 19.53
C ARG B 108 -21.07 -38.70 20.25
N GLU B 109 -22.12 -38.92 19.47
CA GLU B 109 -23.40 -39.11 20.10
C GLU B 109 -23.33 -40.44 20.84
N GLU B 110 -23.17 -41.51 20.07
CA GLU B 110 -23.14 -42.84 20.64
C GLU B 110 -22.17 -42.80 21.86
N LEU B 111 -21.19 -41.91 21.89
CA LEU B 111 -20.26 -41.92 23.02
C LEU B 111 -20.78 -41.14 24.21
N LYS B 112 -21.24 -39.94 23.93
CA LYS B 112 -21.80 -39.09 24.96
C LYS B 112 -22.88 -39.88 25.63
N ALA B 113 -23.58 -40.67 24.82
CA ALA B 113 -24.53 -41.62 25.32
C ALA B 113 -23.71 -42.37 26.34
N ARG B 114 -22.95 -43.31 25.82
CA ARG B 114 -22.30 -44.33 26.61
C ARG B 114 -21.67 -43.81 27.88
N GLY B 115 -21.45 -42.51 27.98
CA GLY B 115 -21.09 -41.94 29.26
C GLY B 115 -20.08 -40.83 29.15
N TYR B 116 -19.94 -40.28 27.97
CA TYR B 116 -18.75 -39.52 27.69
C TYR B 116 -18.88 -38.00 27.56
N THR B 117 -17.92 -37.29 28.15
CA THR B 117 -18.00 -35.84 28.26
C THR B 117 -17.06 -35.12 27.31
N PHE B 118 -17.51 -34.77 26.12
CA PHE B 118 -16.59 -34.11 25.18
C PHE B 118 -16.12 -32.67 25.46
N VAL B 119 -15.15 -32.50 26.35
CA VAL B 119 -14.60 -31.15 26.51
C VAL B 119 -14.27 -30.40 25.22
N SER B 120 -14.74 -30.89 24.07
CA SER B 120 -14.55 -30.15 22.84
C SER B 120 -15.00 -30.90 21.65
N GLU B 121 -15.05 -30.19 20.54
CA GLU B 121 -15.54 -30.79 19.33
C GLU B 121 -14.42 -30.94 18.30
N THR B 122 -13.70 -32.07 18.37
CA THR B 122 -12.64 -32.40 17.39
C THR B 122 -12.61 -33.86 17.08
N ASP B 123 -12.75 -34.18 15.79
CA ASP B 123 -12.82 -35.57 15.40
C ASP B 123 -11.63 -36.34 15.99
N THR B 124 -11.04 -35.79 17.04
CA THR B 124 -9.95 -36.49 17.71
C THR B 124 -10.46 -37.03 19.02
N GLU B 125 -10.90 -36.10 19.86
CA GLU B 125 -11.41 -36.41 21.17
C GLU B 125 -12.37 -37.57 21.02
N VAL B 126 -13.01 -37.62 19.86
CA VAL B 126 -13.87 -38.74 19.56
C VAL B 126 -12.98 -39.99 19.65
N ILE B 127 -11.90 -40.06 18.87
CA ILE B 127 -11.01 -41.25 18.94
C ILE B 127 -10.55 -41.62 20.35
N ALA B 128 -9.85 -40.73 21.04
CA ALA B 128 -9.53 -41.08 22.43
C ALA B 128 -10.68 -41.71 23.20
N HIS B 129 -11.88 -41.12 23.28
CA HIS B 129 -12.94 -41.82 24.06
C HIS B 129 -13.24 -43.19 23.45
N LEU B 130 -13.51 -43.24 22.15
CA LEU B 130 -13.78 -44.53 21.51
C LEU B 130 -12.78 -45.63 21.88
N VAL B 131 -11.49 -45.28 21.79
CA VAL B 131 -10.41 -46.20 22.15
C VAL B 131 -10.60 -46.49 23.64
N ASN B 132 -10.77 -45.42 24.40
CA ASN B 132 -11.15 -45.53 25.80
C ASN B 132 -12.27 -46.53 26.10
N TRP B 133 -13.42 -46.35 25.45
CA TRP B 133 -14.55 -47.21 25.69
C TRP B 133 -14.22 -48.64 25.22
N GLU B 134 -13.32 -48.76 24.26
CA GLU B 134 -12.97 -50.06 23.71
C GLU B 134 -12.01 -50.84 24.60
N LEU B 135 -11.10 -50.12 25.23
CA LEU B 135 -10.07 -50.76 26.03
C LEU B 135 -10.80 -51.22 27.30
N LYS B 136 -11.68 -50.34 27.76
CA LYS B 136 -12.44 -50.59 28.97
C LYS B 136 -13.28 -51.84 28.83
N GLN B 137 -13.55 -52.27 27.61
CA GLN B 137 -14.30 -53.50 27.41
C GLN B 137 -13.42 -54.71 27.50
N GLY B 138 -12.17 -54.51 27.88
CA GLY B 138 -11.23 -55.59 28.05
C GLY B 138 -10.25 -55.81 26.92
N GLY B 139 -9.12 -56.41 27.26
CA GLY B 139 -8.19 -56.83 26.24
C GLY B 139 -7.07 -55.83 26.29
N THR B 140 -6.32 -55.71 25.20
CA THR B 140 -5.15 -54.82 25.12
C THR B 140 -5.31 -53.63 24.16
N LEU B 141 -4.71 -52.52 24.57
CA LEU B 141 -4.63 -51.34 23.74
C LEU B 141 -4.61 -51.82 22.28
N ARG B 142 -3.59 -52.59 21.91
CA ARG B 142 -3.53 -53.05 20.54
C ARG B 142 -4.80 -53.78 20.17
N GLU B 143 -5.34 -54.53 21.12
CA GLU B 143 -6.60 -55.26 20.90
C GLU B 143 -7.80 -54.30 20.83
N ALA B 144 -7.75 -53.25 21.63
CA ALA B 144 -8.81 -52.28 21.62
C ALA B 144 -8.71 -51.41 20.38
N VAL B 145 -7.54 -50.85 20.16
CA VAL B 145 -7.38 -49.95 19.02
C VAL B 145 -7.79 -50.67 17.76
N LEU B 146 -7.26 -51.87 17.62
CA LEU B 146 -7.67 -52.80 16.59
C LEU B 146 -9.18 -52.85 16.48
N ARG B 147 -9.87 -52.74 17.61
CA ARG B 147 -11.33 -52.75 17.61
C ARG B 147 -11.88 -51.44 17.10
N ALA B 148 -11.38 -50.35 17.66
CA ALA B 148 -11.79 -49.01 17.33
C ALA B 148 -11.61 -48.58 15.86
N ILE B 149 -10.46 -48.91 15.28
CA ILE B 149 -10.11 -48.47 13.92
C ILE B 149 -11.20 -48.82 12.88
N PRO B 150 -11.76 -50.02 12.94
CA PRO B 150 -12.79 -50.44 11.99
C PRO B 150 -14.09 -49.66 12.16
N GLN B 151 -14.10 -48.81 13.17
CA GLN B 151 -15.29 -48.01 13.48
C GLN B 151 -15.11 -46.58 12.98
N LEU B 152 -13.87 -46.18 12.73
CA LEU B 152 -13.66 -44.83 12.25
C LEU B 152 -13.67 -44.82 10.74
N ARG B 153 -14.61 -44.06 10.16
CA ARG B 153 -14.68 -43.84 8.72
C ARG B 153 -13.95 -42.55 8.37
N GLY B 154 -13.57 -42.40 7.11
CA GLY B 154 -12.74 -41.28 6.73
C GLY B 154 -11.25 -41.59 6.54
N ALA B 155 -10.52 -40.66 5.95
CA ALA B 155 -9.07 -40.82 5.79
C ALA B 155 -8.34 -40.17 6.92
N TYR B 156 -7.66 -40.95 7.73
CA TYR B 156 -6.83 -40.32 8.72
C TYR B 156 -5.66 -41.18 9.04
N GLY B 157 -4.88 -40.67 9.97
CA GLY B 157 -3.69 -41.33 10.41
C GLY B 157 -3.45 -40.86 11.81
N THR B 158 -3.27 -41.79 12.72
CA THR B 158 -3.12 -41.40 14.08
C THR B 158 -2.37 -42.34 14.95
N VAL B 159 -1.63 -41.74 15.87
CA VAL B 159 -1.00 -42.40 16.99
C VAL B 159 -1.81 -42.28 18.29
N ILE B 160 -1.65 -43.25 19.19
CA ILE B 160 -2.48 -43.38 20.36
C ILE B 160 -1.60 -43.90 21.46
N MET B 161 -1.73 -43.40 22.68
CA MET B 161 -0.91 -43.85 23.80
C MET B 161 -1.77 -44.04 25.06
N ASP B 162 -1.28 -44.74 26.09
CA ASP B 162 -2.06 -44.81 27.34
C ASP B 162 -1.25 -44.52 28.63
N SER B 163 -1.28 -43.25 29.03
CA SER B 163 -0.42 -42.73 30.07
C SER B 163 -0.28 -43.68 31.27
N ARG B 164 -0.92 -44.83 31.20
CA ARG B 164 -0.84 -45.80 32.29
C ARG B 164 0.23 -46.80 31.98
N HIS B 165 0.45 -46.91 30.69
CA HIS B 165 1.22 -47.97 30.13
C HIS B 165 2.02 -47.33 28.98
N PRO B 166 2.98 -46.50 29.36
CA PRO B 166 3.70 -45.63 28.44
C PRO B 166 4.81 -46.41 27.73
N ASP B 167 4.96 -47.68 28.09
CA ASP B 167 5.89 -48.61 27.43
C ASP B 167 5.49 -48.95 25.99
N THR B 168 4.60 -48.18 25.35
CA THR B 168 4.15 -48.53 24.01
C THR B 168 3.30 -47.55 23.28
N LEU B 169 3.29 -47.61 21.96
CA LEU B 169 2.40 -46.70 21.28
C LEU B 169 1.49 -47.51 20.42
N LEU B 170 0.93 -46.87 19.42
CA LEU B 170 0.01 -47.55 18.54
C LEU B 170 -0.28 -46.50 17.53
N ALA B 171 0.03 -46.76 16.30
CA ALA B 171 -0.24 -45.72 15.38
C ALA B 171 -1.02 -46.49 14.35
N ALA B 172 -1.76 -45.81 13.48
CA ALA B 172 -2.55 -46.55 12.49
C ALA B 172 -2.74 -45.70 11.24
N ARG B 173 -2.87 -46.35 10.09
CA ARG B 173 -2.92 -45.63 8.84
C ARG B 173 -4.27 -45.95 8.32
N SER B 174 -4.92 -45.02 7.64
CA SER B 174 -6.30 -45.22 7.25
C SER B 174 -6.63 -44.32 6.07
N GLY B 175 -5.78 -43.34 5.82
CA GLY B 175 -5.93 -42.54 4.62
C GLY B 175 -4.78 -41.55 4.53
N SER B 176 -4.03 -41.42 5.60
CA SER B 176 -2.95 -40.44 5.59
C SER B 176 -1.68 -41.12 6.01
N PRO B 177 -0.60 -40.65 5.43
CA PRO B 177 0.70 -41.21 5.67
C PRO B 177 1.11 -41.14 7.11
N LEU B 178 1.76 -42.22 7.51
CA LEU B 178 2.28 -42.37 8.84
C LEU B 178 3.44 -43.35 8.72
N VAL B 179 4.66 -42.88 8.88
CA VAL B 179 5.77 -43.81 8.82
C VAL B 179 6.55 -43.89 10.10
N ILE B 180 6.93 -45.11 10.48
CA ILE B 180 7.69 -45.35 11.69
C ILE B 180 9.15 -45.05 11.42
N GLY B 181 9.91 -44.80 12.47
CA GLY B 181 11.25 -44.28 12.31
C GLY B 181 12.22 -45.08 13.19
N LEU B 182 12.42 -46.38 12.89
CA LEU B 182 13.39 -47.25 13.60
C LEU B 182 14.68 -46.54 13.98
N GLY B 183 15.02 -46.64 15.27
CA GLY B 183 16.14 -45.91 15.86
C GLY B 183 16.78 -46.88 16.85
N MET B 184 17.84 -46.49 17.55
CA MET B 184 18.63 -47.49 18.29
C MET B 184 18.25 -47.79 19.78
N GLY B 185 17.23 -48.63 19.93
CA GLY B 185 16.67 -48.91 21.24
C GLY B 185 15.81 -47.74 21.59
N GLU B 186 14.96 -47.40 20.64
CA GLU B 186 14.19 -46.19 20.71
C GLU B 186 13.63 -45.78 19.35
N ASN B 187 12.53 -46.38 18.92
CA ASN B 187 11.77 -45.96 17.73
C ASN B 187 10.98 -44.67 17.78
N PHE B 188 10.81 -44.01 16.64
CA PHE B 188 9.99 -42.80 16.61
C PHE B 188 8.87 -42.96 15.60
N ILE B 189 8.03 -41.94 15.47
CA ILE B 189 6.96 -41.98 14.47
C ILE B 189 6.50 -40.59 14.06
N ALA B 190 6.01 -40.43 12.85
CA ALA B 190 5.73 -39.10 12.28
C ALA B 190 4.99 -39.28 10.98
N SER B 191 4.29 -38.24 10.54
CA SER B 191 3.46 -38.35 9.34
C SER B 191 4.29 -37.93 8.17
N ASP B 192 5.52 -37.53 8.44
CA ASP B 192 6.48 -37.27 7.40
C ASP B 192 7.87 -37.37 7.96
N GLN B 193 8.74 -38.05 7.24
CA GLN B 193 10.05 -38.36 7.78
C GLN B 193 10.81 -37.09 8.01
N LEU B 194 10.55 -36.14 7.14
CA LEU B 194 11.21 -34.88 7.20
C LEU B 194 11.38 -34.50 8.64
N ALA B 195 10.43 -34.96 9.44
CA ALA B 195 10.34 -34.67 10.87
C ALA B 195 11.28 -35.43 11.79
N LEU B 196 11.79 -36.55 11.33
CA LEU B 196 12.54 -37.44 12.19
C LEU B 196 14.02 -37.45 11.86
N LEU B 197 14.38 -36.69 10.82
CA LEU B 197 15.75 -36.78 10.26
C LEU B 197 16.86 -36.59 11.28
N PRO B 198 16.67 -35.79 12.32
CA PRO B 198 17.68 -35.70 13.37
C PRO B 198 17.80 -36.84 14.37
N VAL B 199 17.04 -37.94 14.28
CA VAL B 199 17.33 -39.09 15.18
C VAL B 199 17.52 -40.44 14.49
N THR B 200 16.85 -40.62 13.36
CA THR B 200 16.97 -41.86 12.60
C THR B 200 16.78 -41.48 11.14
N ARG B 201 17.06 -42.44 10.27
CA ARG B 201 16.98 -42.34 8.82
C ARG B 201 16.46 -43.65 8.25
N ARG B 202 16.57 -44.73 9.01
CA ARG B 202 15.85 -45.93 8.63
C ARG B 202 14.40 -45.64 8.97
N PHE B 203 13.51 -45.93 8.02
CA PHE B 203 12.08 -45.66 8.20
C PHE B 203 11.10 -46.67 7.59
N ILE B 204 10.57 -47.61 8.36
CA ILE B 204 9.43 -48.41 7.89
C ILE B 204 8.20 -47.57 7.64
N PHE B 205 7.78 -47.39 6.40
CA PHE B 205 6.55 -46.67 6.05
C PHE B 205 5.40 -47.63 6.32
N LEU B 206 4.15 -47.19 6.35
CA LEU B 206 3.11 -48.18 6.58
C LEU B 206 2.13 -48.02 5.50
N GLU B 207 1.41 -49.09 5.24
CA GLU B 207 0.58 -49.09 4.08
C GLU B 207 -0.79 -48.89 4.64
N GLU B 208 -1.70 -48.42 3.82
CA GLU B 208 -3.06 -48.29 4.29
C GLU B 208 -3.39 -49.46 5.21
N GLY B 209 -4.19 -49.15 6.22
CA GLY B 209 -4.75 -50.14 7.11
C GLY B 209 -3.53 -50.85 7.63
N ASP B 210 -2.74 -50.11 8.39
CA ASP B 210 -1.59 -50.72 9.03
C ASP B 210 -1.70 -50.19 10.45
N ILE B 211 -1.79 -51.09 11.42
CA ILE B 211 -1.83 -50.75 12.83
C ILE B 211 -0.53 -51.16 13.53
N ALA B 212 0.30 -50.20 13.87
CA ALA B 212 1.61 -50.53 14.40
C ALA B 212 1.60 -50.50 15.89
N GLU B 213 2.26 -51.46 16.49
CA GLU B 213 2.45 -51.37 17.92
C GLU B 213 3.94 -51.11 18.23
N ILE B 214 4.41 -49.90 18.00
CA ILE B 214 5.80 -49.55 18.33
C ILE B 214 6.20 -49.65 19.80
N THR B 215 7.50 -49.54 20.08
CA THR B 215 8.01 -49.55 21.45
C THR B 215 9.51 -49.43 21.46
N ARG B 216 10.06 -49.08 22.61
CA ARG B 216 11.44 -48.63 22.67
C ARG B 216 12.33 -49.74 22.14
N ARG B 217 11.86 -50.99 22.16
CA ARG B 217 12.68 -52.12 21.65
C ARG B 217 11.97 -52.96 20.62
N SER B 218 11.07 -52.37 19.85
CA SER B 218 10.40 -53.17 18.84
C SER B 218 9.41 -52.42 17.98
N VAL B 219 8.79 -53.16 17.07
CA VAL B 219 7.79 -52.59 16.21
C VAL B 219 7.10 -53.74 15.59
N ASN B 220 5.78 -53.67 15.46
CA ASN B 220 5.08 -54.84 14.98
C ASN B 220 3.82 -54.63 14.19
N ILE B 221 3.91 -53.91 13.09
CA ILE B 221 2.77 -53.80 12.18
C ILE B 221 1.82 -55.01 12.16
N PHE B 222 0.60 -54.73 11.72
CA PHE B 222 -0.48 -55.69 11.71
C PHE B 222 -1.54 -55.19 10.76
N ASP B 223 -2.03 -56.02 9.86
CA ASP B 223 -3.09 -55.56 9.00
C ASP B 223 -4.41 -55.52 9.77
N LYS B 224 -5.31 -54.68 9.30
CA LYS B 224 -6.60 -54.40 9.94
C LYS B 224 -7.27 -55.67 10.45
N THR B 225 -7.25 -56.71 9.62
CA THR B 225 -7.93 -57.95 9.97
C THR B 225 -7.34 -58.59 11.23
N GLY B 226 -6.31 -58.00 11.83
CA GLY B 226 -5.74 -58.60 13.03
C GLY B 226 -4.42 -59.32 12.78
N ALA B 227 -4.31 -59.94 11.61
CA ALA B 227 -3.13 -60.71 11.24
C ALA B 227 -1.90 -59.84 11.20
N GLU B 228 -0.77 -60.38 11.61
CA GLU B 228 0.47 -59.61 11.49
C GLU B 228 0.88 -59.40 10.04
N VAL B 229 2.01 -58.72 9.87
CA VAL B 229 2.64 -58.52 8.57
C VAL B 229 4.03 -58.00 8.79
N LYS B 230 4.80 -57.98 7.70
CA LYS B 230 6.19 -57.58 7.78
C LYS B 230 6.31 -56.32 6.93
N ARG B 231 7.25 -55.45 7.27
CA ARG B 231 7.48 -54.27 6.46
C ARG B 231 8.95 -53.91 6.37
N GLN B 232 9.39 -53.64 5.17
CA GLN B 232 10.82 -53.48 4.97
C GLN B 232 11.24 -52.08 5.34
N ASP B 233 12.43 -51.93 5.89
CA ASP B 233 12.86 -50.60 6.26
C ASP B 233 13.95 -49.99 5.40
N ILE B 234 13.55 -49.09 4.50
CA ILE B 234 14.46 -48.30 3.69
C ILE B 234 15.43 -47.38 4.45
N GLU B 235 15.79 -46.25 3.85
CA GLU B 235 16.77 -45.34 4.45
C GLU B 235 16.76 -44.02 3.69
N SER B 236 16.44 -42.89 4.33
CA SER B 236 16.14 -41.67 3.55
C SER B 236 17.19 -41.39 2.47
N ASN B 237 16.97 -40.28 1.78
CA ASN B 237 17.82 -39.85 0.68
C ASN B 237 17.73 -38.35 0.45
N LEU B 238 17.65 -37.56 1.53
CA LEU B 238 17.57 -36.09 1.38
C LEU B 238 18.80 -35.33 1.97
N GLN B 239 19.97 -35.54 1.36
CA GLN B 239 21.25 -35.14 1.98
C GLN B 239 21.92 -33.91 1.30
N TYR B 240 21.08 -32.96 0.92
CA TYR B 240 21.48 -31.72 0.25
C TYR B 240 21.09 -30.46 1.06
N ASP B 241 20.08 -30.60 1.91
CA ASP B 241 19.58 -29.56 2.80
C ASP B 241 18.51 -30.09 3.71
N ALA B 242 17.99 -31.26 3.37
CA ALA B 242 16.97 -31.84 4.21
C ALA B 242 15.86 -30.83 4.44
N GLY B 243 15.88 -30.29 5.65
CA GLY B 243 14.93 -29.27 6.04
C GLY B 243 15.70 -28.05 6.49
N ASP B 244 16.94 -27.96 6.01
CA ASP B 244 17.81 -26.85 6.30
C ASP B 244 17.94 -26.05 5.02
N LYS B 245 18.25 -24.77 5.19
CA LYS B 245 18.51 -23.89 4.07
C LYS B 245 19.93 -23.29 4.07
N GLY B 246 20.27 -22.61 5.17
CA GLY B 246 21.56 -21.97 5.31
C GLY B 246 21.77 -20.93 4.22
N ILE B 247 22.29 -21.41 3.10
CA ILE B 247 22.55 -20.56 1.95
C ILE B 247 21.58 -19.37 1.95
N TYR B 248 20.29 -19.66 2.16
CA TYR B 248 19.23 -18.67 2.02
C TYR B 248 18.48 -18.45 3.32
N ARG B 249 17.72 -17.36 3.37
CA ARG B 249 16.98 -17.01 4.56
C ARG B 249 15.50 -17.33 4.55
N HIS B 250 14.99 -18.01 3.54
CA HIS B 250 13.57 -18.34 3.49
C HIS B 250 13.41 -19.59 2.64
N TYR B 251 12.59 -20.54 3.08
CA TYR B 251 12.46 -21.76 2.29
C TYR B 251 12.09 -21.38 0.87
N MET B 252 11.22 -20.39 0.78
CA MET B 252 10.59 -19.97 -0.47
C MET B 252 11.66 -19.43 -1.38
N GLN B 253 12.68 -18.83 -0.77
CA GLN B 253 13.81 -18.29 -1.50
C GLN B 253 14.50 -19.47 -2.10
N LYS B 254 15.02 -20.27 -1.18
CA LYS B 254 15.73 -21.48 -1.54
C LYS B 254 14.96 -22.16 -2.64
N GLU B 255 13.65 -22.28 -2.44
CA GLU B 255 12.84 -23.02 -3.39
C GLU B 255 12.96 -22.30 -4.73
N ILE B 256 13.05 -20.98 -4.66
CA ILE B 256 12.91 -20.15 -5.84
C ILE B 256 14.20 -20.17 -6.60
N TYR B 257 15.23 -19.69 -5.90
CA TYR B 257 16.59 -19.57 -6.41
C TYR B 257 17.15 -20.93 -6.69
N GLU B 258 16.43 -21.96 -6.25
CA GLU B 258 16.85 -23.35 -6.48
C GLU B 258 16.02 -23.91 -7.60
N GLN B 259 15.38 -23.05 -8.37
CA GLN B 259 14.48 -23.50 -9.42
C GLN B 259 15.26 -24.14 -10.61
N PRO B 260 16.28 -23.44 -11.11
CA PRO B 260 17.15 -23.91 -12.20
C PRO B 260 17.60 -25.35 -12.08
N ASN B 261 18.45 -25.64 -11.10
CA ASN B 261 18.94 -27.00 -10.94
C ASN B 261 17.75 -27.95 -10.73
N ALA B 262 16.63 -27.38 -10.27
CA ALA B 262 15.39 -28.10 -9.98
C ALA B 262 14.81 -28.76 -11.20
N ILE B 263 14.76 -27.99 -12.27
CA ILE B 263 14.29 -28.44 -13.55
C ILE B 263 15.29 -29.43 -14.11
N LYS B 264 16.55 -29.18 -13.85
CA LYS B 264 17.62 -30.06 -14.30
C LYS B 264 17.26 -31.53 -14.04
N ASN B 265 16.85 -31.85 -12.81
CA ASN B 265 16.52 -33.23 -12.45
C ASN B 265 15.16 -33.70 -12.99
N THR B 266 14.38 -32.78 -13.50
CA THR B 266 13.05 -33.15 -13.92
C THR B 266 13.12 -34.02 -15.16
N LEU B 267 13.32 -33.33 -16.27
CA LEU B 267 13.45 -33.92 -17.59
C LEU B 267 14.60 -34.94 -17.66
N THR B 268 15.52 -34.92 -16.69
CA THR B 268 16.65 -35.86 -16.63
C THR B 268 16.27 -37.33 -16.80
N GLY B 269 17.12 -38.08 -17.52
CA GLY B 269 16.85 -39.47 -17.85
C GLY B 269 15.73 -39.67 -18.88
N ARG B 270 15.19 -38.56 -19.38
CA ARG B 270 14.07 -38.55 -20.32
C ARG B 270 14.45 -37.85 -21.62
N ILE B 271 15.75 -37.74 -21.86
CA ILE B 271 16.30 -37.13 -23.06
C ILE B 271 16.93 -38.21 -23.98
N SER B 272 16.12 -38.84 -24.84
CA SER B 272 16.57 -39.92 -25.74
C SER B 272 16.92 -39.38 -27.12
N HIS B 273 18.10 -38.79 -27.25
CA HIS B 273 18.56 -38.25 -28.52
C HIS B 273 17.53 -37.24 -29.06
N GLY B 274 17.72 -35.96 -28.75
CA GLY B 274 16.82 -34.91 -29.21
C GLY B 274 15.35 -35.27 -29.10
N GLN B 275 15.01 -36.15 -28.17
CA GLN B 275 13.64 -36.56 -28.01
C GLN B 275 13.25 -36.63 -26.54
N VAL B 276 12.05 -37.11 -26.28
CA VAL B 276 11.65 -37.19 -24.88
C VAL B 276 11.41 -38.62 -24.40
N ASP B 277 12.32 -39.12 -23.57
CA ASP B 277 12.25 -40.51 -23.11
C ASP B 277 11.31 -40.67 -21.91
N LEU B 278 10.07 -41.07 -22.20
CA LEU B 278 9.17 -41.41 -21.12
C LEU B 278 9.13 -42.91 -20.94
N SER B 279 10.16 -43.61 -21.40
CA SER B 279 10.15 -45.05 -21.25
C SER B 279 9.81 -45.39 -19.80
N GLU B 280 10.12 -44.46 -18.90
CA GLU B 280 9.83 -44.65 -17.48
C GLU B 280 8.39 -45.15 -17.28
N LEU B 281 7.46 -44.74 -18.15
CA LEU B 281 6.05 -45.15 -18.00
C LEU B 281 5.84 -46.62 -18.31
N GLY B 282 6.74 -47.22 -19.07
CA GLY B 282 6.63 -48.63 -19.45
C GLY B 282 5.98 -48.89 -20.80
N PRO B 283 5.83 -50.17 -21.14
CA PRO B 283 5.26 -50.62 -22.43
C PRO B 283 3.80 -50.22 -22.67
N ASN B 284 2.87 -50.66 -21.81
CA ASN B 284 1.44 -50.34 -21.93
C ASN B 284 1.17 -48.81 -21.99
N ALA B 285 2.27 -48.07 -22.02
CA ALA B 285 2.27 -46.62 -22.17
C ALA B 285 1.51 -46.10 -23.39
N ASP B 286 2.31 -45.64 -24.36
CA ASP B 286 1.84 -45.04 -25.59
C ASP B 286 0.61 -45.72 -26.19
N GLU B 287 0.49 -47.03 -26.01
CA GLU B 287 -0.62 -47.75 -26.61
C GLU B 287 -1.87 -46.90 -26.44
N LEU B 288 -2.18 -46.56 -25.19
CA LEU B 288 -3.39 -45.80 -24.87
C LEU B 288 -3.21 -44.28 -25.00
N LEU B 289 -2.09 -43.75 -24.53
CA LEU B 289 -1.84 -42.31 -24.61
C LEU B 289 -2.05 -41.81 -26.05
N SER B 290 -1.91 -42.74 -27.00
CA SER B 290 -2.14 -42.47 -28.41
C SER B 290 -3.63 -42.24 -28.70
N LYS B 291 -4.51 -42.99 -28.05
CA LYS B 291 -5.95 -42.87 -28.27
C LYS B 291 -6.50 -41.58 -27.64
N VAL B 292 -5.60 -40.73 -27.17
CA VAL B 292 -6.03 -39.55 -26.42
C VAL B 292 -6.64 -38.45 -27.32
N GLU B 293 -7.97 -38.33 -27.29
CA GLU B 293 -8.68 -37.30 -28.05
C GLU B 293 -8.84 -36.01 -27.26
N HIS B 294 -9.00 -36.16 -25.95
CA HIS B 294 -9.29 -35.06 -25.05
C HIS B 294 -8.42 -35.10 -23.82
N ILE B 295 -8.07 -33.93 -23.32
CA ILE B 295 -7.27 -33.86 -22.10
C ILE B 295 -8.08 -33.07 -21.07
N GLN B 296 -8.44 -33.73 -19.98
CA GLN B 296 -9.02 -33.01 -18.84
C GLN B 296 -8.01 -32.85 -17.69
N ILE B 297 -7.77 -31.59 -17.34
CA ILE B 297 -6.88 -31.20 -16.24
C ILE B 297 -7.65 -30.74 -15.00
N LEU B 298 -7.31 -31.33 -13.85
CA LEU B 298 -7.87 -30.97 -12.56
C LEU B 298 -6.74 -30.60 -11.64
N ALA B 299 -6.86 -29.47 -10.96
CA ALA B 299 -5.79 -29.03 -10.08
C ALA B 299 -6.31 -27.95 -9.17
N CYS B 300 -5.50 -27.47 -8.23
CA CYS B 300 -5.94 -26.31 -7.45
C CYS B 300 -4.83 -25.27 -7.45
N GLY B 301 -5.16 -24.06 -7.01
CA GLY B 301 -4.22 -22.95 -6.93
C GLY B 301 -3.17 -22.96 -8.04
N THR B 302 -1.90 -22.81 -7.67
CA THR B 302 -0.82 -22.83 -8.64
C THR B 302 -0.95 -24.01 -9.60
N SER B 303 -1.06 -25.20 -9.04
CA SER B 303 -1.23 -26.41 -9.85
C SER B 303 -2.35 -26.24 -10.86
N TYR B 304 -3.24 -25.33 -10.56
CA TYR B 304 -4.24 -25.05 -11.54
C TYR B 304 -3.44 -24.29 -12.56
N ASN B 305 -3.13 -23.06 -12.24
CA ASN B 305 -2.33 -22.25 -13.13
C ASN B 305 -1.40 -23.05 -13.98
N SER B 306 -0.58 -23.84 -13.33
CA SER B 306 0.33 -24.61 -14.11
C SER B 306 -0.53 -25.04 -15.30
N GLY B 307 -1.42 -25.98 -15.06
CA GLY B 307 -2.24 -26.52 -16.14
C GLY B 307 -2.73 -25.50 -17.14
N MET B 308 -3.12 -24.31 -16.67
CA MET B 308 -3.63 -23.28 -17.57
C MET B 308 -2.70 -23.13 -18.76
N VAL B 309 -1.48 -22.71 -18.49
CA VAL B 309 -0.46 -22.68 -19.51
C VAL B 309 -0.48 -23.98 -20.31
N SER B 310 -0.28 -25.12 -19.65
CA SER B 310 -0.32 -26.41 -20.34
C SER B 310 -1.36 -26.49 -21.45
N ARG B 311 -2.43 -25.70 -21.34
CA ARG B 311 -3.48 -25.71 -22.37
C ARG B 311 -2.96 -25.09 -23.67
N TYR B 312 -2.72 -23.79 -23.62
CA TYR B 312 -2.12 -23.07 -24.73
C TYR B 312 -1.01 -23.84 -25.43
N TRP B 313 -0.61 -24.99 -24.88
CA TRP B 313 0.41 -25.79 -25.56
C TRP B 313 -0.38 -26.93 -26.18
N PHE B 314 -1.00 -27.72 -25.32
CA PHE B 314 -1.75 -28.90 -25.73
C PHE B 314 -2.69 -28.65 -26.93
N GLU B 315 -3.01 -27.40 -27.19
CA GLU B 315 -3.86 -27.07 -28.33
C GLU B 315 -3.00 -26.41 -29.40
N SER B 316 -2.39 -25.29 -29.06
CA SER B 316 -1.60 -24.52 -30.02
C SER B 316 -0.51 -25.32 -30.68
N LEU B 317 0.29 -25.96 -29.84
CA LEU B 317 1.46 -26.64 -30.34
C LEU B 317 1.33 -28.15 -30.26
N ALA B 318 0.13 -28.68 -30.42
CA ALA B 318 -0.05 -30.12 -30.28
C ALA B 318 -1.31 -30.61 -30.94
N GLY B 319 -2.32 -29.76 -30.92
CA GLY B 319 -3.58 -30.08 -31.54
C GLY B 319 -4.35 -31.11 -30.73
N ILE B 320 -4.41 -30.91 -29.43
CA ILE B 320 -5.16 -31.83 -28.58
C ILE B 320 -6.06 -31.00 -27.68
N PRO B 321 -7.36 -31.29 -27.73
CA PRO B 321 -8.36 -30.58 -26.94
C PRO B 321 -8.08 -30.67 -25.45
N CYS B 322 -7.83 -29.52 -24.83
CA CYS B 322 -7.48 -29.44 -23.40
C CYS B 322 -8.47 -28.65 -22.56
N ASP B 323 -8.64 -29.07 -21.32
CA ASP B 323 -9.50 -28.38 -20.38
C ASP B 323 -8.95 -28.45 -18.95
N VAL B 324 -8.43 -27.33 -18.52
CA VAL B 324 -7.89 -27.19 -17.20
C VAL B 324 -8.99 -26.69 -16.26
N GLU B 325 -9.32 -27.48 -15.25
CA GLU B 325 -10.43 -27.13 -14.37
C GLU B 325 -10.06 -27.20 -12.90
N ILE B 326 -10.62 -26.30 -12.11
CA ILE B 326 -10.54 -26.31 -10.65
C ILE B 326 -11.17 -27.55 -10.03
N ALA B 327 -10.47 -28.21 -9.11
CA ALA B 327 -11.04 -29.41 -8.48
C ALA B 327 -12.18 -29.07 -7.56
N SER B 328 -12.03 -27.94 -6.88
CA SER B 328 -13.04 -27.52 -5.96
C SER B 328 -14.36 -27.72 -6.66
N GLU B 329 -14.50 -27.20 -7.87
CA GLU B 329 -15.78 -27.29 -8.59
C GLU B 329 -15.98 -28.64 -9.23
N PHE B 330 -15.08 -29.02 -10.10
CA PHE B 330 -15.26 -30.27 -10.81
C PHE B 330 -16.05 -31.19 -9.94
N ARG B 331 -15.32 -31.92 -9.12
CA ARG B 331 -15.84 -32.98 -8.23
C ARG B 331 -17.32 -32.90 -7.80
N TYR B 332 -17.79 -31.78 -7.23
CA TYR B 332 -19.16 -31.75 -6.67
C TYR B 332 -20.27 -31.45 -7.71
N ARG B 333 -19.94 -31.61 -9.00
CA ARG B 333 -20.90 -31.31 -10.06
C ARG B 333 -20.80 -32.21 -11.29
N LYS B 334 -21.95 -32.63 -11.80
CA LYS B 334 -21.96 -33.57 -12.89
C LYS B 334 -21.39 -32.93 -14.13
N SER B 335 -20.33 -33.52 -14.67
CA SER B 335 -19.66 -32.91 -15.79
C SER B 335 -19.84 -33.75 -17.03
N ALA B 336 -20.43 -33.12 -18.04
CA ALA B 336 -20.60 -33.77 -19.33
C ALA B 336 -19.30 -34.52 -19.65
N VAL B 337 -19.31 -35.83 -19.40
CA VAL B 337 -18.16 -36.67 -19.68
C VAL B 337 -17.87 -36.70 -21.17
N ARG B 338 -16.75 -36.10 -21.56
CA ARG B 338 -16.34 -36.11 -22.96
C ARG B 338 -16.22 -37.55 -23.49
N ARG B 339 -15.30 -37.77 -24.42
CA ARG B 339 -14.98 -39.08 -24.98
C ARG B 339 -13.47 -39.20 -25.27
N ASN B 340 -12.92 -40.36 -24.93
CA ASN B 340 -11.49 -40.61 -25.03
C ASN B 340 -10.63 -39.44 -24.53
N SER B 341 -10.83 -39.09 -23.26
CA SER B 341 -10.06 -38.02 -22.60
C SER B 341 -8.96 -38.57 -21.67
N LEU B 342 -7.92 -37.76 -21.44
CA LEU B 342 -6.84 -38.13 -20.51
C LEU B 342 -6.97 -37.37 -19.18
N MET B 343 -6.81 -38.10 -18.09
CA MET B 343 -6.92 -37.50 -16.78
C MET B 343 -5.55 -37.14 -16.26
N ILE B 344 -5.19 -35.86 -16.33
CA ILE B 344 -3.90 -35.39 -15.82
C ILE B 344 -4.10 -34.59 -14.54
N THR B 345 -3.51 -35.07 -13.46
CA THR B 345 -3.67 -34.45 -12.16
C THR B 345 -2.37 -33.81 -11.73
N LEU B 346 -2.36 -32.49 -11.67
CA LEU B 346 -1.20 -31.75 -11.24
C LEU B 346 -1.19 -31.42 -9.73
N SER B 347 -0.48 -32.21 -8.92
CA SER B 347 -0.28 -31.85 -7.50
C SER B 347 1.13 -32.00 -6.91
N GLN B 348 1.66 -30.90 -6.37
CA GLN B 348 3.00 -30.96 -5.82
C GLN B 348 2.92 -32.02 -4.73
N SER B 349 2.20 -31.69 -3.65
CA SER B 349 1.84 -32.58 -2.53
C SER B 349 1.38 -34.00 -2.88
N GLY B 350 0.66 -34.14 -3.98
CA GLY B 350 0.26 -35.45 -4.47
C GLY B 350 -0.80 -36.04 -3.58
N GLU B 351 -1.29 -35.22 -2.66
CA GLU B 351 -2.26 -35.69 -1.69
C GLU B 351 -3.51 -34.81 -1.60
N THR B 352 -3.56 -33.71 -2.35
CA THR B 352 -4.68 -32.76 -2.25
C THR B 352 -6.07 -33.33 -2.40
N ALA B 353 -6.85 -33.11 -1.36
CA ALA B 353 -8.16 -33.68 -1.26
C ALA B 353 -8.91 -33.60 -2.56
N ASP B 354 -9.46 -32.41 -2.78
CA ASP B 354 -10.27 -32.08 -3.93
C ASP B 354 -9.69 -32.69 -5.19
N THR B 355 -8.47 -32.34 -5.53
CA THR B 355 -7.89 -33.03 -6.65
C THR B 355 -8.15 -34.52 -6.51
N LEU B 356 -7.44 -35.16 -5.59
CA LEU B 356 -7.69 -36.57 -5.32
C LEU B 356 -9.16 -36.96 -5.51
N ALA B 357 -10.09 -36.10 -5.13
CA ALA B 357 -11.49 -36.46 -5.33
C ALA B 357 -11.76 -36.54 -6.82
N GLY B 358 -10.92 -35.87 -7.59
CA GLY B 358 -11.10 -35.75 -9.02
C GLY B 358 -11.07 -37.11 -9.66
N LEU B 359 -9.97 -37.82 -9.40
CA LEU B 359 -9.75 -39.14 -9.96
C LEU B 359 -10.81 -40.04 -9.44
N ARG B 360 -10.99 -40.02 -8.13
CA ARG B 360 -11.91 -40.98 -7.56
C ARG B 360 -13.26 -40.82 -8.28
N LEU B 361 -13.55 -39.62 -8.74
CA LEU B 361 -14.77 -39.38 -9.50
C LEU B 361 -14.52 -39.86 -10.92
N SER B 362 -13.36 -39.47 -11.42
CA SER B 362 -12.92 -39.78 -12.76
C SER B 362 -12.90 -41.27 -13.08
N LYS B 363 -12.96 -42.09 -12.02
CA LYS B 363 -12.99 -43.53 -12.18
C LYS B 363 -14.43 -43.92 -12.40
N GLU B 364 -15.32 -43.28 -11.63
CA GLU B 364 -16.74 -43.59 -11.69
C GLU B 364 -17.30 -43.00 -12.97
N LEU B 365 -16.46 -42.52 -13.85
CA LEU B 365 -16.97 -41.89 -15.06
C LEU B 365 -16.66 -42.74 -16.28
N GLY B 366 -15.44 -42.59 -16.81
CA GLY B 366 -15.00 -43.37 -17.96
C GLY B 366 -13.92 -42.64 -18.75
N TYR B 367 -12.86 -42.27 -18.05
CA TYR B 367 -11.75 -41.61 -18.72
C TYR B 367 -10.81 -42.74 -19.18
N LEU B 368 -10.30 -42.68 -20.41
CA LEU B 368 -9.39 -43.72 -20.91
C LEU B 368 -8.26 -44.00 -19.93
N GLY B 369 -7.23 -43.16 -20.02
CA GLY B 369 -6.05 -43.24 -19.16
C GLY B 369 -5.92 -42.01 -18.27
N SER B 370 -5.46 -42.22 -17.04
CA SER B 370 -5.26 -41.12 -16.10
C SER B 370 -3.78 -41.01 -15.72
N LEU B 371 -3.22 -39.87 -16.10
CA LEU B 371 -1.86 -39.50 -15.74
C LEU B 371 -1.83 -39.00 -14.27
N ALA B 372 -0.70 -38.49 -13.82
CA ALA B 372 -0.57 -38.02 -12.43
C ALA B 372 0.81 -37.40 -12.17
N ILE B 373 1.00 -36.22 -12.74
CA ILE B 373 2.16 -35.40 -12.46
C ILE B 373 2.17 -35.01 -10.99
N CYS B 374 3.30 -35.21 -10.33
CA CYS B 374 3.34 -35.04 -8.90
C CYS B 374 4.75 -34.82 -8.53
N ASN B 375 4.98 -34.49 -7.29
CA ASN B 375 6.33 -34.19 -6.94
C ASN B 375 6.67 -35.00 -5.74
N VAL B 376 5.63 -35.58 -5.16
CA VAL B 376 5.79 -36.36 -3.96
C VAL B 376 5.56 -37.78 -4.38
N PRO B 377 6.62 -38.55 -4.39
CA PRO B 377 6.56 -39.99 -4.69
C PRO B 377 5.62 -40.78 -3.82
N GLY B 378 5.14 -41.87 -4.38
CA GLY B 378 4.29 -42.77 -3.62
C GLY B 378 3.09 -42.10 -3.03
N SER B 379 2.78 -40.88 -3.45
CA SER B 379 1.63 -40.13 -2.92
C SER B 379 0.27 -40.63 -3.47
N SER B 380 -0.69 -40.91 -2.58
CA SER B 380 -1.98 -41.52 -2.97
C SER B 380 -2.43 -41.02 -4.34
N LEU B 381 -2.13 -39.77 -4.67
CA LEU B 381 -2.55 -39.18 -5.93
C LEU B 381 -1.81 -39.88 -7.06
N VAL B 382 -0.74 -40.59 -6.70
CA VAL B 382 0.05 -41.31 -7.67
C VAL B 382 -0.39 -42.77 -7.67
N ARG B 383 -0.50 -43.33 -6.46
CA ARG B 383 -1.01 -44.66 -6.27
C ARG B 383 -2.34 -44.86 -6.97
N GLU B 384 -3.10 -43.77 -7.08
CA GLU B 384 -4.45 -43.83 -7.61
C GLU B 384 -4.48 -43.12 -8.96
N SER B 385 -3.78 -43.66 -9.93
CA SER B 385 -3.70 -43.02 -11.25
C SER B 385 -3.05 -44.04 -12.14
N ASP B 386 -3.38 -44.02 -13.42
CA ASP B 386 -2.80 -45.00 -14.34
C ASP B 386 -1.33 -44.71 -14.51
N LEU B 387 -0.99 -43.88 -15.48
CA LEU B 387 0.41 -43.50 -15.66
C LEU B 387 0.68 -42.27 -14.80
N ALA B 388 1.94 -42.05 -14.42
CA ALA B 388 2.29 -40.97 -13.51
C ALA B 388 3.69 -40.38 -13.78
N LEU B 389 3.74 -39.06 -13.94
CA LEU B 389 5.04 -38.40 -14.14
C LEU B 389 5.57 -37.68 -12.90
N MET B 390 6.54 -38.26 -12.20
CA MET B 390 7.18 -37.53 -11.09
C MET B 390 7.91 -36.30 -11.59
N THR B 391 8.43 -35.49 -10.69
CA THR B 391 9.02 -34.27 -11.16
C THR B 391 10.31 -33.98 -10.41
N ASN B 392 10.72 -34.94 -9.58
CA ASN B 392 11.98 -34.77 -8.91
C ASN B 392 12.31 -33.25 -8.82
N ALA B 393 11.43 -32.46 -8.20
CA ALA B 393 11.63 -31.01 -8.04
C ALA B 393 12.08 -30.68 -6.63
N GLY B 394 12.53 -31.69 -5.89
CA GLY B 394 13.00 -31.48 -4.54
C GLY B 394 11.82 -31.42 -3.60
N THR B 395 12.06 -31.40 -2.30
CA THR B 395 10.98 -31.21 -1.34
C THR B 395 10.71 -29.71 -1.14
N GLU B 396 9.47 -29.32 -1.40
CA GLU B 396 9.04 -27.93 -1.34
C GLU B 396 8.50 -27.68 0.07
N ILE B 397 9.03 -26.65 0.72
CA ILE B 397 8.69 -26.34 2.12
C ILE B 397 7.94 -25.04 2.12
N GLY B 398 8.28 -24.20 1.17
CA GLY B 398 7.52 -22.99 1.02
C GLY B 398 6.07 -23.34 0.83
N VAL B 399 5.20 -22.55 1.42
CA VAL B 399 3.79 -22.81 1.33
C VAL B 399 3.40 -22.53 -0.11
N ALA B 400 3.82 -21.35 -0.54
CA ALA B 400 3.61 -20.87 -1.89
C ALA B 400 4.52 -21.63 -2.82
N SER B 401 3.97 -22.63 -3.50
CA SER B 401 4.79 -23.40 -4.38
C SER B 401 5.38 -22.49 -5.41
N THR B 402 6.63 -22.77 -5.72
CA THR B 402 7.42 -22.01 -6.66
C THR B 402 8.07 -23.04 -7.56
N LYS B 403 9.07 -23.74 -7.05
CA LYS B 403 9.85 -24.68 -7.86
C LYS B 403 9.06 -25.93 -8.22
N ALA B 404 7.76 -25.87 -8.00
CA ALA B 404 6.90 -26.97 -8.36
C ALA B 404 5.95 -26.54 -9.47
N PHE B 405 5.71 -25.23 -9.55
CA PHE B 405 5.00 -24.63 -10.66
C PHE B 405 5.80 -24.92 -11.93
N THR B 406 6.84 -24.11 -12.15
CA THR B 406 7.76 -24.33 -13.26
C THR B 406 7.97 -25.79 -13.60
N THR B 407 8.38 -26.57 -12.60
CA THR B 407 8.67 -27.97 -12.83
C THR B 407 7.45 -28.71 -13.40
N GLN B 408 6.23 -28.23 -13.16
CA GLN B 408 5.07 -28.86 -13.81
C GLN B 408 5.03 -28.41 -15.26
N LEU B 409 5.27 -27.11 -15.45
CA LEU B 409 5.40 -26.53 -16.76
C LEU B 409 6.37 -27.35 -17.53
N THR B 410 7.53 -27.48 -16.94
CA THR B 410 8.53 -28.36 -17.46
C THR B 410 7.96 -29.71 -17.90
N VAL B 411 7.59 -30.59 -16.97
CA VAL B 411 7.11 -31.94 -17.36
C VAL B 411 5.95 -31.89 -18.35
N LEU B 412 4.98 -31.03 -18.07
CA LEU B 412 3.86 -30.82 -18.97
C LEU B 412 4.30 -30.52 -20.41
N LEU B 413 5.27 -29.64 -20.55
CA LEU B 413 5.88 -29.38 -21.85
C LEU B 413 6.55 -30.68 -22.33
N MET B 414 7.52 -31.12 -21.55
CA MET B 414 8.23 -32.37 -21.79
C MET B 414 7.25 -33.52 -21.98
N LEU B 415 5.96 -33.22 -22.12
CA LEU B 415 4.94 -34.25 -22.34
C LEU B 415 4.23 -33.85 -23.62
N VAL B 416 4.40 -32.58 -23.95
CA VAL B 416 3.89 -32.00 -25.18
C VAL B 416 4.57 -32.79 -26.27
N ALA B 417 5.82 -33.13 -26.00
CA ALA B 417 6.63 -33.98 -26.86
C ALA B 417 5.91 -35.27 -27.24
N LYS B 418 6.23 -36.31 -26.48
CA LYS B 418 5.80 -37.67 -26.76
C LYS B 418 4.37 -37.75 -27.26
N LEU B 419 3.57 -36.72 -27.02
CA LEU B 419 2.20 -36.76 -27.51
C LEU B 419 2.09 -36.23 -28.93
N SER B 420 2.91 -35.23 -29.23
CA SER B 420 2.97 -34.60 -30.53
C SER B 420 3.66 -35.53 -31.49
N LYS B 421 3.90 -36.75 -31.05
CA LYS B 421 4.58 -37.69 -31.93
C LYS B 421 3.63 -38.89 -32.09
N LEU B 422 3.30 -39.56 -31.00
CA LEU B 422 2.44 -40.73 -31.07
C LEU B 422 1.34 -40.56 -32.12
N LYS B 423 0.60 -39.45 -32.02
CA LYS B 423 -0.50 -39.16 -32.94
C LYS B 423 0.03 -39.29 -34.37
N GLY B 424 1.27 -38.90 -34.58
CA GLY B 424 1.93 -39.01 -35.86
C GLY B 424 2.03 -37.64 -36.49
N LEU B 425 2.64 -36.71 -35.76
CA LEU B 425 2.75 -35.32 -36.22
C LEU B 425 4.20 -34.92 -36.53
N ASP B 426 4.36 -33.68 -36.96
CA ASP B 426 5.67 -33.07 -37.24
C ASP B 426 6.73 -33.48 -36.22
N ALA B 427 7.97 -33.62 -36.67
CA ALA B 427 9.06 -33.87 -35.74
C ALA B 427 9.76 -32.54 -35.44
N SER B 428 9.64 -31.59 -36.38
CA SER B 428 10.26 -30.27 -36.25
C SER B 428 9.74 -29.59 -34.99
N ILE B 429 8.42 -29.62 -34.84
CA ILE B 429 7.75 -28.97 -33.71
C ILE B 429 8.15 -29.61 -32.39
N GLU B 430 8.61 -30.85 -32.46
CA GLU B 430 9.11 -31.54 -31.29
C GLU B 430 10.53 -31.06 -30.99
N HIS B 431 11.21 -30.54 -32.01
CA HIS B 431 12.58 -30.03 -31.85
C HIS B 431 12.55 -28.57 -31.35
N ASP B 432 11.39 -28.11 -30.91
CA ASP B 432 11.24 -26.75 -30.41
C ASP B 432 10.90 -26.78 -28.94
N ILE B 433 10.61 -27.98 -28.48
CA ILE B 433 10.27 -28.21 -27.11
C ILE B 433 11.37 -29.11 -26.51
N VAL B 434 11.69 -30.21 -27.18
CA VAL B 434 12.71 -31.13 -26.68
C VAL B 434 14.07 -30.46 -26.79
N HIS B 435 14.16 -29.44 -27.61
CA HIS B 435 15.36 -28.61 -27.70
C HIS B 435 15.02 -27.19 -27.25
N GLY B 436 13.96 -27.10 -26.44
CA GLY B 436 13.51 -25.84 -25.88
C GLY B 436 13.38 -26.00 -24.38
N LEU B 437 14.04 -27.05 -23.88
CA LEU B 437 14.02 -27.37 -22.47
C LEU B 437 15.43 -27.48 -21.91
N GLN B 438 16.31 -28.15 -22.64
CA GLN B 438 17.65 -28.46 -22.15
C GLN B 438 18.45 -27.18 -21.85
N ALA B 439 17.96 -26.04 -22.33
CA ALA B 439 18.61 -24.77 -22.04
C ALA B 439 17.83 -23.92 -21.02
N LEU B 440 16.81 -24.52 -20.40
CA LEU B 440 16.00 -23.85 -19.39
C LEU B 440 16.77 -23.55 -18.09
N PRO B 441 17.46 -24.56 -17.58
CA PRO B 441 18.30 -24.45 -16.38
C PRO B 441 19.37 -23.35 -16.47
N SER B 442 19.56 -22.78 -17.64
CA SER B 442 20.56 -21.73 -17.74
C SER B 442 19.84 -20.42 -17.90
N ARG B 443 18.73 -20.48 -18.62
CA ARG B 443 17.91 -19.31 -18.89
C ARG B 443 17.44 -18.73 -17.57
N ILE B 444 16.96 -19.59 -16.68
CA ILE B 444 16.46 -19.15 -15.38
C ILE B 444 17.58 -18.56 -14.56
N GLU B 445 18.73 -19.20 -14.64
CA GLU B 445 19.93 -18.68 -14.01
C GLU B 445 20.17 -17.24 -14.54
N GLN B 446 20.13 -17.10 -15.86
CA GLN B 446 20.26 -15.80 -16.54
C GLN B 446 19.24 -14.79 -16.00
N MET B 447 18.12 -15.32 -15.50
CA MET B 447 16.98 -14.55 -15.02
C MET B 447 17.13 -14.15 -13.53
N LEU B 448 17.51 -15.10 -12.70
CA LEU B 448 17.56 -14.87 -11.26
C LEU B 448 18.44 -13.67 -11.01
N SER B 449 19.38 -13.51 -11.92
CA SER B 449 20.29 -12.39 -11.88
C SER B 449 19.61 -11.05 -11.59
N GLN B 450 18.48 -10.77 -12.21
CA GLN B 450 17.83 -9.47 -12.02
C GLN B 450 17.33 -9.25 -10.60
N ASP B 451 17.62 -10.23 -9.73
CA ASP B 451 17.23 -10.16 -8.33
C ASP B 451 17.48 -8.77 -7.85
N LYS B 452 18.75 -8.46 -7.70
CA LYS B 452 19.13 -7.21 -7.10
C LYS B 452 18.24 -6.12 -7.70
N ARG B 453 17.91 -6.29 -8.98
CA ARG B 453 17.14 -5.29 -9.73
C ARG B 453 15.68 -5.23 -9.32
N ILE B 454 15.08 -6.40 -9.11
CA ILE B 454 13.68 -6.47 -8.72
C ILE B 454 13.53 -6.03 -7.25
N GLU B 455 14.49 -6.43 -6.42
CA GLU B 455 14.54 -6.06 -5.00
C GLU B 455 14.51 -4.53 -4.82
N ALA B 456 15.42 -3.83 -5.49
CA ALA B 456 15.43 -2.38 -5.39
C ALA B 456 14.15 -1.86 -6.09
N LEU B 457 13.46 -2.77 -6.79
CA LEU B 457 12.25 -2.44 -7.54
C LEU B 457 10.99 -2.62 -6.74
N ALA B 458 11.04 -3.51 -5.76
CA ALA B 458 9.85 -3.74 -5.00
C ALA B 458 9.49 -2.49 -4.18
N GLU B 459 10.48 -1.91 -3.49
CA GLU B 459 10.24 -0.76 -2.58
C GLU B 459 8.95 0.02 -2.89
N ASP B 460 8.55 0.04 -4.16
CA ASP B 460 7.40 0.84 -4.59
C ASP B 460 6.11 0.37 -3.92
N PHE B 461 5.89 -0.94 -3.93
CA PHE B 461 4.70 -1.54 -3.37
C PHE B 461 4.63 -1.42 -1.85
N SER B 462 5.48 -0.60 -1.26
CA SER B 462 5.53 -0.53 0.19
C SER B 462 4.24 -0.09 0.80
N ASP B 463 3.68 0.98 0.27
CA ASP B 463 2.47 1.54 0.86
C ASP B 463 1.25 1.05 0.08
N LYS B 464 1.47 0.48 -1.10
CA LYS B 464 0.38 0.03 -1.95
C LYS B 464 -0.46 -1.14 -1.37
N HIS B 465 -1.72 -1.27 -1.79
CA HIS B 465 -2.56 -2.40 -1.37
C HIS B 465 -3.21 -3.16 -2.51
N HIS B 466 -3.21 -2.58 -3.69
CA HIS B 466 -3.76 -3.29 -4.82
C HIS B 466 -2.63 -3.58 -5.78
N ALA B 467 -2.83 -4.46 -6.75
CA ALA B 467 -1.78 -4.76 -7.71
C ALA B 467 -2.33 -5.58 -8.86
N LEU B 468 -2.95 -4.88 -9.79
CA LEU B 468 -3.53 -5.52 -10.96
C LEU B 468 -2.38 -6.12 -11.77
N PHE B 469 -2.53 -7.38 -12.17
CA PHE B 469 -1.55 -8.11 -12.99
C PHE B 469 -2.11 -8.39 -14.39
N LEU B 470 -1.34 -8.21 -15.45
CA LEU B 470 -1.83 -8.52 -16.80
C LEU B 470 -0.91 -9.48 -17.54
N GLY B 471 -1.49 -10.22 -18.47
CA GLY B 471 -0.77 -11.23 -19.22
C GLY B 471 -1.66 -11.69 -20.35
N ARG B 472 -1.10 -11.91 -21.53
CA ARG B 472 -1.93 -12.22 -22.69
C ARG B 472 -1.51 -13.57 -23.27
N GLY B 473 -2.48 -14.40 -23.63
CA GLY B 473 -2.19 -15.63 -24.34
C GLY B 473 -1.69 -16.65 -23.34
N ASP B 474 -0.53 -17.24 -23.58
CA ASP B 474 0.09 -18.17 -22.62
C ASP B 474 0.76 -17.43 -21.47
N GLN B 475 0.56 -16.12 -21.40
CA GLN B 475 1.08 -15.36 -20.28
C GLN B 475 -0.02 -15.12 -19.28
N TYR B 476 -1.26 -14.97 -19.75
CA TYR B 476 -2.38 -14.73 -18.83
C TYR B 476 -2.27 -15.67 -17.62
N PRO B 477 -2.19 -16.97 -17.88
CA PRO B 477 -1.98 -17.98 -16.84
C PRO B 477 -0.78 -17.70 -15.95
N ILE B 478 0.26 -17.08 -16.49
CA ILE B 478 1.41 -16.67 -15.67
C ILE B 478 1.17 -15.34 -14.98
N ALA B 479 0.16 -14.60 -15.44
CA ALA B 479 -0.22 -13.36 -14.79
C ALA B 479 -0.98 -13.70 -13.51
N LEU B 480 -1.86 -14.70 -13.59
CA LEU B 480 -2.57 -15.21 -12.42
C LEU B 480 -1.57 -15.63 -11.36
N GLU B 481 -0.68 -16.53 -11.77
CA GLU B 481 0.29 -17.13 -10.84
C GLU B 481 0.97 -16.07 -10.04
N GLY B 482 1.16 -14.93 -10.68
CA GLY B 482 1.79 -13.79 -10.05
C GLY B 482 0.90 -13.18 -8.99
N ALA B 483 -0.39 -13.15 -9.23
CA ALA B 483 -1.24 -12.52 -8.26
C ALA B 483 -1.47 -13.56 -7.17
N LEU B 484 -1.39 -14.82 -7.57
CA LEU B 484 -1.37 -15.90 -6.63
C LEU B 484 0.03 -15.96 -6.10
N LYS B 485 0.38 -15.00 -5.28
CA LYS B 485 1.70 -14.95 -4.68
C LYS B 485 1.67 -13.65 -3.97
N LEU B 486 2.05 -12.64 -4.72
CA LEU B 486 2.08 -11.32 -4.19
C LEU B 486 0.91 -11.21 -3.20
N LYS B 487 -0.21 -11.76 -3.63
CA LYS B 487 -1.42 -11.83 -2.83
C LYS B 487 -1.18 -12.80 -1.66
N GLU B 488 -0.64 -13.99 -1.95
CA GLU B 488 -0.64 -15.04 -0.93
C GLU B 488 0.36 -14.81 0.15
N ILE B 489 1.49 -14.23 -0.21
CA ILE B 489 2.53 -14.00 0.77
C ILE B 489 2.66 -12.54 1.16
N SER B 490 2.24 -11.62 0.29
CA SER B 490 2.29 -10.20 0.63
C SER B 490 1.03 -9.57 1.16
N TYR B 491 -0.10 -10.18 0.85
CA TYR B 491 -1.38 -9.62 1.25
C TYR B 491 -1.70 -8.38 0.42
N ILE B 492 -0.89 -8.15 -0.60
CA ILE B 492 -1.19 -7.18 -1.64
C ILE B 492 -2.39 -7.66 -2.45
N HIS B 493 -3.52 -7.01 -2.30
CA HIS B 493 -4.68 -7.41 -3.07
C HIS B 493 -4.36 -7.46 -4.56
N ALA B 494 -3.76 -8.56 -4.99
CA ALA B 494 -3.31 -8.71 -6.36
C ALA B 494 -4.38 -9.41 -7.20
N GLU B 495 -4.96 -8.72 -8.19
CA GLU B 495 -5.93 -9.38 -9.09
C GLU B 495 -5.29 -9.60 -10.46
N ALA B 496 -5.47 -10.79 -11.05
CA ALA B 496 -4.85 -11.07 -12.37
C ALA B 496 -5.85 -11.14 -13.52
N TYR B 497 -5.99 -10.05 -14.23
CA TYR B 497 -6.91 -10.00 -15.36
C TYR B 497 -6.20 -10.37 -16.66
N ALA B 498 -6.99 -10.70 -17.69
CA ALA B 498 -6.44 -10.89 -19.03
C ALA B 498 -6.67 -9.64 -19.84
N ALA B 499 -5.67 -8.78 -19.86
CA ALA B 499 -5.75 -7.49 -20.53
C ALA B 499 -7.04 -7.27 -21.35
N GLY B 500 -7.25 -8.14 -22.35
CA GLY B 500 -8.36 -8.00 -23.29
C GLY B 500 -9.74 -8.04 -22.67
N GLU B 501 -9.79 -7.70 -21.39
CA GLU B 501 -11.02 -7.79 -20.67
C GLU B 501 -11.05 -6.61 -19.73
N LEU B 502 -9.86 -6.06 -19.48
CA LEU B 502 -9.73 -4.94 -18.55
C LEU B 502 -10.71 -3.87 -18.99
N LYS B 503 -10.78 -3.72 -20.30
CA LYS B 503 -11.58 -2.73 -21.00
C LYS B 503 -13.06 -3.06 -20.89
N HIS B 504 -13.37 -4.35 -20.83
CA HIS B 504 -14.74 -4.78 -20.75
C HIS B 504 -15.29 -4.51 -19.34
N GLY B 505 -14.65 -3.63 -18.57
CA GLY B 505 -15.17 -3.30 -17.24
C GLY B 505 -14.19 -3.17 -16.08
N PRO B 506 -13.16 -4.01 -16.06
CA PRO B 506 -12.22 -4.05 -14.94
C PRO B 506 -11.29 -2.85 -14.89
N LEU B 507 -10.87 -2.39 -16.06
CA LEU B 507 -9.97 -1.26 -16.08
C LEU B 507 -10.50 -0.10 -15.23
N ALA B 508 -11.81 -0.08 -15.01
CA ALA B 508 -12.47 0.94 -14.20
C ALA B 508 -11.79 1.23 -12.88
N LEU B 509 -10.84 0.39 -12.49
CA LEU B 509 -10.29 0.53 -11.14
C LEU B 509 -8.92 1.20 -11.15
N ILE B 510 -8.49 1.63 -12.33
CA ILE B 510 -7.16 2.23 -12.45
C ILE B 510 -7.10 3.71 -12.19
N ASP B 511 -6.79 4.09 -10.96
CA ASP B 511 -6.54 5.49 -10.62
C ASP B 511 -5.07 5.71 -10.27
N ALA B 512 -4.81 6.84 -9.60
CA ALA B 512 -3.46 7.21 -9.17
C ALA B 512 -2.69 6.07 -8.46
N ASP B 513 -2.98 5.88 -7.17
CA ASP B 513 -2.36 4.84 -6.35
C ASP B 513 -2.74 3.44 -6.82
N MET B 514 -1.94 2.83 -7.69
CA MET B 514 -2.36 1.55 -8.21
C MET B 514 -1.48 1.10 -9.36
N PRO B 515 -0.70 0.07 -9.10
CA PRO B 515 0.23 -0.49 -10.07
C PRO B 515 -0.36 -1.57 -11.00
N VAL B 516 0.48 -2.17 -11.84
CA VAL B 516 0.00 -3.12 -12.84
C VAL B 516 1.12 -3.98 -13.45
N ILE B 517 1.44 -5.08 -12.81
CA ILE B 517 2.51 -5.92 -13.32
C ILE B 517 2.01 -6.50 -14.60
N VAL B 518 2.86 -6.53 -15.63
CA VAL B 518 2.52 -7.23 -16.88
C VAL B 518 3.71 -7.81 -17.64
N VAL B 519 3.57 -9.05 -18.11
CA VAL B 519 4.68 -9.65 -18.86
C VAL B 519 4.50 -9.51 -20.38
N ALA B 520 5.44 -8.85 -21.05
CA ALA B 520 5.36 -8.70 -22.50
C ALA B 520 6.67 -9.11 -23.09
N PRO B 521 6.63 -10.20 -23.85
CA PRO B 521 7.78 -10.75 -24.56
C PRO B 521 7.79 -10.37 -26.06
N ASN B 522 8.49 -11.16 -26.87
CA ASN B 522 8.57 -10.92 -28.31
C ASN B 522 7.25 -11.28 -28.97
N ASN B 523 6.40 -11.94 -28.18
CA ASN B 523 5.05 -12.32 -28.58
C ASN B 523 4.45 -11.47 -29.71
N GLU B 524 4.05 -12.12 -30.79
CA GLU B 524 3.44 -11.40 -31.91
C GLU B 524 2.11 -10.81 -31.45
N LEU B 525 1.77 -11.03 -30.18
CA LEU B 525 0.55 -10.47 -29.62
C LEU B 525 0.93 -9.17 -28.95
N LEU B 526 2.23 -8.89 -29.05
CA LEU B 526 2.85 -7.80 -28.31
C LEU B 526 2.14 -6.47 -28.55
N GLU B 527 1.76 -6.17 -29.78
CA GLU B 527 1.10 -4.89 -29.99
C GLU B 527 -0.16 -4.88 -29.11
N LYS B 528 -0.97 -5.92 -29.25
CA LYS B 528 -2.24 -5.92 -28.56
C LYS B 528 -2.01 -5.57 -27.08
N LEU B 529 -1.00 -6.21 -26.50
CA LEU B 529 -0.63 -5.97 -25.11
C LEU B 529 -0.25 -4.51 -24.87
N LYS B 530 0.58 -3.97 -25.76
CA LYS B 530 0.99 -2.57 -25.69
C LYS B 530 -0.27 -1.72 -25.52
N SER B 531 -1.26 -1.99 -26.37
CA SER B 531 -2.52 -1.29 -26.35
C SER B 531 -3.02 -1.19 -24.90
N ASN B 532 -3.30 -2.35 -24.30
CA ASN B 532 -3.87 -2.45 -22.96
C ASN B 532 -2.92 -1.75 -21.98
N ILE B 533 -1.63 -1.99 -22.20
CA ILE B 533 -0.61 -1.34 -21.41
C ILE B 533 -0.65 0.14 -21.69
N GLU B 534 -1.42 0.54 -22.68
CA GLU B 534 -1.53 1.98 -22.96
C GLU B 534 -2.78 2.54 -22.30
N GLU B 535 -3.88 1.81 -22.42
CA GLU B 535 -5.18 2.28 -21.93
C GLU B 535 -5.09 2.45 -20.40
N VAL B 536 -4.28 1.59 -19.80
CA VAL B 536 -4.08 1.65 -18.35
C VAL B 536 -3.21 2.84 -18.06
N ARG B 537 -2.16 2.97 -18.87
CA ARG B 537 -1.24 4.05 -18.66
C ARG B 537 -2.07 5.31 -18.75
N ALA B 538 -2.92 5.36 -19.77
CA ALA B 538 -3.68 6.55 -20.14
C ALA B 538 -4.57 7.05 -19.01
N ARG B 539 -4.86 6.17 -18.07
CA ARG B 539 -5.73 6.55 -16.96
C ARG B 539 -4.93 6.65 -15.69
N GLY B 540 -3.63 6.88 -15.85
CA GLY B 540 -2.77 7.22 -14.73
C GLY B 540 -2.43 6.03 -13.87
N GLY B 541 -2.13 4.92 -14.53
CA GLY B 541 -1.83 3.70 -13.83
C GLY B 541 -0.36 3.36 -13.84
N GLN B 542 0.21 3.31 -12.64
CA GLN B 542 1.61 2.96 -12.52
C GLN B 542 1.88 1.58 -13.08
N LEU B 543 2.83 1.49 -13.99
CA LEU B 543 3.10 0.22 -14.63
C LEU B 543 4.45 -0.34 -14.33
N TYR B 544 4.46 -1.64 -14.06
CA TYR B 544 5.67 -2.36 -13.89
C TYR B 544 5.61 -3.46 -14.94
N VAL B 545 6.29 -3.22 -16.04
CA VAL B 545 6.29 -4.17 -17.12
C VAL B 545 7.59 -4.96 -17.22
N PHE B 546 7.49 -6.27 -17.05
CA PHE B 546 8.61 -7.16 -17.29
C PHE B 546 8.59 -7.49 -18.78
N ALA B 547 9.21 -6.63 -19.59
CA ALA B 547 9.19 -6.79 -21.05
C ALA B 547 10.57 -7.01 -21.68
N ASP B 548 10.57 -7.76 -22.78
CA ASP B 548 11.77 -8.11 -23.53
C ASP B 548 12.63 -6.91 -23.96
N GLN B 549 13.80 -7.23 -24.48
CA GLN B 549 14.79 -6.27 -24.93
C GLN B 549 14.63 -6.10 -26.42
N ASP B 550 14.34 -7.22 -27.06
CA ASP B 550 14.05 -7.22 -28.46
C ASP B 550 12.74 -6.48 -28.66
N ALA B 551 12.12 -6.08 -27.55
CA ALA B 551 10.85 -5.38 -27.58
C ALA B 551 11.03 -3.88 -27.35
N GLY B 552 10.21 -3.09 -28.03
CA GLY B 552 10.38 -1.65 -28.05
C GLY B 552 9.88 -1.05 -26.76
N PHE B 553 10.22 -1.67 -25.64
CA PHE B 553 9.74 -1.11 -24.38
C PHE B 553 10.75 -0.12 -23.84
N VAL B 554 10.33 1.13 -23.75
CA VAL B 554 11.23 2.20 -23.33
C VAL B 554 10.88 2.71 -21.96
N SER B 555 11.87 2.62 -21.08
CA SER B 555 11.69 2.98 -19.69
C SER B 555 10.96 4.32 -19.65
N SER B 556 10.21 4.56 -18.59
CA SER B 556 9.48 5.81 -18.42
C SER B 556 8.95 6.06 -16.98
N ASP B 557 8.95 7.35 -16.61
CA ASP B 557 8.69 7.87 -15.25
C ASP B 557 7.44 7.33 -14.60
N ASN B 558 6.72 6.55 -15.36
CA ASN B 558 5.43 6.03 -14.97
C ASN B 558 5.28 4.63 -15.50
N MET B 559 6.26 4.18 -16.28
CA MET B 559 6.16 2.86 -16.88
C MET B 559 7.46 2.04 -16.82
N HIS B 560 7.88 1.78 -15.58
CA HIS B 560 8.99 0.91 -15.25
C HIS B 560 9.03 -0.41 -15.99
N ILE B 561 9.98 -0.50 -16.90
CA ILE B 561 10.17 -1.68 -17.70
C ILE B 561 11.36 -2.47 -17.18
N ILE B 562 11.16 -3.75 -16.92
CA ILE B 562 12.25 -4.60 -16.53
C ILE B 562 12.77 -5.35 -17.76
N GLU B 563 14.00 -5.05 -18.15
CA GLU B 563 14.63 -5.65 -19.32
C GLU B 563 14.82 -7.16 -19.16
N MET B 564 13.98 -7.90 -19.87
CA MET B 564 14.03 -9.34 -19.79
C MET B 564 14.95 -9.87 -20.86
N PRO B 565 15.76 -10.85 -20.53
CA PRO B 565 16.54 -11.58 -21.55
C PRO B 565 15.66 -12.24 -22.61
N HIS B 566 16.31 -12.64 -23.71
CA HIS B 566 15.62 -13.21 -24.86
C HIS B 566 15.55 -14.74 -24.75
N VAL B 567 14.34 -15.27 -24.69
CA VAL B 567 14.18 -16.70 -24.52
C VAL B 567 13.09 -17.32 -25.38
N GLU B 568 13.27 -18.59 -25.71
CA GLU B 568 12.34 -19.30 -26.59
C GLU B 568 10.92 -19.16 -26.07
N GLU B 569 9.99 -18.80 -26.95
CA GLU B 569 8.60 -18.60 -26.58
C GLU B 569 8.03 -19.88 -25.94
N VAL B 570 8.39 -21.03 -26.51
CA VAL B 570 7.89 -22.32 -26.04
C VAL B 570 7.94 -22.48 -24.50
N ILE B 571 8.85 -21.77 -23.85
CA ILE B 571 8.90 -21.76 -22.38
C ILE B 571 8.96 -20.33 -21.87
N ALA B 572 8.19 -19.46 -22.52
CA ALA B 572 8.04 -18.07 -22.11
C ALA B 572 7.52 -17.97 -20.69
N PRO B 573 6.42 -18.69 -20.50
CA PRO B 573 5.73 -18.76 -19.22
C PRO B 573 6.67 -19.03 -18.07
N ILE B 574 7.28 -20.22 -18.08
CA ILE B 574 8.16 -20.62 -17.01
C ILE B 574 9.07 -19.45 -16.70
N PHE B 575 9.61 -18.87 -17.76
CA PHE B 575 10.62 -17.85 -17.61
C PHE B 575 10.03 -16.67 -16.83
N TYR B 576 9.02 -16.02 -17.42
CA TYR B 576 8.45 -14.78 -16.86
C TYR B 576 7.83 -14.94 -15.45
N THR B 577 7.68 -16.19 -15.02
CA THR B 577 7.21 -16.53 -13.68
C THR B 577 8.25 -16.20 -12.63
N VAL B 578 9.46 -16.65 -12.89
CA VAL B 578 10.56 -16.39 -11.98
C VAL B 578 10.59 -14.93 -11.48
N PRO B 579 10.54 -13.97 -12.37
CA PRO B 579 10.58 -12.56 -11.97
C PRO B 579 9.46 -12.17 -11.00
N LEU B 580 8.32 -12.80 -11.18
CA LEU B 580 7.16 -12.60 -10.34
C LEU B 580 7.42 -13.09 -8.91
N GLN B 581 7.69 -14.37 -8.79
CA GLN B 581 8.07 -14.96 -7.52
C GLN B 581 8.94 -13.99 -6.76
N LEU B 582 10.03 -13.58 -7.39
CA LEU B 582 10.96 -12.65 -6.75
C LEU B 582 10.20 -11.39 -6.30
N LEU B 583 9.39 -10.82 -7.20
CA LEU B 583 8.75 -9.55 -6.88
C LEU B 583 7.87 -9.82 -5.68
N ALA B 584 7.09 -10.88 -5.81
CA ALA B 584 6.23 -11.31 -4.73
C ALA B 584 7.04 -11.37 -3.46
N TYR B 585 8.06 -12.19 -3.50
CA TYR B 585 8.91 -12.45 -2.35
C TYR B 585 9.49 -11.21 -1.79
N HIS B 586 10.13 -10.42 -2.65
CA HIS B 586 10.67 -9.15 -2.22
C HIS B 586 9.64 -8.18 -1.63
N VAL B 587 8.41 -8.31 -2.04
CA VAL B 587 7.41 -7.38 -1.54
C VAL B 587 7.07 -7.69 -0.11
N ALA B 588 6.74 -8.95 0.11
CA ALA B 588 6.29 -9.39 1.41
C ALA B 588 7.30 -8.95 2.45
N LEU B 589 8.58 -9.10 2.12
CA LEU B 589 9.65 -8.68 3.02
C LEU B 589 9.38 -7.25 3.46
N ILE B 590 9.16 -6.39 2.49
CA ILE B 590 8.87 -5.03 2.80
C ILE B 590 7.72 -4.99 3.77
N LYS B 591 6.67 -5.72 3.44
CA LYS B 591 5.49 -5.61 4.25
C LYS B 591 5.69 -6.30 5.58
N GLY B 592 6.65 -7.23 5.63
CA GLY B 592 7.00 -7.90 6.88
C GLY B 592 6.30 -9.23 7.12
N THR B 593 5.86 -9.88 6.06
CA THR B 593 5.04 -11.07 6.24
C THR B 593 5.81 -12.39 6.18
N ASP B 594 5.21 -13.47 6.69
CA ASP B 594 5.88 -14.78 6.74
C ASP B 594 5.97 -15.41 5.40
N VAL B 595 6.93 -14.95 4.64
CA VAL B 595 7.18 -15.53 3.35
C VAL B 595 6.81 -17.01 3.42
N ASP B 596 7.62 -17.75 4.19
CA ASP B 596 7.53 -19.22 4.27
C ASP B 596 6.15 -19.64 4.78
N GLN B 597 5.72 -19.09 5.91
CA GLN B 597 4.41 -19.43 6.47
C GLN B 597 3.49 -18.20 6.35
N PRO B 598 2.85 -18.05 5.20
CA PRO B 598 1.91 -16.93 4.96
C PRO B 598 0.73 -17.08 5.93
N ARG B 599 -0.33 -16.25 5.94
CA ARG B 599 -1.40 -16.40 6.97
C ARG B 599 -2.76 -16.99 6.59
N ASN B 600 -3.48 -17.47 7.60
CA ASN B 600 -4.74 -18.15 7.37
C ASN B 600 -4.58 -19.33 6.49
N LEU B 601 -3.36 -19.82 6.42
CA LEU B 601 -3.05 -20.87 5.50
C LEU B 601 -2.13 -21.92 6.13
N ALA B 602 -1.70 -22.86 5.33
CA ALA B 602 -0.46 -23.56 5.60
C ALA B 602 -0.25 -24.42 4.36
N LYS B 603 0.75 -25.28 4.33
CA LYS B 603 1.12 -25.86 3.07
C LYS B 603 -0.02 -26.45 2.28
N SER B 604 -0.36 -27.72 2.44
CA SER B 604 -1.16 -28.22 1.32
C SER B 604 -2.46 -28.68 1.80
N VAL B 605 -3.50 -28.53 0.99
CA VAL B 605 -4.83 -28.78 1.51
C VAL B 605 -5.17 -30.26 1.40
N THR B 606 -4.87 -31.02 2.45
CA THR B 606 -5.11 -32.45 2.45
C THR B 606 -6.49 -32.88 2.96
N VAL B 607 -7.22 -31.91 3.47
CA VAL B 607 -8.52 -32.14 4.06
C VAL B 607 -9.48 -31.34 3.27
N GLU B 608 -10.30 -32.06 2.53
CA GLU B 608 -11.35 -31.47 1.73
C GLU B 608 -11.69 -30.16 2.41
N CYS C 1 -17.24 6.19 -29.83
CA CYS C 1 -17.94 6.10 -31.14
C CYS C 1 -19.31 6.80 -31.10
N GLY C 2 -19.88 7.08 -32.27
CA GLY C 2 -21.26 7.53 -32.36
C GLY C 2 -21.30 8.85 -33.12
N ILE C 3 -22.22 8.98 -34.07
CA ILE C 3 -22.31 10.18 -34.86
C ILE C 3 -23.67 10.82 -34.77
N VAL C 4 -23.70 12.14 -34.87
CA VAL C 4 -24.94 12.92 -34.73
C VAL C 4 -24.99 14.10 -35.73
N GLY C 5 -25.05 13.82 -37.03
CA GLY C 5 -25.07 14.88 -38.05
C GLY C 5 -26.44 15.49 -38.37
N ALA C 6 -26.42 16.66 -39.02
CA ALA C 6 -27.66 17.35 -39.41
C ALA C 6 -27.63 17.84 -40.85
N ILE C 7 -28.75 18.44 -41.25
CA ILE C 7 -28.94 19.03 -42.57
C ILE C 7 -30.37 19.60 -42.67
N ALA C 8 -30.76 20.36 -41.64
CA ALA C 8 -32.12 20.89 -41.52
C ALA C 8 -32.28 22.26 -42.14
N GLN C 9 -33.45 22.85 -41.86
CA GLN C 9 -33.76 24.19 -42.27
C GLN C 9 -33.26 25.07 -41.16
N ARG C 10 -33.63 24.77 -39.92
CA ARG C 10 -33.28 25.69 -38.86
C ARG C 10 -32.08 25.28 -38.03
N ASP C 11 -31.91 25.93 -36.87
CA ASP C 11 -30.80 25.68 -35.97
C ASP C 11 -30.78 24.23 -35.49
N VAL C 12 -29.80 23.48 -35.99
CA VAL C 12 -29.59 22.11 -35.57
C VAL C 12 -28.73 22.11 -34.30
N ALA C 13 -27.98 23.19 -34.09
CA ALA C 13 -27.03 23.25 -32.98
C ALA C 13 -27.47 22.31 -31.86
N GLU C 14 -28.43 22.74 -31.05
CA GLU C 14 -28.86 21.98 -29.86
C GLU C 14 -29.29 20.53 -30.15
N ILE C 15 -29.71 20.27 -31.39
CA ILE C 15 -30.01 18.89 -31.81
C ILE C 15 -28.75 18.06 -32.00
N LEU C 16 -27.65 18.69 -32.38
CA LEU C 16 -26.40 17.97 -32.46
C LEU C 16 -25.93 17.66 -31.04
N LEU C 17 -26.26 18.54 -30.09
CA LEU C 17 -25.83 18.40 -28.68
C LEU C 17 -26.79 17.61 -27.79
N GLU C 18 -28.06 17.97 -27.82
CA GLU C 18 -29.05 17.26 -27.04
C GLU C 18 -29.32 15.88 -27.67
N GLY C 19 -28.62 15.58 -28.76
CA GLY C 19 -28.72 14.30 -29.43
C GLY C 19 -27.41 13.54 -29.30
N LEU C 20 -26.47 14.13 -28.57
CA LEU C 20 -25.21 13.44 -28.21
C LEU C 20 -25.41 12.86 -26.83
N ARG C 21 -25.96 13.67 -25.93
CA ARG C 21 -26.32 13.18 -24.60
C ARG C 21 -27.12 11.87 -24.67
N ARG C 22 -28.02 11.76 -25.64
CA ARG C 22 -28.78 10.54 -25.81
C ARG C 22 -27.96 9.60 -26.65
N LEU C 23 -26.64 9.69 -26.50
CA LEU C 23 -25.74 8.78 -27.19
C LEU C 23 -24.42 8.84 -26.40
N GLU C 24 -24.55 9.41 -25.21
CA GLU C 24 -23.44 9.67 -24.30
C GLU C 24 -23.02 8.39 -23.61
N TYR C 25 -24.02 7.59 -23.23
CA TYR C 25 -23.79 6.32 -22.55
C TYR C 25 -22.66 5.56 -23.24
N ARG C 26 -22.50 5.77 -24.54
CA ARG C 26 -21.37 5.16 -25.24
C ARG C 26 -20.35 6.23 -25.65
N GLY C 27 -19.06 5.96 -25.41
CA GLY C 27 -17.96 6.84 -25.79
C GLY C 27 -17.75 8.14 -25.01
N TYR C 28 -18.48 8.31 -23.91
CA TYR C 28 -18.48 9.58 -23.17
C TYR C 28 -17.06 10.09 -22.91
N ASP C 29 -16.23 10.05 -23.96
CA ASP C 29 -14.82 10.46 -23.93
C ASP C 29 -14.59 11.98 -24.22
N SER C 30 -14.79 12.38 -25.47
CA SER C 30 -14.67 13.79 -25.87
C SER C 30 -15.62 14.05 -27.06
N ALA C 31 -16.54 15.00 -26.90
CA ALA C 31 -17.60 15.26 -27.90
C ALA C 31 -17.44 16.52 -28.77
N GLY C 32 -17.06 16.32 -30.02
CA GLY C 32 -16.95 17.45 -30.94
C GLY C 32 -18.08 17.52 -31.95
N LEU C 33 -18.26 18.70 -32.56
CA LEU C 33 -19.29 18.92 -33.58
C LEU C 33 -18.84 20.02 -34.53
N ALA C 34 -19.76 20.49 -35.38
CA ALA C 34 -19.48 21.57 -36.31
C ALA C 34 -20.80 22.17 -36.82
N VAL C 35 -20.76 23.31 -37.47
CA VAL C 35 -22.01 23.94 -37.86
C VAL C 35 -21.71 24.95 -38.95
N VAL C 36 -22.32 24.78 -40.12
CA VAL C 36 -22.04 25.66 -41.26
C VAL C 36 -23.28 26.14 -42.00
N ASP C 37 -23.61 27.43 -41.85
CA ASP C 37 -24.77 28.04 -42.54
C ASP C 37 -24.67 28.01 -44.08
N ALA C 38 -25.56 28.75 -44.74
CA ALA C 38 -25.62 28.74 -46.19
C ALA C 38 -24.28 29.13 -46.80
N GLU C 39 -23.87 30.38 -46.61
CA GLU C 39 -22.57 30.86 -47.11
C GLU C 39 -21.45 29.86 -46.72
N GLY C 40 -21.12 29.82 -45.43
CA GLY C 40 -20.06 28.96 -44.89
C GLY C 40 -19.66 29.44 -43.49
N HIS C 41 -18.35 29.48 -43.20
CA HIS C 41 -17.85 29.89 -41.88
C HIS C 41 -18.26 28.93 -40.80
N MET C 42 -17.52 27.83 -40.69
CA MET C 42 -17.81 26.81 -39.69
C MET C 42 -17.71 27.38 -38.28
N THR C 43 -18.12 26.61 -37.28
CA THR C 43 -18.02 27.04 -35.88
C THR C 43 -17.78 25.86 -34.97
N ARG C 44 -16.67 25.15 -35.21
CA ARG C 44 -16.25 23.97 -34.46
C ARG C 44 -16.08 24.19 -32.98
N LEU C 45 -16.62 23.28 -32.20
CA LEU C 45 -16.67 23.42 -30.75
C LEU C 45 -16.26 22.11 -30.07
N ARG C 46 -14.96 21.85 -30.03
CA ARG C 46 -14.46 20.63 -29.38
C ARG C 46 -14.04 20.93 -27.96
N ARG C 47 -14.30 19.98 -27.06
CA ARG C 47 -13.96 20.14 -25.64
C ARG C 47 -13.40 18.85 -24.99
N LEU C 48 -12.92 19.02 -23.76
CA LEU C 48 -12.33 17.93 -22.99
C LEU C 48 -13.42 17.38 -22.10
N GLY C 49 -13.88 16.17 -22.43
CA GLY C 49 -14.91 15.50 -21.66
C GLY C 49 -15.99 14.92 -22.55
N LYS C 50 -17.01 14.34 -21.92
CA LYS C 50 -18.13 13.79 -22.65
C LYS C 50 -19.14 14.90 -22.88
N VAL C 51 -20.16 14.62 -23.70
CA VAL C 51 -21.16 15.63 -24.02
C VAL C 51 -21.89 16.09 -22.77
N GLN C 52 -21.16 16.72 -21.86
CA GLN C 52 -21.70 17.11 -20.56
C GLN C 52 -21.52 18.63 -20.37
N MET C 53 -20.26 19.08 -20.31
CA MET C 53 -19.94 20.49 -20.11
C MET C 53 -19.82 21.16 -21.46
N LEU C 54 -19.97 20.37 -22.52
CA LEU C 54 -19.95 20.92 -23.88
C LEU C 54 -21.18 21.78 -24.12
N ALA C 55 -22.13 21.74 -23.19
CA ALA C 55 -23.38 22.48 -23.34
C ALA C 55 -23.21 23.93 -22.82
N GLN C 56 -22.13 24.16 -22.07
CA GLN C 56 -21.79 25.49 -21.55
C GLN C 56 -21.32 26.40 -22.71
N ALA C 57 -20.52 25.81 -23.59
CA ALA C 57 -20.04 26.43 -24.82
C ALA C 57 -21.16 26.46 -25.82
N ALA C 58 -22.36 26.34 -25.32
CA ALA C 58 -23.48 26.43 -26.20
C ALA C 58 -24.10 27.75 -25.79
N GLU C 59 -24.74 27.82 -24.62
CA GLU C 59 -25.47 29.04 -24.21
C GLU C 59 -24.54 30.21 -23.88
N GLU C 60 -23.25 29.86 -23.85
CA GLU C 60 -22.17 30.78 -23.55
C GLU C 60 -21.21 30.79 -24.75
N HIS C 61 -21.81 30.95 -25.93
CA HIS C 61 -21.12 30.99 -27.23
C HIS C 61 -22.00 30.39 -28.34
N PRO C 62 -23.24 30.88 -28.46
CA PRO C 62 -24.26 30.28 -29.34
C PRO C 62 -23.80 30.00 -30.76
N LEU C 63 -24.22 28.84 -31.26
CA LEU C 63 -23.76 28.36 -32.56
C LEU C 63 -24.93 28.41 -33.55
N HIS C 64 -25.50 29.59 -33.77
CA HIS C 64 -26.60 29.81 -34.74
C HIS C 64 -26.29 29.33 -36.16
N GLY C 65 -26.45 28.02 -36.37
CA GLY C 65 -26.28 27.41 -37.67
C GLY C 65 -27.55 26.65 -38.03
N GLY C 66 -27.40 25.55 -38.75
CA GLY C 66 -28.54 24.74 -39.13
C GLY C 66 -27.99 23.49 -39.79
N THR C 67 -26.67 23.44 -40.01
CA THR C 67 -25.99 22.23 -40.52
C THR C 67 -24.69 21.80 -39.78
N GLY C 68 -24.42 20.48 -39.78
CA GLY C 68 -23.19 19.94 -39.21
C GLY C 68 -23.25 18.60 -38.49
N ILE C 69 -22.08 18.01 -38.28
CA ILE C 69 -21.96 16.69 -37.67
C ILE C 69 -21.18 16.75 -36.35
N ALA C 70 -21.69 16.00 -35.37
CA ALA C 70 -21.06 15.82 -34.06
C ALA C 70 -20.34 14.47 -34.01
N HIS C 71 -19.84 14.13 -32.84
CA HIS C 71 -19.01 12.93 -32.67
C HIS C 71 -18.47 12.77 -31.24
N THR C 72 -18.29 11.52 -30.81
CA THR C 72 -17.56 11.20 -29.57
C THR C 72 -16.62 10.04 -29.85
N ARG C 73 -15.42 10.11 -29.28
CA ARG C 73 -14.40 9.14 -29.56
C ARG C 73 -14.30 8.10 -28.43
N TRP C 74 -13.36 7.17 -28.62
CA TRP C 74 -12.99 6.16 -27.65
C TRP C 74 -11.55 6.48 -27.26
N ALA C 75 -11.42 7.33 -26.25
CA ALA C 75 -10.12 7.70 -25.69
C ALA C 75 -9.50 6.48 -25.05
N THR C 76 -9.33 5.39 -25.79
CA THR C 76 -8.75 4.24 -25.12
C THR C 76 -7.30 4.58 -24.97
N HIS C 77 -6.59 4.71 -26.09
CA HIS C 77 -5.21 5.14 -26.03
C HIS C 77 -5.14 6.61 -25.57
N GLY C 78 -4.21 6.89 -24.66
CA GLY C 78 -3.97 8.21 -24.07
C GLY C 78 -5.00 9.32 -24.10
N GLU C 79 -4.48 10.48 -24.46
CA GLU C 79 -5.24 11.72 -24.54
C GLU C 79 -4.39 12.81 -25.18
N PRO C 80 -3.74 12.55 -26.31
CA PRO C 80 -3.25 13.69 -27.07
C PRO C 80 -4.61 14.35 -27.26
N SER C 81 -5.11 14.93 -26.18
CA SER C 81 -6.54 15.15 -25.95
C SER C 81 -7.23 15.97 -27.06
N GLU C 82 -7.43 17.27 -26.79
CA GLU C 82 -8.15 18.19 -27.68
C GLU C 82 -8.07 17.89 -29.20
N VAL C 83 -6.97 18.29 -29.83
CA VAL C 83 -6.79 18.17 -31.28
C VAL C 83 -7.16 16.79 -31.90
N ASN C 84 -6.84 15.71 -31.19
CA ASN C 84 -7.16 14.35 -31.65
C ASN C 84 -8.67 14.19 -31.79
N ALA C 85 -9.41 14.89 -30.91
CA ALA C 85 -10.88 14.91 -30.88
C ALA C 85 -11.51 15.17 -32.24
N HIS C 86 -12.80 14.83 -32.34
CA HIS C 86 -13.60 15.01 -33.56
C HIS C 86 -14.50 16.21 -33.39
N PRO C 87 -14.67 16.99 -34.46
CA PRO C 87 -14.08 16.69 -35.78
C PRO C 87 -12.63 17.18 -36.01
N HIS C 88 -12.07 16.79 -37.16
CA HIS C 88 -10.65 16.98 -37.42
C HIS C 88 -10.35 18.23 -38.27
N VAL C 89 -9.06 18.44 -38.57
CA VAL C 89 -8.56 19.58 -39.36
C VAL C 89 -8.36 19.20 -40.83
N SER C 90 -9.34 19.48 -41.67
CA SER C 90 -9.18 19.18 -43.10
C SER C 90 -9.66 20.33 -43.97
N GLU C 91 -9.11 21.51 -43.72
CA GLU C 91 -9.48 22.67 -44.48
C GLU C 91 -10.90 23.03 -44.04
N HIS C 92 -11.87 22.42 -44.70
CA HIS C 92 -13.26 22.63 -44.36
C HIS C 92 -14.04 21.35 -44.66
N ILE C 93 -13.34 20.22 -44.68
CA ILE C 93 -13.94 18.90 -44.93
C ILE C 93 -14.26 18.19 -43.61
N VAL C 94 -15.03 18.86 -42.74
CA VAL C 94 -15.34 18.32 -41.42
C VAL C 94 -15.82 16.88 -41.49
N VAL C 95 -15.01 15.97 -40.97
CA VAL C 95 -15.32 14.55 -41.03
C VAL C 95 -15.69 14.03 -39.63
N VAL C 96 -16.16 12.78 -39.60
CA VAL C 96 -16.51 12.06 -38.37
C VAL C 96 -16.60 10.57 -38.69
N HIS C 97 -16.01 9.74 -37.84
CA HIS C 97 -15.98 8.30 -38.08
C HIS C 97 -16.72 7.47 -37.03
N ASN C 98 -17.12 6.27 -37.42
CA ASN C 98 -17.88 5.36 -36.57
C ASN C 98 -17.22 3.98 -36.58
N GLY C 99 -16.07 3.89 -35.91
CA GLY C 99 -15.38 2.62 -35.78
C GLY C 99 -13.89 2.91 -35.77
N ILE C 100 -13.21 2.48 -36.83
CA ILE C 100 -11.77 2.67 -36.94
C ILE C 100 -11.32 2.69 -38.41
N ILE C 101 -10.10 3.17 -38.67
CA ILE C 101 -9.52 3.12 -40.01
C ILE C 101 -8.18 2.38 -39.93
N GLU C 102 -8.23 1.06 -40.05
CA GLU C 102 -7.03 0.25 -39.90
C GLU C 102 -5.88 0.90 -40.65
N ASN C 103 -6.00 1.03 -41.96
CA ASN C 103 -4.91 1.52 -42.80
C ASN C 103 -4.55 2.99 -42.54
N HIS C 104 -4.70 3.45 -41.30
CA HIS C 104 -4.37 4.83 -40.93
C HIS C 104 -2.89 5.18 -41.20
N GLU C 105 -1.98 4.37 -40.67
CA GLU C 105 -0.54 4.59 -40.86
C GLU C 105 -0.24 5.04 -42.31
N PRO C 106 -0.59 4.21 -43.28
CA PRO C 106 -0.31 4.47 -44.70
C PRO C 106 -0.72 5.87 -45.13
N LEU C 107 -2.01 6.10 -45.27
CA LEU C 107 -2.49 7.42 -45.65
C LEU C 107 -1.91 8.46 -44.71
N ARG C 108 -1.96 8.14 -43.43
CA ARG C 108 -1.55 9.08 -42.39
C ARG C 108 -0.43 9.97 -42.93
N GLU C 109 0.43 9.40 -43.77
CA GLU C 109 1.61 10.11 -44.31
C GLU C 109 1.59 10.07 -45.85
N GLU C 110 0.69 9.27 -46.39
CA GLU C 110 0.52 9.14 -47.84
C GLU C 110 0.20 10.49 -48.48
N LEU C 111 -0.25 11.45 -47.66
CA LEU C 111 -0.66 12.81 -48.08
C LEU C 111 0.38 13.87 -47.73
N LYS C 112 1.20 13.58 -46.73
CA LYS C 112 2.23 14.51 -46.28
C LYS C 112 3.07 14.98 -47.48
N ALA C 113 3.83 14.06 -48.09
CA ALA C 113 4.64 14.39 -49.27
C ALA C 113 3.76 14.32 -50.54
N ARG C 114 2.54 14.85 -50.40
CA ARG C 114 1.62 15.03 -51.52
C ARG C 114 0.98 16.42 -51.48
N GLY C 115 0.83 16.99 -50.29
CA GLY C 115 0.30 18.34 -50.17
C GLY C 115 -0.29 18.61 -48.81
N TYR C 116 -0.88 17.59 -48.18
CA TYR C 116 -1.54 17.82 -46.90
C TYR C 116 -0.59 17.66 -45.72
N THR C 117 -0.77 18.53 -44.71
CA THR C 117 0.04 18.49 -43.51
C THR C 117 -0.78 18.27 -42.25
N PHE C 118 -0.80 17.02 -41.80
CA PHE C 118 -1.61 16.58 -40.69
C PHE C 118 -1.25 17.27 -39.42
N VAL C 119 -2.21 17.33 -38.51
CA VAL C 119 -2.03 17.96 -37.23
C VAL C 119 -2.82 17.20 -36.21
N SER C 120 -2.87 15.88 -36.36
CA SER C 120 -3.57 15.03 -35.41
C SER C 120 -3.14 13.57 -35.56
N GLU C 121 -3.36 12.77 -34.51
CA GLU C 121 -2.96 11.36 -34.51
C GLU C 121 -4.16 10.41 -34.75
N THR C 122 -5.33 10.99 -35.06
CA THR C 122 -6.54 10.20 -35.30
C THR C 122 -6.52 9.49 -36.66
N ASP C 123 -6.97 8.23 -36.66
CA ASP C 123 -7.02 7.44 -37.88
C ASP C 123 -8.08 7.94 -38.84
N THR C 124 -8.80 9.01 -38.47
CA THR C 124 -9.89 9.52 -39.29
C THR C 124 -9.51 10.82 -40.03
N GLU C 125 -8.64 11.62 -39.42
CA GLU C 125 -8.14 12.83 -40.05
C GLU C 125 -7.64 12.53 -41.49
N VAL C 126 -7.46 11.25 -41.83
CA VAL C 126 -7.01 10.86 -43.18
C VAL C 126 -8.15 10.90 -44.18
N ILE C 127 -9.31 10.35 -43.82
CA ILE C 127 -10.44 10.41 -44.74
C ILE C 127 -10.78 11.90 -44.84
N ALA C 128 -10.84 12.55 -43.67
CA ALA C 128 -11.14 13.97 -43.64
C ALA C 128 -10.43 14.63 -44.83
N HIS C 129 -9.13 14.38 -44.96
CA HIS C 129 -8.33 14.94 -46.04
C HIS C 129 -8.51 14.15 -47.33
N LEU C 130 -8.54 12.82 -47.21
CA LEU C 130 -8.76 11.95 -48.36
C LEU C 130 -9.80 12.52 -49.33
N VAL C 131 -10.65 13.38 -48.81
CA VAL C 131 -11.65 14.06 -49.62
C VAL C 131 -11.01 15.11 -50.54
N ASN C 132 -10.26 16.05 -49.94
CA ASN C 132 -9.57 17.11 -50.67
C ASN C 132 -8.88 16.53 -51.89
N TRP C 133 -8.69 15.20 -51.89
CA TRP C 133 -8.08 14.46 -53.02
C TRP C 133 -8.97 14.45 -54.26
N GLU C 134 -10.13 13.83 -54.16
CA GLU C 134 -11.09 13.81 -55.25
C GLU C 134 -12.01 15.05 -55.19
N LEU C 135 -11.57 16.05 -54.44
CA LEU C 135 -12.29 17.29 -54.29
C LEU C 135 -11.95 18.25 -55.42
N LYS C 136 -10.71 18.72 -55.42
CA LYS C 136 -10.24 19.66 -56.43
C LYS C 136 -10.32 18.99 -57.81
N GLN C 137 -10.69 17.71 -57.81
CA GLN C 137 -10.87 16.95 -59.05
C GLN C 137 -12.32 17.01 -59.57
N GLY C 138 -12.90 18.21 -59.55
CA GLY C 138 -14.28 18.39 -60.00
C GLY C 138 -15.18 17.36 -59.32
N GLY C 139 -16.00 17.81 -58.37
CA GLY C 139 -16.94 16.92 -57.70
C GLY C 139 -18.02 17.72 -56.99
N THR C 140 -19.26 17.25 -57.00
CA THR C 140 -20.34 18.03 -56.39
C THR C 140 -20.25 17.90 -54.89
N LEU C 141 -20.07 16.65 -54.49
CA LEU C 141 -19.96 16.25 -53.10
C LEU C 141 -19.70 14.75 -53.09
N ARG C 142 -20.53 14.03 -53.85
CA ARG C 142 -20.41 12.58 -53.99
C ARG C 142 -19.22 12.24 -54.87
N GLU C 143 -18.93 13.11 -55.84
CA GLU C 143 -17.78 12.92 -56.71
C GLU C 143 -16.47 13.05 -55.93
N ALA C 144 -16.56 13.22 -54.60
CA ALA C 144 -15.36 13.32 -53.76
C ALA C 144 -15.36 12.26 -52.64
N VAL C 145 -16.43 11.47 -52.57
CA VAL C 145 -16.56 10.39 -51.58
C VAL C 145 -16.94 9.06 -52.29
N LEU C 146 -17.87 9.12 -53.23
CA LEU C 146 -18.27 7.94 -54.03
C LEU C 146 -17.13 6.97 -54.35
N ARG C 147 -15.90 7.48 -54.43
CA ARG C 147 -14.74 6.66 -54.75
C ARG C 147 -13.66 6.72 -53.66
N ALA C 148 -14.01 7.35 -52.53
CA ALA C 148 -13.10 7.42 -51.40
C ALA C 148 -13.38 6.29 -50.40
N ILE C 149 -14.30 5.39 -50.76
CA ILE C 149 -14.60 4.22 -49.93
C ILE C 149 -13.81 2.99 -50.42
N PRO C 150 -13.75 2.80 -51.73
CA PRO C 150 -13.04 1.67 -52.35
C PRO C 150 -11.56 1.56 -51.98
N GLN C 151 -10.98 2.61 -51.41
CA GLN C 151 -9.58 2.58 -51.00
C GLN C 151 -9.42 2.65 -49.47
N LEU C 152 -10.44 2.24 -48.71
CA LEU C 152 -10.35 2.19 -47.24
C LEU C 152 -10.98 0.93 -46.65
N ARG C 153 -10.22 0.26 -45.80
CA ARG C 153 -10.68 -0.96 -45.14
C ARG C 153 -10.98 -0.70 -43.65
N GLY C 154 -11.85 -1.56 -43.09
CA GLY C 154 -12.19 -1.57 -41.68
C GLY C 154 -13.66 -1.27 -41.40
N ALA C 155 -14.06 -1.48 -40.14
CA ALA C 155 -15.40 -1.16 -39.70
C ALA C 155 -15.49 0.28 -39.21
N TYR C 156 -16.27 1.08 -39.91
CA TYR C 156 -16.44 2.48 -39.60
C TYR C 156 -17.63 3.09 -40.32
N GLY C 157 -17.83 4.38 -40.07
CA GLY C 157 -18.92 5.13 -40.66
C GLY C 157 -18.55 6.60 -40.85
N THR C 158 -18.31 6.97 -42.10
CA THR C 158 -17.95 8.34 -42.45
C THR C 158 -19.18 9.21 -42.64
N VAL C 159 -19.04 10.49 -42.31
CA VAL C 159 -20.09 11.46 -42.57
C VAL C 159 -19.46 12.80 -42.97
N ILE C 160 -18.92 12.81 -44.18
CA ILE C 160 -18.24 13.94 -44.77
C ILE C 160 -19.18 15.03 -45.25
N MET C 161 -18.75 16.28 -45.14
CA MET C 161 -19.57 17.40 -45.57
C MET C 161 -18.69 18.54 -46.14
N ASP C 162 -19.22 19.77 -46.27
CA ASP C 162 -18.41 20.93 -46.73
C ASP C 162 -18.79 22.25 -46.09
N SER C 163 -18.17 23.32 -46.54
CA SER C 163 -18.46 24.63 -45.97
C SER C 163 -18.86 25.58 -47.10
N ARG C 164 -18.39 25.27 -48.31
CA ARG C 164 -18.76 26.01 -49.52
C ARG C 164 -20.07 25.40 -50.04
N HIS C 165 -20.32 24.15 -49.62
CA HIS C 165 -21.51 23.41 -50.01
C HIS C 165 -22.14 22.74 -48.78
N PRO C 166 -22.44 23.52 -47.75
CA PRO C 166 -23.01 22.99 -46.50
C PRO C 166 -24.47 22.61 -46.70
N ASP C 167 -25.02 23.16 -47.77
CA ASP C 167 -26.37 22.84 -48.15
C ASP C 167 -26.55 21.31 -47.99
N THR C 168 -25.50 20.53 -48.23
CA THR C 168 -25.56 19.06 -48.04
C THR C 168 -24.91 18.55 -46.76
N LEU C 169 -24.65 17.24 -46.79
CA LEU C 169 -24.14 16.48 -45.66
C LEU C 169 -24.04 14.98 -46.02
N LEU C 170 -22.97 14.61 -46.73
CA LEU C 170 -22.82 13.24 -47.19
C LEU C 170 -22.38 12.39 -46.02
N ALA C 171 -22.43 11.06 -46.17
CA ALA C 171 -21.97 10.12 -45.15
C ALA C 171 -22.04 8.69 -45.71
N ALA C 172 -20.97 7.92 -45.57
CA ALA C 172 -20.99 6.53 -46.04
C ALA C 172 -20.63 5.57 -44.92
N ARG C 173 -21.62 4.77 -44.56
CA ARG C 173 -21.49 3.75 -43.54
C ARG C 173 -20.62 2.64 -44.09
N SER C 174 -19.90 1.94 -43.23
CA SER C 174 -19.03 0.85 -43.67
C SER C 174 -18.50 0.06 -42.47
N GLY C 175 -19.43 -0.43 -41.65
CA GLY C 175 -19.10 -1.22 -40.46
C GLY C 175 -20.16 -1.06 -39.39
N SER C 176 -20.20 0.11 -38.75
CA SER C 176 -21.15 0.38 -37.67
C SER C 176 -22.52 0.76 -38.19
N PRO C 177 -23.53 0.48 -37.39
CA PRO C 177 -24.88 0.90 -37.71
C PRO C 177 -24.98 2.39 -37.94
N LEU C 178 -25.71 2.69 -39.00
CA LEU C 178 -25.94 4.04 -39.45
C LEU C 178 -27.41 4.21 -39.92
N VAL C 179 -28.14 5.09 -39.23
CA VAL C 179 -29.57 5.32 -39.45
C VAL C 179 -29.88 6.80 -39.64
N ILE C 180 -30.47 7.11 -40.79
CA ILE C 180 -30.79 8.48 -41.16
C ILE C 180 -32.22 8.87 -40.77
N GLY C 181 -32.36 9.95 -40.01
CA GLY C 181 -33.67 10.41 -39.55
C GLY C 181 -34.47 10.94 -40.73
N LEU C 182 -35.71 11.37 -40.50
CA LEU C 182 -36.57 11.94 -41.55
C LEU C 182 -37.67 12.85 -40.99
N GLY C 183 -38.26 13.71 -41.83
CA GLY C 183 -39.33 14.60 -41.40
C GLY C 183 -40.02 15.42 -42.48
N MET C 184 -39.47 16.62 -42.67
CA MET C 184 -39.95 17.58 -43.68
C MET C 184 -38.85 18.62 -43.88
N GLY C 185 -38.08 18.45 -44.95
CA GLY C 185 -37.01 19.38 -45.29
C GLY C 185 -36.12 19.71 -44.11
N GLU C 186 -35.95 18.75 -43.21
CA GLU C 186 -35.10 18.93 -42.05
C GLU C 186 -34.68 17.58 -41.49
N ASN C 187 -34.10 16.77 -42.37
CA ASN C 187 -33.67 15.41 -42.05
C ASN C 187 -32.61 15.32 -40.95
N PHE C 188 -31.98 14.16 -40.79
CA PHE C 188 -30.92 14.03 -39.81
C PHE C 188 -30.10 12.78 -40.08
N ILE C 189 -29.09 12.51 -39.26
CA ILE C 189 -28.30 11.28 -39.44
C ILE C 189 -27.45 10.92 -38.22
N ALA C 190 -27.57 9.67 -37.77
CA ALA C 190 -26.87 9.20 -36.59
C ALA C 190 -26.48 7.73 -36.71
N SER C 191 -26.15 7.10 -35.59
CA SER C 191 -25.78 5.69 -35.59
C SER C 191 -26.81 4.85 -34.79
N ASP C 192 -27.53 5.49 -33.86
CA ASP C 192 -28.61 4.82 -33.11
C ASP C 192 -29.85 5.72 -32.90
N GLN C 193 -31.04 5.18 -33.12
CA GLN C 193 -32.29 5.96 -32.96
C GLN C 193 -32.26 6.86 -31.73
N LEU C 194 -31.69 6.37 -30.65
CA LEU C 194 -31.76 7.11 -29.40
C LEU C 194 -31.21 8.52 -29.61
N ALA C 195 -30.27 8.60 -30.54
CA ALA C 195 -29.63 9.83 -30.95
C ALA C 195 -30.66 10.90 -31.25
N LEU C 196 -31.29 10.71 -32.39
CA LEU C 196 -32.24 11.65 -32.96
C LEU C 196 -33.66 11.18 -32.70
N LEU C 197 -34.18 11.36 -31.51
CA LEU C 197 -35.45 10.74 -31.26
C LEU C 197 -36.53 11.78 -31.02
N PRO C 198 -36.24 12.76 -30.19
CA PRO C 198 -37.24 13.77 -29.82
C PRO C 198 -37.55 14.73 -30.95
N VAL C 199 -36.99 14.48 -32.14
CA VAL C 199 -37.25 15.33 -33.30
C VAL C 199 -37.67 14.55 -34.54
N THR C 200 -37.47 13.22 -34.50
CA THR C 200 -37.88 12.36 -35.61
C THR C 200 -38.06 10.89 -35.18
N ARG C 201 -38.84 10.13 -35.95
CA ARG C 201 -39.01 8.71 -35.66
C ARG C 201 -38.71 7.89 -36.90
N ARG C 202 -39.09 8.41 -38.06
CA ARG C 202 -38.86 7.68 -39.29
C ARG C 202 -37.36 7.44 -39.44
N PHE C 203 -36.98 6.18 -39.53
CA PHE C 203 -35.57 5.84 -39.62
C PHE C 203 -35.28 5.05 -40.89
N ILE C 204 -34.10 5.25 -41.47
CA ILE C 204 -33.71 4.49 -42.65
C ILE C 204 -32.30 3.94 -42.40
N PHE C 205 -32.25 2.79 -41.75
CA PHE C 205 -30.97 2.17 -41.48
C PHE C 205 -30.27 1.95 -42.82
N LEU C 206 -28.95 1.87 -42.82
CA LEU C 206 -28.19 1.70 -44.07
C LEU C 206 -27.50 0.35 -44.05
N GLU C 207 -26.72 0.04 -45.08
CA GLU C 207 -26.03 -1.26 -45.17
C GLU C 207 -24.51 -1.11 -45.16
N GLU C 208 -23.82 -2.16 -45.60
CA GLU C 208 -22.36 -2.14 -45.69
C GLU C 208 -21.95 -1.43 -46.97
N GLY C 209 -21.00 -0.50 -46.85
CA GLY C 209 -20.59 0.30 -47.98
C GLY C 209 -21.78 1.09 -48.50
N ASP C 210 -22.60 1.54 -47.56
CA ASP C 210 -23.80 2.30 -47.86
C ASP C 210 -23.49 3.78 -47.79
N ILE C 211 -23.52 4.42 -48.96
CA ILE C 211 -23.32 5.85 -49.08
C ILE C 211 -24.66 6.55 -49.17
N ALA C 212 -24.68 7.86 -48.94
CA ALA C 212 -25.94 8.60 -48.86
C ALA C 212 -25.77 10.12 -48.88
N GLU C 213 -26.34 10.78 -49.89
CA GLU C 213 -26.31 12.25 -49.93
C GLU C 213 -27.61 12.76 -49.32
N ILE C 214 -27.48 13.43 -48.18
CA ILE C 214 -28.62 13.86 -47.38
C ILE C 214 -28.84 15.38 -47.47
N THR C 215 -29.76 15.80 -48.34
CA THR C 215 -30.02 17.23 -48.52
C THR C 215 -31.19 17.67 -47.64
N ARG C 216 -31.22 18.97 -47.34
CA ARG C 216 -32.26 19.55 -46.48
C ARG C 216 -33.58 18.81 -46.66
N ARG C 217 -33.90 18.47 -47.90
CA ARG C 217 -35.15 17.79 -48.21
C ARG C 217 -34.87 16.38 -48.75
N SER C 218 -34.13 16.27 -49.85
CA SER C 218 -33.88 14.97 -50.48
C SER C 218 -32.86 14.12 -49.74
N VAL C 219 -32.87 12.83 -50.04
CA VAL C 219 -32.03 11.87 -49.35
C VAL C 219 -31.70 10.73 -50.28
N ASN C 220 -30.98 11.03 -51.35
CA ASN C 220 -30.69 10.03 -52.36
C ASN C 220 -29.60 9.09 -51.86
N ILE C 221 -29.95 7.84 -51.59
CA ILE C 221 -28.97 6.93 -51.01
C ILE C 221 -28.28 6.08 -52.09
N PHE C 222 -27.00 5.74 -51.87
CA PHE C 222 -26.25 4.93 -52.83
C PHE C 222 -25.50 3.80 -52.12
N ASP C 223 -25.02 2.81 -52.89
CA ASP C 223 -24.36 1.63 -52.31
C ASP C 223 -22.85 1.63 -52.52
N LYS C 224 -22.32 0.59 -53.18
CA LYS C 224 -20.87 0.43 -53.27
C LYS C 224 -20.28 0.64 -54.67
N THR C 225 -21.00 0.20 -55.68
CA THR C 225 -20.49 0.25 -57.05
C THR C 225 -20.94 1.54 -57.71
N GLY C 226 -21.01 2.60 -56.93
CA GLY C 226 -21.46 3.89 -57.42
C GLY C 226 -22.95 3.90 -57.79
N ALA C 227 -23.58 2.74 -57.79
CA ALA C 227 -24.99 2.65 -58.14
C ALA C 227 -25.85 3.47 -57.16
N GLU C 228 -27.13 3.13 -57.04
CA GLU C 228 -28.02 3.80 -56.09
C GLU C 228 -29.32 3.00 -55.94
N VAL C 229 -29.86 2.98 -54.72
CA VAL C 229 -31.11 2.30 -54.43
C VAL C 229 -31.83 3.02 -53.28
N LYS C 230 -32.80 2.34 -52.68
CA LYS C 230 -33.56 2.88 -51.55
C LYS C 230 -33.79 1.89 -50.39
N ARG C 231 -34.23 2.43 -49.27
CA ARG C 231 -34.49 1.66 -48.07
C ARG C 231 -35.79 2.18 -47.51
N GLN C 232 -36.77 1.29 -47.36
CA GLN C 232 -38.11 1.74 -47.09
C GLN C 232 -38.33 2.14 -45.63
N ASP C 233 -37.28 2.62 -44.95
CA ASP C 233 -37.38 3.05 -43.55
C ASP C 233 -38.19 2.07 -42.66
N ILE C 234 -38.58 2.51 -41.47
CA ILE C 234 -39.33 1.65 -40.54
C ILE C 234 -40.20 2.45 -39.61
N GLU C 235 -41.13 1.74 -38.98
CA GLU C 235 -42.02 2.33 -38.00
C GLU C 235 -42.35 1.26 -36.95
N SER C 236 -41.38 0.40 -36.65
CA SER C 236 -41.58 -0.69 -35.69
C SER C 236 -41.66 -0.14 -34.26
N ASN C 237 -42.13 -0.98 -33.35
CA ASN C 237 -42.23 -0.68 -31.91
C ASN C 237 -40.92 -0.98 -31.15
N LEU C 238 -39.81 -0.41 -31.63
CA LEU C 238 -38.49 -0.56 -31.02
C LEU C 238 -38.23 0.57 -30.02
N GLN C 239 -39.31 1.16 -29.52
CA GLN C 239 -39.20 2.24 -28.54
C GLN C 239 -40.51 2.38 -27.75
N TYR C 240 -40.39 2.22 -26.44
CA TYR C 240 -41.54 2.30 -25.55
C TYR C 240 -41.49 3.65 -24.85
N ASP C 241 -40.31 3.94 -24.29
CA ASP C 241 -40.02 5.17 -23.56
C ASP C 241 -38.68 5.62 -24.13
N ALA C 242 -38.52 5.52 -25.45
CA ALA C 242 -37.29 5.97 -26.09
C ALA C 242 -36.03 5.57 -25.33
N GLY C 243 -35.14 6.53 -25.15
CA GLY C 243 -33.90 6.29 -24.43
C GLY C 243 -33.84 7.22 -23.23
N ASP C 244 -34.98 7.44 -22.60
CA ASP C 244 -35.03 8.29 -21.43
C ASP C 244 -34.95 7.48 -20.16
N LYS C 245 -34.38 8.08 -19.11
CA LYS C 245 -34.15 7.37 -17.87
C LYS C 245 -35.49 6.88 -17.38
N GLY C 246 -36.41 7.79 -17.12
CA GLY C 246 -37.71 7.40 -16.61
C GLY C 246 -37.97 7.89 -15.19
N ILE C 247 -38.93 7.25 -14.52
CA ILE C 247 -39.29 7.65 -13.17
C ILE C 247 -38.17 7.32 -12.21
N TYR C 248 -37.21 6.53 -12.69
CA TYR C 248 -36.08 6.11 -11.87
C TYR C 248 -35.01 7.20 -11.77
N ARG C 249 -33.93 6.86 -11.06
CA ARG C 249 -32.81 7.74 -10.80
C ARG C 249 -31.70 7.51 -11.86
N HIS C 250 -31.37 6.26 -12.13
CA HIS C 250 -30.28 5.95 -13.07
C HIS C 250 -30.75 4.93 -14.11
N TYR C 251 -30.18 5.02 -15.31
CA TYR C 251 -30.49 4.12 -16.43
C TYR C 251 -30.34 2.65 -16.04
N MET C 252 -29.26 2.33 -15.34
CA MET C 252 -29.04 0.96 -14.93
C MET C 252 -30.22 0.58 -14.05
N GLN C 253 -30.49 1.40 -13.03
CA GLN C 253 -31.56 1.07 -12.09
C GLN C 253 -32.77 0.63 -12.85
N LYS C 254 -33.03 1.38 -13.91
CA LYS C 254 -34.16 1.10 -14.75
C LYS C 254 -33.90 -0.34 -15.25
N GLU C 255 -32.84 -0.51 -16.03
CA GLU C 255 -32.50 -1.79 -16.67
C GLU C 255 -32.57 -2.96 -15.68
N ILE C 256 -32.56 -2.64 -14.40
CA ILE C 256 -32.60 -3.66 -13.38
C ILE C 256 -34.06 -3.93 -13.11
N TYR C 257 -34.68 -3.05 -12.31
CA TYR C 257 -36.06 -3.23 -11.87
C TYR C 257 -36.98 -3.49 -13.06
N GLU C 258 -36.48 -3.26 -14.26
CA GLU C 258 -37.25 -3.51 -15.47
C GLU C 258 -36.87 -4.89 -16.03
N GLN C 259 -36.31 -5.76 -15.19
CA GLN C 259 -35.89 -7.07 -15.67
C GLN C 259 -37.06 -8.07 -15.70
N PRO C 260 -37.85 -8.11 -14.64
CA PRO C 260 -39.02 -8.98 -14.64
C PRO C 260 -39.69 -8.86 -16.00
N ASN C 261 -40.39 -7.74 -16.23
CA ASN C 261 -41.12 -7.52 -17.47
C ASN C 261 -40.25 -7.78 -18.70
N ALA C 262 -38.93 -7.71 -18.52
CA ALA C 262 -37.98 -7.87 -19.61
C ALA C 262 -37.74 -9.34 -19.93
N ILE C 263 -37.89 -10.17 -18.91
CA ILE C 263 -37.67 -11.58 -19.05
C ILE C 263 -38.85 -12.12 -19.84
N LYS C 264 -40.03 -11.58 -19.55
CA LYS C 264 -41.29 -11.98 -20.21
C LYS C 264 -41.18 -11.86 -21.72
N ASN C 265 -40.68 -10.71 -22.17
CA ASN C 265 -40.48 -10.45 -23.58
C ASN C 265 -39.32 -11.31 -24.09
N THR C 266 -38.73 -12.05 -23.17
CA THR C 266 -37.64 -12.96 -23.50
C THR C 266 -38.23 -14.35 -23.69
N LEU C 267 -39.28 -14.60 -22.90
CA LEU C 267 -39.99 -15.86 -22.87
C LEU C 267 -41.34 -15.75 -23.54
N THR C 268 -41.53 -14.75 -24.39
CA THR C 268 -42.82 -14.62 -25.09
C THR C 268 -42.73 -15.28 -26.45
N GLY C 269 -43.60 -16.27 -26.64
CA GLY C 269 -43.65 -17.07 -27.86
C GLY C 269 -42.59 -18.15 -27.92
N ARG C 270 -42.38 -18.82 -26.80
CA ARG C 270 -41.35 -19.84 -26.70
C ARG C 270 -41.74 -20.84 -25.62
N ILE C 271 -43.03 -20.84 -25.27
CA ILE C 271 -43.56 -21.75 -24.26
C ILE C 271 -44.81 -22.49 -24.78
N SER C 272 -44.55 -23.70 -25.29
CA SER C 272 -45.56 -24.58 -25.91
C SER C 272 -45.94 -25.74 -25.01
N HIS C 273 -47.15 -25.65 -24.50
CA HIS C 273 -47.68 -26.72 -23.68
C HIS C 273 -46.63 -27.12 -22.65
N GLY C 274 -46.03 -26.15 -21.98
CA GLY C 274 -45.04 -26.47 -20.97
C GLY C 274 -43.70 -26.85 -21.58
N GLN C 275 -43.62 -26.86 -22.91
CA GLN C 275 -42.35 -27.08 -23.58
C GLN C 275 -41.77 -25.77 -24.13
N VAL C 276 -40.60 -25.86 -24.74
CA VAL C 276 -39.96 -24.64 -25.26
C VAL C 276 -39.89 -24.58 -26.81
N ASP C 277 -40.56 -23.58 -27.36
CA ASP C 277 -40.62 -23.45 -28.80
C ASP C 277 -39.73 -22.34 -29.30
N LEU C 278 -38.59 -22.74 -29.87
CA LEU C 278 -37.66 -21.81 -30.48
C LEU C 278 -37.83 -21.85 -31.98
N SER C 279 -39.07 -21.64 -32.43
CA SER C 279 -39.38 -21.56 -33.85
C SER C 279 -38.67 -20.34 -34.40
N GLU C 280 -38.41 -19.40 -33.51
CA GLU C 280 -37.61 -18.24 -33.83
C GLU C 280 -36.75 -18.58 -35.05
N LEU C 281 -35.90 -19.60 -34.94
CA LEU C 281 -34.96 -19.92 -36.01
C LEU C 281 -35.68 -20.14 -37.34
N GLY C 282 -36.40 -21.25 -37.46
CA GLY C 282 -37.18 -21.54 -38.65
C GLY C 282 -37.21 -23.04 -38.92
N PRO C 283 -36.76 -23.46 -40.10
CA PRO C 283 -36.67 -24.86 -40.48
C PRO C 283 -35.26 -25.46 -40.42
N ASN C 284 -34.32 -24.82 -41.10
CA ASN C 284 -32.95 -25.31 -41.16
C ASN C 284 -32.18 -25.06 -39.87
N ALA C 285 -32.88 -25.17 -38.76
CA ALA C 285 -32.29 -24.97 -37.44
C ALA C 285 -32.32 -26.29 -36.66
N ASP C 286 -33.48 -26.64 -36.10
CA ASP C 286 -33.64 -27.87 -35.35
C ASP C 286 -32.94 -29.03 -36.05
N GLU C 287 -32.88 -28.96 -37.37
CA GLU C 287 -32.21 -29.99 -38.17
C GLU C 287 -30.66 -29.86 -38.11
N LEU C 288 -30.15 -28.81 -37.45
CA LEU C 288 -28.69 -28.61 -37.37
C LEU C 288 -28.12 -28.95 -35.99
N LEU C 289 -28.94 -28.71 -34.97
CA LEU C 289 -28.60 -29.07 -33.60
C LEU C 289 -28.84 -30.54 -33.39
N SER C 290 -28.38 -31.34 -34.33
CA SER C 290 -28.63 -32.75 -34.26
C SER C 290 -27.25 -33.41 -34.16
N LYS C 291 -26.22 -32.70 -34.60
CA LYS C 291 -24.89 -33.27 -34.62
C LYS C 291 -24.09 -32.83 -33.40
N VAL C 292 -24.50 -31.68 -32.86
CA VAL C 292 -23.80 -31.06 -31.76
C VAL C 292 -23.37 -32.10 -30.75
N GLU C 293 -22.06 -32.19 -30.55
CA GLU C 293 -21.46 -33.02 -29.51
C GLU C 293 -20.52 -32.14 -28.68
N HIS C 294 -20.65 -30.83 -28.83
CA HIS C 294 -19.79 -29.84 -28.17
C HIS C 294 -20.27 -28.39 -28.46
N ILE C 295 -20.26 -27.56 -27.42
CA ILE C 295 -20.72 -26.17 -27.48
C ILE C 295 -19.73 -25.10 -27.01
N GLN C 296 -18.76 -24.75 -27.85
CA GLN C 296 -17.79 -23.71 -27.51
C GLN C 296 -18.50 -22.37 -27.46
N ILE C 297 -18.21 -21.57 -26.45
CA ILE C 297 -18.88 -20.29 -26.29
C ILE C 297 -17.92 -19.11 -26.22
N LEU C 298 -18.22 -18.02 -26.93
CA LEU C 298 -17.33 -16.85 -26.88
C LEU C 298 -18.10 -15.69 -26.25
N ALA C 299 -17.37 -14.73 -25.69
CA ALA C 299 -17.98 -13.51 -25.11
C ALA C 299 -16.89 -12.79 -24.32
N CYS C 300 -17.31 -11.75 -23.61
CA CYS C 300 -16.41 -10.89 -22.87
C CYS C 300 -17.17 -10.23 -21.72
N GLY C 301 -16.47 -9.73 -20.72
CA GLY C 301 -17.13 -9.02 -19.64
C GLY C 301 -18.32 -9.84 -19.17
N THR C 302 -19.41 -9.18 -18.79
CA THR C 302 -20.58 -9.91 -18.31
C THR C 302 -21.15 -10.93 -19.30
N SER C 303 -20.78 -10.80 -20.56
CA SER C 303 -21.23 -11.74 -21.58
C SER C 303 -20.72 -13.13 -21.21
N TYR C 304 -19.41 -13.21 -20.99
CA TYR C 304 -18.70 -14.40 -20.56
C TYR C 304 -19.33 -15.08 -19.33
N ASN C 305 -19.55 -14.29 -18.28
CA ASN C 305 -20.20 -14.74 -17.04
C ASN C 305 -21.38 -15.67 -17.32
N SER C 306 -22.26 -15.25 -18.22
CA SER C 306 -23.35 -16.11 -18.64
C SER C 306 -22.83 -17.49 -19.06
N GLY C 307 -21.89 -17.51 -20.00
CA GLY C 307 -21.36 -18.73 -20.60
C GLY C 307 -20.94 -19.68 -19.52
N MET C 308 -20.04 -19.20 -18.68
CA MET C 308 -19.66 -19.89 -17.47
C MET C 308 -20.86 -20.56 -16.84
N VAL C 309 -21.90 -19.79 -16.54
CA VAL C 309 -23.08 -20.37 -15.94
C VAL C 309 -23.78 -21.36 -16.86
N SER C 310 -23.77 -21.07 -18.15
CA SER C 310 -24.43 -21.96 -19.09
C SER C 310 -23.66 -23.27 -19.18
N ARG C 311 -22.37 -23.22 -18.84
CA ARG C 311 -21.57 -24.44 -18.93
C ARG C 311 -22.18 -25.43 -17.95
N TYR C 312 -22.19 -25.03 -16.68
CA TYR C 312 -22.71 -25.86 -15.58
C TYR C 312 -24.04 -26.54 -15.96
N TRP C 313 -24.83 -25.89 -16.81
CA TRP C 313 -26.13 -26.38 -17.29
C TRP C 313 -26.00 -27.29 -18.53
N PHE C 314 -25.36 -26.78 -19.55
CA PHE C 314 -25.23 -27.57 -20.77
C PHE C 314 -24.53 -28.86 -20.40
N GLU C 315 -23.79 -28.85 -19.30
CA GLU C 315 -23.04 -30.05 -18.97
C GLU C 315 -23.94 -31.00 -18.18
N SER C 316 -24.36 -30.57 -16.99
CA SER C 316 -25.17 -31.44 -16.15
C SER C 316 -26.44 -31.90 -16.85
N LEU C 317 -27.20 -30.92 -17.33
CA LEU C 317 -28.51 -31.17 -17.94
C LEU C 317 -28.40 -31.75 -19.34
N ALA C 318 -27.91 -30.98 -20.31
CA ALA C 318 -27.91 -31.51 -21.68
C ALA C 318 -26.92 -32.65 -21.84
N GLY C 319 -26.27 -33.05 -20.77
CA GLY C 319 -25.36 -34.18 -20.84
C GLY C 319 -24.27 -33.93 -21.85
N ILE C 320 -24.42 -32.87 -22.65
CA ILE C 320 -23.44 -32.59 -23.70
C ILE C 320 -22.38 -31.53 -23.26
N PRO C 321 -21.13 -31.83 -23.58
CA PRO C 321 -19.99 -30.99 -23.24
C PRO C 321 -20.13 -29.58 -23.71
N CYS C 322 -19.81 -28.61 -22.86
CA CYS C 322 -19.89 -27.19 -23.20
C CYS C 322 -18.63 -26.50 -22.69
N ASP C 323 -18.11 -25.54 -23.47
CA ASP C 323 -16.92 -24.79 -23.11
C ASP C 323 -17.22 -23.29 -23.12
N VAL C 324 -16.47 -22.51 -22.36
CA VAL C 324 -16.71 -21.09 -22.31
C VAL C 324 -15.35 -20.43 -22.16
N GLU C 325 -15.12 -19.33 -22.87
CA GLU C 325 -13.82 -18.65 -22.84
C GLU C 325 -13.95 -17.18 -23.19
N ILE C 326 -13.15 -16.33 -22.56
CA ILE C 326 -13.11 -14.95 -23.02
C ILE C 326 -12.60 -14.88 -24.47
N ALA C 327 -13.19 -13.97 -25.24
CA ALA C 327 -12.87 -13.77 -26.66
C ALA C 327 -11.43 -13.28 -26.84
N SER C 328 -11.16 -12.13 -26.23
CA SER C 328 -9.89 -11.42 -26.25
C SER C 328 -8.73 -12.29 -25.89
N GLU C 329 -8.87 -13.57 -26.16
CA GLU C 329 -7.83 -14.49 -25.79
C GLU C 329 -7.86 -15.56 -26.83
N PHE C 330 -9.02 -15.70 -27.47
CA PHE C 330 -9.16 -16.73 -28.47
C PHE C 330 -8.85 -16.17 -29.85
N ARG C 331 -9.35 -14.97 -30.10
CA ARG C 331 -9.21 -14.29 -31.38
C ARG C 331 -7.76 -14.11 -31.80
N TYR C 332 -6.86 -14.81 -31.15
CA TYR C 332 -5.46 -14.68 -31.49
C TYR C 332 -4.73 -16.01 -31.29
N ARG C 333 -5.40 -16.98 -30.69
CA ARG C 333 -4.69 -18.22 -30.35
C ARG C 333 -5.15 -19.38 -31.19
N LYS C 334 -4.22 -20.12 -31.76
CA LYS C 334 -4.65 -21.19 -32.64
C LYS C 334 -5.35 -22.26 -31.82
N SER C 335 -6.67 -22.32 -31.91
CA SER C 335 -7.43 -23.34 -31.21
C SER C 335 -7.63 -24.67 -31.97
N ALA C 336 -7.67 -25.77 -31.23
CA ALA C 336 -7.96 -27.09 -31.80
C ALA C 336 -9.47 -27.34 -31.75
N VAL C 337 -10.04 -27.68 -32.89
CA VAL C 337 -11.48 -27.81 -33.02
C VAL C 337 -12.02 -29.12 -32.43
N ARG C 338 -13.08 -29.03 -31.64
CA ARG C 338 -13.71 -30.24 -31.11
C ARG C 338 -14.84 -30.63 -32.05
N ARG C 339 -15.05 -31.94 -32.19
CA ARG C 339 -16.01 -32.47 -33.17
C ARG C 339 -17.45 -31.95 -32.97
N ASN C 340 -18.12 -31.53 -34.04
CA ASN C 340 -19.48 -31.00 -33.93
C ASN C 340 -19.51 -29.76 -33.05
N SER C 341 -18.52 -28.89 -33.24
CA SER C 341 -18.39 -27.72 -32.38
C SER C 341 -19.40 -26.62 -32.72
N LEU C 342 -20.29 -26.30 -31.78
CA LEU C 342 -21.24 -25.21 -32.00
C LEU C 342 -20.69 -23.90 -31.41
N MET C 343 -21.01 -22.74 -31.97
CA MET C 343 -20.46 -21.49 -31.42
C MET C 343 -21.53 -20.59 -30.83
N ILE C 344 -21.17 -19.76 -29.85
CA ILE C 344 -22.18 -18.87 -29.29
C ILE C 344 -21.68 -17.44 -29.08
N THR C 345 -22.60 -16.51 -28.85
CA THR C 345 -22.23 -15.12 -28.62
C THR C 345 -23.07 -14.60 -27.46
N LEU C 346 -22.60 -13.57 -26.75
CA LEU C 346 -23.36 -13.10 -25.59
C LEU C 346 -23.30 -11.58 -25.21
N SER C 347 -23.07 -10.65 -26.15
CA SER C 347 -23.07 -9.20 -25.76
C SER C 347 -24.32 -8.55 -26.32
N GLN C 348 -24.90 -7.64 -25.53
CA GLN C 348 -26.00 -6.81 -25.99
C GLN C 348 -25.46 -5.75 -26.93
N SER C 349 -25.08 -6.18 -28.11
CA SER C 349 -24.54 -5.28 -29.11
C SER C 349 -24.11 -6.11 -30.31
N GLY C 350 -23.85 -7.39 -30.07
CA GLY C 350 -23.58 -8.29 -31.17
C GLY C 350 -22.46 -7.79 -32.06
N GLU C 351 -21.61 -6.92 -31.52
CA GLU C 351 -20.48 -6.41 -32.30
C GLU C 351 -19.15 -6.32 -31.54
N THR C 352 -19.14 -6.60 -30.25
CA THR C 352 -17.92 -6.45 -29.48
C THR C 352 -16.72 -6.85 -30.32
N ALA C 353 -15.78 -5.92 -30.44
CA ALA C 353 -14.69 -6.06 -31.38
C ALA C 353 -14.11 -7.46 -31.32
N ASP C 354 -13.59 -7.85 -30.17
CA ASP C 354 -12.90 -9.13 -30.07
C ASP C 354 -13.84 -10.35 -30.27
N THR C 355 -15.02 -10.35 -29.67
CA THR C 355 -15.95 -11.48 -29.80
C THR C 355 -16.20 -11.73 -31.27
N LEU C 356 -16.43 -10.65 -31.99
CA LEU C 356 -16.66 -10.69 -33.41
C LEU C 356 -15.49 -11.43 -34.05
N ALA C 357 -14.28 -10.95 -33.79
CA ALA C 357 -13.10 -11.56 -34.38
C ALA C 357 -13.28 -13.04 -34.11
N GLY C 358 -13.70 -13.37 -32.91
CA GLY C 358 -13.88 -14.75 -32.56
C GLY C 358 -14.87 -15.33 -33.55
N LEU C 359 -16.10 -14.85 -33.48
CA LEU C 359 -17.18 -15.40 -34.29
C LEU C 359 -16.75 -15.41 -35.74
N ARG C 360 -16.02 -14.37 -36.14
CA ARG C 360 -15.54 -14.21 -37.52
C ARG C 360 -14.42 -15.18 -37.86
N LEU C 361 -13.93 -15.87 -36.84
CA LEU C 361 -12.78 -16.73 -36.98
C LEU C 361 -13.22 -18.18 -37.00
N SER C 362 -14.34 -18.46 -36.34
CA SER C 362 -14.95 -19.78 -36.30
C SER C 362 -15.05 -20.46 -37.68
N LYS C 363 -15.12 -19.63 -38.71
CA LYS C 363 -15.24 -20.06 -40.10
C LYS C 363 -13.90 -20.62 -40.56
N GLU C 364 -12.88 -19.76 -40.52
CA GLU C 364 -11.50 -20.10 -40.92
C GLU C 364 -11.14 -21.44 -40.29
N LEU C 365 -11.80 -21.78 -39.18
CA LEU C 365 -11.46 -22.96 -38.39
C LEU C 365 -12.27 -24.17 -38.84
N GLY C 366 -13.56 -23.96 -39.07
CA GLY C 366 -14.42 -25.05 -39.49
C GLY C 366 -15.27 -25.61 -38.37
N TYR C 367 -16.06 -24.73 -37.78
CA TYR C 367 -16.88 -25.13 -36.67
C TYR C 367 -17.98 -26.02 -37.21
N LEU C 368 -19.14 -25.40 -37.36
CA LEU C 368 -20.35 -26.05 -37.83
C LEU C 368 -21.50 -25.04 -37.68
N GLY C 369 -21.88 -24.73 -36.45
CA GLY C 369 -23.02 -23.86 -36.21
C GLY C 369 -22.51 -22.55 -35.64
N SER C 370 -23.42 -21.67 -35.25
CA SER C 370 -23.02 -20.39 -34.70
C SER C 370 -24.27 -19.61 -34.27
N LEU C 371 -25.01 -20.20 -33.34
CA LEU C 371 -26.15 -19.53 -32.78
C LEU C 371 -25.66 -18.30 -32.03
N ALA C 372 -26.45 -17.24 -32.05
CA ALA C 372 -26.05 -16.01 -31.39
C ALA C 372 -27.15 -15.49 -30.47
N ILE C 373 -26.84 -15.32 -29.19
CA ILE C 373 -27.83 -14.75 -28.27
C ILE C 373 -27.50 -13.28 -28.01
N CYS C 374 -28.25 -12.41 -28.68
CA CYS C 374 -28.02 -10.98 -28.60
C CYS C 374 -29.30 -10.25 -28.19
N ASN C 375 -29.15 -9.00 -27.72
CA ASN C 375 -30.30 -8.17 -27.36
C ASN C 375 -30.73 -7.40 -28.59
N VAL C 376 -30.04 -6.30 -28.87
CA VAL C 376 -30.43 -5.46 -30.00
C VAL C 376 -30.41 -6.25 -31.30
N PRO C 377 -31.48 -6.08 -32.07
CA PRO C 377 -31.66 -6.78 -33.34
C PRO C 377 -30.79 -6.20 -34.44
N GLY C 378 -30.33 -7.08 -35.32
CA GLY C 378 -29.45 -6.67 -36.40
C GLY C 378 -28.12 -6.25 -35.82
N SER C 379 -27.11 -7.11 -35.96
CA SER C 379 -25.80 -6.92 -35.33
C SER C 379 -24.73 -7.83 -36.01
N SER C 380 -23.54 -7.27 -36.25
CA SER C 380 -22.43 -7.98 -36.93
C SER C 380 -22.51 -9.49 -36.70
N LEU C 381 -22.70 -9.84 -35.42
CA LEU C 381 -22.81 -11.22 -34.97
C LEU C 381 -24.07 -11.77 -35.59
N VAL C 382 -25.21 -11.16 -35.24
CA VAL C 382 -26.50 -11.64 -35.71
C VAL C 382 -26.38 -11.83 -37.21
N ARG C 383 -25.43 -11.13 -37.79
CA ARG C 383 -25.19 -11.22 -39.21
C ARG C 383 -24.60 -12.58 -39.54
N GLU C 384 -23.28 -12.70 -39.40
CA GLU C 384 -22.56 -13.90 -39.84
C GLU C 384 -22.93 -15.14 -38.99
N SER C 385 -23.83 -14.95 -38.03
CA SER C 385 -24.23 -16.04 -37.16
C SER C 385 -25.25 -16.95 -37.84
N ASP C 386 -24.93 -18.23 -38.01
CA ASP C 386 -25.85 -19.18 -38.65
C ASP C 386 -27.19 -19.28 -37.90
N LEU C 387 -27.29 -18.59 -36.76
CA LEU C 387 -28.50 -18.64 -35.94
C LEU C 387 -28.61 -17.40 -35.07
N ALA C 388 -29.80 -17.12 -34.52
CA ALA C 388 -29.99 -15.89 -33.76
C ALA C 388 -31.22 -15.87 -32.86
N LEU C 389 -30.99 -15.81 -31.55
CA LEU C 389 -32.06 -15.73 -30.56
C LEU C 389 -32.02 -14.42 -29.79
N MET C 390 -32.67 -13.38 -30.31
CA MET C 390 -32.65 -12.11 -29.61
C MET C 390 -33.01 -12.33 -28.15
N THR C 391 -32.90 -11.27 -27.36
CA THR C 391 -33.18 -11.31 -25.92
C THR C 391 -34.44 -10.58 -25.55
N ASN C 392 -34.80 -9.57 -26.35
CA ASN C 392 -36.05 -8.82 -26.20
C ASN C 392 -36.10 -8.07 -24.89
N ALA C 393 -34.92 -7.75 -24.38
CA ALA C 393 -34.84 -7.03 -23.13
C ALA C 393 -35.20 -5.60 -23.40
N GLY C 394 -34.51 -5.05 -24.38
CA GLY C 394 -34.64 -3.65 -24.70
C GLY C 394 -33.23 -3.15 -24.83
N THR C 395 -33.05 -1.86 -25.10
CA THR C 395 -31.71 -1.29 -25.23
C THR C 395 -31.19 -0.93 -23.84
N GLU C 396 -29.90 -1.16 -23.64
CA GLU C 396 -29.24 -0.83 -22.39
C GLU C 396 -28.59 0.51 -22.47
N ILE C 397 -28.91 1.40 -21.53
CA ILE C 397 -28.25 2.70 -21.47
C ILE C 397 -27.06 2.57 -20.56
N GLY C 398 -27.34 2.10 -19.35
CA GLY C 398 -26.31 1.85 -18.36
C GLY C 398 -25.06 1.26 -19.01
N VAL C 399 -23.92 1.54 -18.41
CA VAL C 399 -22.66 1.00 -18.90
C VAL C 399 -22.51 -0.38 -18.28
N ALA C 400 -23.03 -0.51 -17.06
CA ALA C 400 -23.07 -1.74 -16.26
C ALA C 400 -24.15 -2.78 -16.66
N SER C 401 -23.85 -3.71 -17.56
CA SER C 401 -24.91 -4.62 -18.06
C SER C 401 -25.70 -5.13 -16.86
N THR C 402 -27.01 -5.26 -17.08
CA THR C 402 -27.92 -5.81 -16.10
C THR C 402 -28.95 -6.68 -16.82
N LYS C 403 -30.10 -6.07 -17.12
CA LYS C 403 -31.18 -6.77 -17.81
C LYS C 403 -30.65 -7.57 -19.01
N ALA C 404 -29.57 -7.12 -19.65
CA ALA C 404 -29.07 -7.85 -20.82
C ALA C 404 -28.46 -9.17 -20.42
N PHE C 405 -28.03 -9.28 -19.17
CA PHE C 405 -27.34 -10.49 -18.70
C PHE C 405 -28.41 -11.54 -18.38
N THR C 406 -29.28 -11.20 -17.43
CA THR C 406 -30.39 -12.05 -17.04
C THR C 406 -30.97 -12.78 -18.27
N THR C 407 -31.49 -12.01 -19.20
CA THR C 407 -31.98 -12.54 -20.47
C THR C 407 -31.05 -13.56 -21.12
N GLN C 408 -29.77 -13.26 -21.17
CA GLN C 408 -28.83 -14.20 -21.77
C GLN C 408 -29.03 -15.57 -21.13
N LEU C 409 -28.65 -15.68 -19.86
CA LEU C 409 -28.91 -16.89 -19.08
C LEU C 409 -30.29 -17.42 -19.48
N THR C 410 -31.32 -16.61 -19.22
CA THR C 410 -32.71 -16.98 -19.49
C THR C 410 -32.81 -17.69 -20.82
N VAL C 411 -32.07 -17.19 -21.80
CA VAL C 411 -32.07 -17.78 -23.12
C VAL C 411 -31.15 -18.99 -23.09
N LEU C 412 -29.98 -18.82 -22.51
CA LEU C 412 -29.01 -19.90 -22.48
C LEU C 412 -29.74 -21.11 -21.96
N LEU C 413 -30.56 -20.88 -20.94
CA LEU C 413 -31.37 -21.95 -20.35
C LEU C 413 -32.28 -22.55 -21.43
N MET C 414 -33.08 -21.70 -22.08
CA MET C 414 -33.98 -22.15 -23.13
C MET C 414 -33.26 -23.09 -24.09
N LEU C 415 -32.19 -22.61 -24.72
CA LEU C 415 -31.40 -23.47 -25.59
C LEU C 415 -31.06 -24.76 -24.85
N VAL C 416 -30.83 -24.64 -23.54
CA VAL C 416 -30.55 -25.80 -22.73
C VAL C 416 -31.77 -26.68 -22.79
N ALA C 417 -32.84 -26.22 -22.16
CA ALA C 417 -34.08 -26.93 -22.19
C ALA C 417 -34.48 -27.48 -23.54
N LYS C 418 -34.18 -26.76 -24.61
CA LYS C 418 -34.56 -27.23 -25.93
C LYS C 418 -33.54 -28.25 -26.40
N LEU C 419 -32.32 -28.15 -25.93
CA LEU C 419 -31.35 -29.09 -26.41
C LEU C 419 -31.61 -30.44 -25.77
N SER C 420 -32.14 -30.36 -24.55
CA SER C 420 -32.47 -31.52 -23.77
C SER C 420 -33.36 -32.39 -24.65
N LYS C 421 -34.55 -31.88 -24.93
CA LYS C 421 -35.55 -32.58 -25.73
C LYS C 421 -35.00 -32.87 -27.15
N LEU C 422 -34.25 -31.91 -27.71
CA LEU C 422 -33.75 -31.99 -29.08
C LEU C 422 -32.67 -33.05 -29.22
N LYS C 423 -31.80 -33.10 -28.22
CA LYS C 423 -30.68 -34.03 -28.25
C LYS C 423 -31.25 -35.44 -28.41
N GLY C 424 -32.24 -35.76 -27.58
CA GLY C 424 -32.89 -37.05 -27.56
C GLY C 424 -32.95 -37.56 -26.12
N LEU C 425 -33.13 -36.64 -25.17
CA LEU C 425 -33.05 -37.02 -23.77
C LEU C 425 -34.44 -37.25 -23.19
N ASP C 426 -34.48 -37.35 -21.88
CA ASP C 426 -35.70 -37.44 -21.12
C ASP C 426 -36.36 -36.06 -20.98
N ALA C 427 -37.67 -35.97 -21.19
CA ALA C 427 -38.35 -34.67 -21.17
C ALA C 427 -38.71 -34.23 -19.74
N SER C 428 -38.59 -35.14 -18.79
CA SER C 428 -38.75 -34.78 -17.39
C SER C 428 -38.00 -33.48 -17.07
N ILE C 429 -36.80 -33.34 -17.61
CA ILE C 429 -36.01 -32.11 -17.44
C ILE C 429 -36.81 -30.88 -17.88
N GLU C 430 -36.86 -30.70 -19.20
CA GLU C 430 -37.49 -29.53 -19.81
C GLU C 430 -38.70 -29.06 -18.96
N HIS C 431 -39.54 -29.98 -18.47
CA HIS C 431 -40.68 -29.60 -17.64
C HIS C 431 -40.19 -28.73 -16.49
N ASP C 432 -39.51 -29.35 -15.52
CA ASP C 432 -39.00 -28.63 -14.36
C ASP C 432 -38.34 -27.29 -14.72
N ILE C 433 -37.53 -27.28 -15.78
CA ILE C 433 -36.89 -26.06 -16.25
C ILE C 433 -37.95 -24.98 -16.40
N VAL C 434 -38.74 -25.18 -17.44
CA VAL C 434 -39.80 -24.24 -17.77
C VAL C 434 -40.71 -24.06 -16.56
N HIS C 435 -40.90 -25.11 -15.78
CA HIS C 435 -41.72 -24.96 -14.59
C HIS C 435 -41.01 -23.96 -13.68
N GLY C 436 -39.84 -23.52 -14.13
CA GLY C 436 -39.00 -22.61 -13.38
C GLY C 436 -38.83 -21.28 -14.09
N LEU C 437 -38.54 -21.33 -15.39
CA LEU C 437 -38.51 -20.10 -16.19
C LEU C 437 -39.80 -19.33 -16.01
N GLN C 438 -40.91 -20.04 -16.16
CA GLN C 438 -42.26 -19.50 -16.06
C GLN C 438 -42.39 -18.82 -14.71
N ALA C 439 -41.52 -19.19 -13.78
CA ALA C 439 -41.61 -18.61 -12.46
C ALA C 439 -40.62 -17.49 -12.35
N LEU C 440 -39.70 -17.48 -13.28
CA LEU C 440 -38.59 -16.57 -13.22
C LEU C 440 -39.02 -15.18 -12.70
N PRO C 441 -39.76 -14.44 -13.53
CA PRO C 441 -40.17 -13.07 -13.22
C PRO C 441 -40.88 -12.87 -11.89
N SER C 442 -41.58 -13.89 -11.40
CA SER C 442 -42.30 -13.73 -10.14
C SER C 442 -41.37 -13.27 -9.03
N ARG C 443 -40.55 -14.19 -8.55
CA ARG C 443 -39.67 -13.96 -7.40
C ARG C 443 -38.82 -12.72 -7.59
N ILE C 444 -38.11 -12.63 -8.72
CA ILE C 444 -37.33 -11.44 -9.04
C ILE C 444 -38.14 -10.22 -8.67
N GLU C 445 -39.35 -10.16 -9.20
CA GLU C 445 -40.24 -9.05 -8.91
C GLU C 445 -40.39 -9.02 -7.40
N GLN C 446 -40.58 -10.20 -6.82
CA GLN C 446 -40.83 -10.27 -5.40
C GLN C 446 -39.59 -9.88 -4.59
N MET C 447 -38.41 -9.98 -5.21
CA MET C 447 -37.15 -9.68 -4.51
C MET C 447 -36.85 -8.19 -4.62
N LEU C 448 -36.74 -7.73 -5.85
CA LEU C 448 -36.42 -6.33 -6.11
C LEU C 448 -37.13 -5.47 -5.09
N SER C 449 -38.22 -6.01 -4.54
CA SER C 449 -39.07 -5.24 -3.62
C SER C 449 -38.42 -5.08 -2.24
N GLN C 450 -37.92 -6.16 -1.65
CA GLN C 450 -37.34 -6.05 -0.31
C GLN C 450 -35.86 -5.60 -0.31
N ASP C 451 -35.66 -4.29 -0.39
CA ASP C 451 -34.31 -3.72 -0.41
C ASP C 451 -34.01 -2.87 0.83
N LYS C 452 -34.61 -3.22 1.97
CA LYS C 452 -34.29 -2.53 3.22
C LYS C 452 -33.16 -3.30 3.88
N ARG C 453 -32.59 -4.21 3.12
CA ARG C 453 -31.51 -5.04 3.61
C ARG C 453 -30.34 -4.90 2.67
N ILE C 454 -30.60 -4.53 1.42
CA ILE C 454 -29.54 -4.29 0.46
C ILE C 454 -29.21 -2.80 0.42
N GLU C 455 -30.22 -1.97 0.63
CA GLU C 455 -29.99 -0.53 0.62
C GLU C 455 -29.21 -0.26 1.88
N ALA C 456 -29.63 -0.93 2.95
CA ALA C 456 -29.02 -0.70 4.26
C ALA C 456 -27.73 -1.49 4.41
N LEU C 457 -27.45 -2.37 3.44
CA LEU C 457 -26.20 -3.11 3.48
C LEU C 457 -25.10 -2.20 2.97
N ALA C 458 -25.37 -1.56 1.83
CA ALA C 458 -24.36 -0.71 1.22
C ALA C 458 -23.93 0.37 2.19
N GLU C 459 -24.63 0.49 3.32
CA GLU C 459 -24.23 1.43 4.38
C GLU C 459 -22.77 1.14 4.76
N ASP C 460 -22.57 0.07 5.51
CA ASP C 460 -21.24 -0.26 5.97
C ASP C 460 -20.60 -0.95 4.82
N PHE C 461 -19.99 -0.14 3.98
CA PHE C 461 -19.33 -0.61 2.79
C PHE C 461 -18.74 0.66 2.22
N SER C 462 -18.97 1.77 2.91
CA SER C 462 -18.46 3.06 2.46
C SER C 462 -16.94 3.03 2.33
N ASP C 463 -16.30 2.89 3.49
CA ASP C 463 -14.84 2.86 3.66
C ASP C 463 -14.16 1.68 2.99
N LYS C 464 -14.78 0.50 2.98
CA LYS C 464 -14.12 -0.62 2.32
C LYS C 464 -13.67 -0.22 0.91
N HIS C 465 -12.57 -0.83 0.50
CA HIS C 465 -12.00 -0.67 -0.82
C HIS C 465 -11.68 -2.03 -1.42
N HIS C 466 -11.80 -3.10 -0.62
CA HIS C 466 -11.70 -4.46 -1.17
C HIS C 466 -13.02 -5.15 -1.00
N ALA C 467 -13.20 -6.22 -1.76
CA ALA C 467 -14.36 -7.05 -1.62
C ALA C 467 -14.15 -8.36 -2.35
N LEU C 468 -14.59 -9.41 -1.68
CA LEU C 468 -14.37 -10.76 -2.14
C LEU C 468 -15.75 -11.42 -2.26
N PHE C 469 -16.00 -12.03 -3.41
CA PHE C 469 -17.27 -12.69 -3.65
C PHE C 469 -16.94 -14.17 -3.84
N LEU C 470 -17.66 -15.05 -3.15
CA LEU C 470 -17.47 -16.49 -3.34
C LEU C 470 -18.78 -17.12 -3.79
N GLY C 471 -18.67 -18.21 -4.54
CA GLY C 471 -19.84 -19.01 -4.87
C GLY C 471 -19.31 -20.36 -5.31
N ARG C 472 -20.14 -21.38 -5.29
CA ARG C 472 -19.72 -22.67 -5.80
C ARG C 472 -20.78 -23.18 -6.76
N GLY C 473 -20.41 -24.09 -7.65
CA GLY C 473 -21.40 -24.68 -8.52
C GLY C 473 -21.81 -23.78 -9.68
N ASP C 474 -23.13 -23.63 -9.90
CA ASP C 474 -23.59 -22.71 -10.93
C ASP C 474 -23.58 -21.34 -10.32
N GLN C 475 -23.13 -21.24 -9.09
CA GLN C 475 -23.01 -19.95 -8.45
C GLN C 475 -21.63 -19.29 -8.57
N TYR C 476 -20.66 -20.02 -9.12
CA TYR C 476 -19.30 -19.50 -9.22
C TYR C 476 -19.41 -18.30 -10.16
N PRO C 477 -19.78 -18.58 -11.40
CA PRO C 477 -19.93 -17.55 -12.42
C PRO C 477 -20.84 -16.43 -11.95
N ILE C 478 -21.73 -16.74 -11.03
CA ILE C 478 -22.56 -15.70 -10.50
C ILE C 478 -21.72 -14.94 -9.50
N ALA C 479 -20.86 -15.70 -8.85
CA ALA C 479 -19.96 -15.17 -7.85
C ALA C 479 -19.08 -14.10 -8.49
N LEU C 480 -18.87 -14.22 -9.79
CA LEU C 480 -18.05 -13.26 -10.56
C LEU C 480 -18.79 -11.97 -10.85
N GLU C 481 -19.88 -12.10 -11.60
CA GLU C 481 -20.68 -10.96 -11.95
C GLU C 481 -20.86 -9.99 -10.78
N GLY C 482 -21.12 -10.50 -9.58
CA GLY C 482 -21.31 -9.62 -8.45
C GLY C 482 -20.06 -8.81 -8.13
N ALA C 483 -18.91 -9.39 -8.46
CA ALA C 483 -17.61 -8.77 -8.26
C ALA C 483 -17.36 -7.67 -9.28
N LEU C 484 -17.68 -8.01 -10.53
CA LEU C 484 -17.73 -7.08 -11.64
C LEU C 484 -18.81 -5.98 -11.53
N LYS C 485 -20.08 -6.28 -11.20
CA LYS C 485 -21.01 -5.17 -10.96
C LYS C 485 -20.56 -4.35 -9.74
N LEU C 486 -19.66 -4.88 -8.91
CA LEU C 486 -19.28 -4.10 -7.73
C LEU C 486 -17.96 -3.32 -7.94
N LYS C 487 -17.43 -3.37 -9.17
CA LYS C 487 -16.25 -2.60 -9.56
C LYS C 487 -16.65 -1.52 -10.59
N GLU C 488 -16.97 -1.96 -11.81
CA GLU C 488 -17.39 -1.08 -12.89
C GLU C 488 -18.35 0.00 -12.42
N ILE C 489 -18.71 0.03 -11.15
CA ILE C 489 -19.57 1.12 -10.69
C ILE C 489 -19.20 1.54 -9.28
N SER C 490 -18.49 0.68 -8.56
CA SER C 490 -18.16 0.91 -7.16
C SER C 490 -16.73 1.38 -7.02
N TYR C 491 -15.87 0.88 -7.91
CA TYR C 491 -14.44 1.12 -7.81
C TYR C 491 -13.85 0.47 -6.55
N ILE C 492 -14.67 -0.23 -5.80
CA ILE C 492 -14.16 -1.02 -4.70
C ILE C 492 -13.47 -2.22 -5.33
N HIS C 493 -12.25 -2.52 -4.89
CA HIS C 493 -11.54 -3.65 -5.47
C HIS C 493 -12.26 -4.95 -5.06
N ALA C 494 -13.01 -5.51 -6.01
CA ALA C 494 -13.79 -6.73 -5.78
C ALA C 494 -13.26 -7.85 -6.63
N GLU C 495 -13.08 -8.99 -6.00
CA GLU C 495 -12.50 -10.13 -6.68
C GLU C 495 -13.39 -11.34 -6.54
N ALA C 496 -13.62 -12.03 -7.64
CA ALA C 496 -14.46 -13.21 -7.59
C ALA C 496 -13.65 -14.46 -7.34
N TYR C 497 -14.04 -15.22 -6.34
CA TYR C 497 -13.26 -16.37 -6.01
C TYR C 497 -14.19 -17.57 -5.82
N ALA C 498 -13.96 -18.66 -6.55
CA ALA C 498 -14.72 -19.90 -6.37
C ALA C 498 -14.48 -20.53 -4.98
N ALA C 499 -15.50 -20.44 -4.12
CA ALA C 499 -15.43 -20.97 -2.76
C ALA C 499 -14.15 -21.71 -2.37
N GLY C 500 -13.95 -22.85 -3.01
CA GLY C 500 -12.98 -23.83 -2.55
C GLY C 500 -11.54 -23.57 -2.91
N GLU C 501 -11.24 -22.37 -3.34
CA GLU C 501 -9.89 -22.08 -3.76
C GLU C 501 -9.13 -21.34 -2.67
N LEU C 502 -9.88 -20.76 -1.75
CA LEU C 502 -9.28 -19.87 -0.75
C LEU C 502 -8.06 -20.57 -0.12
N LYS C 503 -8.30 -21.73 0.50
CA LYS C 503 -7.30 -22.36 1.38
C LYS C 503 -6.04 -22.49 0.59
N HIS C 504 -6.19 -22.54 -0.72
CA HIS C 504 -5.02 -22.67 -1.55
C HIS C 504 -4.28 -21.34 -1.74
N GLY C 505 -4.46 -20.39 -0.83
CA GLY C 505 -3.66 -19.17 -0.84
C GLY C 505 -4.43 -17.91 -0.51
N PRO C 506 -5.26 -17.54 -1.47
CA PRO C 506 -6.03 -16.30 -1.43
C PRO C 506 -6.67 -16.06 -0.07
N LEU C 507 -7.03 -17.12 0.64
CA LEU C 507 -7.73 -16.95 1.89
C LEU C 507 -6.84 -16.21 2.83
N ALA C 508 -5.94 -15.48 2.24
CA ALA C 508 -4.84 -14.98 2.98
C ALA C 508 -5.10 -13.48 2.92
N LEU C 509 -6.01 -13.11 2.02
CA LEU C 509 -6.36 -11.70 1.83
C LEU C 509 -7.11 -11.26 3.08
N ILE C 510 -7.59 -12.23 3.86
CA ILE C 510 -8.58 -11.94 4.88
C ILE C 510 -8.08 -11.26 6.13
N ASP C 511 -8.17 -9.94 6.14
CA ASP C 511 -7.78 -9.23 7.31
C ASP C 511 -8.99 -8.97 8.16
N ALA C 512 -8.86 -7.93 8.97
CA ALA C 512 -9.84 -7.52 9.95
C ALA C 512 -11.04 -6.89 9.27
N ASP C 513 -10.74 -6.17 8.20
CA ASP C 513 -11.74 -5.39 7.50
C ASP C 513 -11.80 -5.81 6.06
N MET C 514 -12.31 -7.00 5.85
CA MET C 514 -12.48 -7.52 4.52
C MET C 514 -13.87 -8.07 4.31
N PRO C 515 -14.62 -7.35 3.50
CA PRO C 515 -16.00 -7.70 3.18
C PRO C 515 -16.06 -8.79 2.12
N VAL C 516 -16.56 -9.95 2.52
CA VAL C 516 -16.67 -11.10 1.65
C VAL C 516 -18.15 -11.32 1.37
N ILE C 517 -18.59 -11.08 0.14
CA ILE C 517 -19.98 -11.32 -0.23
C ILE C 517 -20.18 -12.73 -0.76
N VAL C 518 -21.12 -13.45 -0.14
CA VAL C 518 -21.43 -14.82 -0.52
C VAL C 518 -22.85 -15.01 -0.98
N VAL C 519 -23.01 -15.78 -2.04
CA VAL C 519 -24.31 -16.27 -2.39
C VAL C 519 -24.46 -17.73 -2.01
N ALA C 520 -25.60 -18.07 -1.43
CA ALA C 520 -25.91 -19.42 -1.01
C ALA C 520 -27.38 -19.74 -1.20
N PRO C 521 -27.66 -20.52 -2.23
CA PRO C 521 -28.94 -21.17 -2.41
C PRO C 521 -29.03 -22.45 -1.58
N ASN C 522 -30.17 -23.15 -1.62
CA ASN C 522 -30.42 -24.43 -0.93
C ASN C 522 -29.92 -25.63 -1.73
N ASN C 523 -28.99 -25.39 -2.67
CA ASN C 523 -28.38 -26.47 -3.45
C ASN C 523 -27.81 -27.56 -2.54
N GLU C 524 -27.21 -28.57 -3.13
CA GLU C 524 -26.58 -29.60 -2.30
C GLU C 524 -25.13 -29.23 -1.96
N LEU C 525 -24.66 -28.07 -2.41
CA LEU C 525 -23.31 -27.61 -2.08
C LEU C 525 -23.35 -26.88 -0.74
N LEU C 526 -24.55 -26.48 -0.37
CA LEU C 526 -24.74 -25.64 0.78
C LEU C 526 -23.84 -26.12 1.90
N GLU C 527 -24.18 -27.24 2.52
CA GLU C 527 -23.40 -27.63 3.69
C GLU C 527 -21.91 -27.46 3.38
N LYS C 528 -21.49 -27.64 2.13
CA LYS C 528 -20.07 -27.40 1.78
C LYS C 528 -19.71 -25.91 1.90
N LEU C 529 -20.28 -25.12 1.01
CA LEU C 529 -20.11 -23.68 1.02
C LEU C 529 -20.12 -23.09 2.42
N LYS C 530 -20.94 -23.65 3.30
CA LYS C 530 -20.98 -23.16 4.67
C LYS C 530 -19.58 -23.19 5.27
N SER C 531 -18.83 -24.25 4.98
CA SER C 531 -17.49 -24.40 5.53
C SER C 531 -16.61 -23.26 5.10
N ASN C 532 -16.69 -22.88 3.82
CA ASN C 532 -15.78 -21.86 3.30
C ASN C 532 -16.15 -20.66 4.13
N ILE C 533 -17.44 -20.42 4.18
CA ILE C 533 -17.92 -19.26 4.88
C ILE C 533 -17.27 -19.29 6.28
N GLU C 534 -17.52 -20.33 7.05
CA GLU C 534 -16.91 -20.44 8.36
C GLU C 534 -15.37 -20.38 8.32
N GLU C 535 -14.72 -20.82 7.26
CA GLU C 535 -13.28 -20.53 7.18
C GLU C 535 -12.96 -19.05 7.15
N VAL C 536 -13.48 -18.33 6.16
CA VAL C 536 -13.18 -16.91 6.07
C VAL C 536 -13.52 -16.31 7.42
N ARG C 537 -14.62 -16.79 7.97
CA ARG C 537 -15.13 -16.21 9.19
C ARG C 537 -14.02 -16.43 10.21
N ALA C 538 -13.58 -17.67 10.35
CA ALA C 538 -12.55 -17.98 11.34
C ALA C 538 -11.34 -17.02 11.29
N ARG C 539 -11.00 -16.49 10.12
CA ARG C 539 -9.91 -15.53 10.04
C ARG C 539 -10.37 -14.07 10.09
N GLY C 540 -11.54 -13.78 10.66
CA GLY C 540 -12.04 -12.41 10.62
C GLY C 540 -13.03 -12.11 9.50
N GLY C 541 -12.56 -11.45 8.43
CA GLY C 541 -13.37 -11.13 7.27
C GLY C 541 -14.85 -10.94 7.53
N GLN C 542 -15.34 -9.71 7.39
CA GLN C 542 -16.75 -9.44 7.60
C GLN C 542 -17.55 -10.09 6.45
N LEU C 543 -18.55 -10.88 6.82
CA LEU C 543 -19.30 -11.66 5.84
C LEU C 543 -20.69 -11.15 5.54
N TYR C 544 -21.06 -11.18 4.26
CA TYR C 544 -22.37 -10.77 3.85
C TYR C 544 -22.91 -11.89 2.97
N VAL C 545 -23.58 -12.84 3.61
CA VAL C 545 -24.12 -14.00 2.92
C VAL C 545 -25.54 -13.77 2.42
N PHE C 546 -25.83 -14.36 1.26
CA PHE C 546 -27.13 -14.32 0.61
C PHE C 546 -27.83 -15.70 0.64
N ALA C 547 -28.27 -16.08 1.83
CA ALA C 547 -28.77 -17.42 2.10
C ALA C 547 -30.21 -17.63 1.63
N ASP C 548 -30.45 -18.76 0.96
CA ASP C 548 -31.79 -19.15 0.53
C ASP C 548 -32.75 -19.33 1.70
N GLN C 549 -33.14 -18.21 2.27
CA GLN C 549 -34.19 -18.17 3.28
C GLN C 549 -33.97 -19.15 4.39
N ASP C 550 -34.37 -20.40 4.14
CA ASP C 550 -34.17 -21.44 5.11
C ASP C 550 -32.63 -21.63 5.25
N ALA C 551 -32.08 -22.70 4.69
CA ALA C 551 -30.63 -22.96 4.75
C ALA C 551 -30.15 -23.28 6.17
N GLY C 552 -29.83 -22.25 6.93
CA GLY C 552 -29.49 -22.45 8.32
C GLY C 552 -28.79 -21.24 8.90
N PHE C 553 -28.20 -20.47 8.03
CA PHE C 553 -27.34 -19.36 8.43
C PHE C 553 -27.92 -18.59 9.58
N VAL C 554 -27.07 -17.95 10.35
CA VAL C 554 -27.56 -17.20 11.48
C VAL C 554 -26.81 -15.90 11.53
N SER C 555 -27.55 -14.81 11.41
CA SER C 555 -26.91 -13.52 11.49
C SER C 555 -26.21 -13.39 12.85
N SER C 556 -25.06 -12.72 12.86
CA SER C 556 -24.28 -12.42 14.06
C SER C 556 -23.60 -11.05 13.82
N ASP C 557 -22.65 -10.67 14.66
CA ASP C 557 -22.05 -9.32 14.57
C ASP C 557 -21.15 -9.16 13.32
N ASN C 558 -20.28 -10.14 13.08
CA ASN C 558 -19.33 -10.06 11.99
C ASN C 558 -19.88 -10.67 10.71
N MET C 559 -20.98 -11.41 10.84
CA MET C 559 -21.53 -12.05 9.67
C MET C 559 -22.99 -11.66 9.43
N HIS C 560 -23.18 -10.89 8.36
CA HIS C 560 -24.47 -10.32 8.03
C HIS C 560 -25.25 -11.20 7.02
N ILE C 561 -26.29 -11.87 7.52
CA ILE C 561 -27.13 -12.72 6.67
C ILE C 561 -28.32 -11.99 6.05
N ILE C 562 -28.46 -12.15 4.74
CA ILE C 562 -29.59 -11.63 4.00
C ILE C 562 -30.45 -12.77 3.45
N GLU C 563 -31.57 -13.02 4.12
CA GLU C 563 -32.44 -14.12 3.72
C GLU C 563 -33.06 -13.80 2.34
N MET C 564 -32.86 -14.70 1.38
CA MET C 564 -33.48 -14.59 0.05
C MET C 564 -34.77 -15.41 0.02
N PRO C 565 -35.52 -15.32 -1.07
CA PRO C 565 -36.75 -16.08 -1.26
C PRO C 565 -36.56 -17.40 -1.96
N HIS C 566 -37.08 -18.46 -1.40
CA HIS C 566 -36.93 -19.75 -2.05
C HIS C 566 -37.03 -19.52 -3.58
N VAL C 567 -36.48 -20.42 -4.38
CA VAL C 567 -36.59 -20.28 -5.83
C VAL C 567 -36.18 -21.54 -6.55
N GLU C 568 -36.87 -21.85 -7.64
CA GLU C 568 -36.54 -23.05 -8.42
C GLU C 568 -35.04 -23.14 -8.61
N GLU C 569 -34.47 -24.13 -7.94
CA GLU C 569 -33.06 -24.44 -8.01
C GLU C 569 -32.51 -24.43 -9.43
N VAL C 570 -33.32 -24.71 -10.44
CA VAL C 570 -32.73 -24.70 -11.77
C VAL C 570 -32.19 -23.31 -11.97
N ILE C 571 -33.11 -22.35 -11.96
CA ILE C 571 -32.78 -20.95 -12.25
C ILE C 571 -32.40 -20.13 -11.02
N ALA C 572 -31.76 -20.73 -10.01
CA ALA C 572 -31.30 -19.94 -8.85
C ALA C 572 -30.22 -18.89 -9.16
N PRO C 573 -29.34 -19.18 -10.11
CA PRO C 573 -28.40 -18.18 -10.60
C PRO C 573 -29.12 -16.91 -11.04
N ILE C 574 -29.87 -17.01 -12.12
CA ILE C 574 -30.57 -15.84 -12.63
C ILE C 574 -31.16 -15.07 -11.45
N PHE C 575 -31.57 -15.79 -10.42
CA PHE C 575 -32.26 -15.17 -9.32
C PHE C 575 -31.29 -14.38 -8.44
N TYR C 576 -30.07 -14.87 -8.29
CA TYR C 576 -29.11 -14.25 -7.37
C TYR C 576 -28.33 -13.13 -8.07
N THR C 577 -28.12 -13.27 -9.37
CA THR C 577 -27.39 -12.26 -10.11
C THR C 577 -27.93 -10.92 -9.68
N VAL C 578 -29.21 -10.93 -9.34
CA VAL C 578 -29.96 -9.72 -8.98
C VAL C 578 -29.42 -8.97 -7.76
N PRO C 579 -29.61 -9.54 -6.59
CA PRO C 579 -29.34 -8.84 -5.32
C PRO C 579 -27.94 -8.27 -5.26
N LEU C 580 -27.02 -8.90 -5.97
CA LEU C 580 -25.69 -8.36 -6.04
C LEU C 580 -25.86 -7.05 -6.79
N GLN C 581 -26.29 -7.19 -8.05
CA GLN C 581 -26.62 -6.09 -8.94
C GLN C 581 -27.20 -4.97 -8.12
N LEU C 582 -28.06 -5.32 -7.17
CA LEU C 582 -28.66 -4.30 -6.32
C LEU C 582 -27.61 -3.74 -5.39
N LEU C 583 -27.04 -4.60 -4.54
CA LEU C 583 -26.02 -4.16 -3.60
C LEU C 583 -24.85 -3.45 -4.32
N ALA C 584 -24.51 -3.89 -5.53
CA ALA C 584 -23.50 -3.17 -6.31
C ALA C 584 -24.01 -1.77 -6.59
N TYR C 585 -25.31 -1.64 -6.86
CA TYR C 585 -25.90 -0.38 -7.23
C TYR C 585 -25.98 0.59 -6.05
N HIS C 586 -26.43 0.13 -4.90
CA HIS C 586 -26.46 1.00 -3.74
C HIS C 586 -25.06 1.39 -3.27
N VAL C 587 -24.14 0.45 -3.34
CA VAL C 587 -22.77 0.73 -2.93
C VAL C 587 -22.27 1.95 -3.69
N ALA C 588 -22.24 1.84 -5.01
CA ALA C 588 -21.75 2.92 -5.84
C ALA C 588 -22.47 4.25 -5.56
N LEU C 589 -23.64 4.21 -4.90
CA LEU C 589 -24.44 5.43 -4.63
C LEU C 589 -24.09 6.04 -3.29
N ILE C 590 -23.69 5.18 -2.36
CA ILE C 590 -23.26 5.60 -1.05
C ILE C 590 -21.79 5.95 -1.19
N LYS C 591 -21.19 5.42 -2.24
CA LYS C 591 -19.78 5.68 -2.51
C LYS C 591 -19.61 6.95 -3.36
N GLY C 592 -20.69 7.45 -3.95
CA GLY C 592 -20.63 8.67 -4.74
C GLY C 592 -19.83 8.47 -6.02
N THR C 593 -20.48 7.91 -7.04
CA THR C 593 -19.84 7.63 -8.34
C THR C 593 -20.90 7.58 -9.47
N ASP C 594 -20.54 8.09 -10.64
CA ASP C 594 -21.45 8.05 -11.79
C ASP C 594 -21.74 6.58 -12.10
N VAL C 595 -22.87 6.10 -11.59
CA VAL C 595 -23.33 4.76 -11.86
C VAL C 595 -23.36 4.56 -13.38
N ASP C 596 -24.46 4.95 -14.02
CA ASP C 596 -24.63 4.71 -15.47
C ASP C 596 -23.35 4.95 -16.30
N GLN C 597 -22.73 6.11 -16.13
CA GLN C 597 -21.51 6.50 -16.85
C GLN C 597 -20.33 6.49 -15.86
N PRO C 598 -19.74 5.31 -15.65
CA PRO C 598 -18.63 5.13 -14.71
C PRO C 598 -17.39 5.86 -15.18
N ARG C 599 -16.18 5.37 -14.88
CA ARG C 599 -14.96 6.06 -15.33
C ARG C 599 -14.04 5.23 -16.24
N ASN C 600 -13.04 5.88 -16.81
CA ASN C 600 -12.09 5.19 -17.68
C ASN C 600 -12.75 4.18 -18.60
N LEU C 601 -14.03 4.35 -18.88
CA LEU C 601 -14.73 3.42 -19.76
C LEU C 601 -15.71 4.04 -20.78
N ALA C 602 -16.52 3.20 -21.39
CA ALA C 602 -17.56 3.66 -22.32
C ALA C 602 -18.86 2.88 -22.13
N LYS C 603 -19.22 2.05 -23.10
CA LYS C 603 -20.40 1.22 -22.99
C LYS C 603 -20.21 -0.18 -23.59
N SER C 604 -19.57 -0.25 -24.75
CA SER C 604 -19.29 -1.56 -25.36
C SER C 604 -18.04 -1.59 -26.23
N VAL C 605 -17.26 -2.68 -26.13
CA VAL C 605 -15.97 -2.74 -26.82
C VAL C 605 -16.15 -2.94 -28.32
N THR C 606 -16.34 -1.83 -29.01
CA THR C 606 -16.51 -1.85 -30.45
C THR C 606 -15.22 -2.09 -31.22
N VAL C 607 -14.12 -1.49 -30.75
CA VAL C 607 -12.80 -1.63 -31.36
C VAL C 607 -11.82 -2.18 -30.33
N GLU C 608 -11.22 -3.32 -30.65
CA GLU C 608 -10.26 -3.98 -29.78
C GLU C 608 -9.18 -3.00 -29.38
#